data_3N6T
# 
_entry.id   3N6T 
# 
_audit_conform.dict_name       mmcif_pdbx.dic 
_audit_conform.dict_version    5.380 
_audit_conform.dict_location   http://mmcif.pdb.org/dictionaries/ascii/mmcif_pdbx.dic 
# 
loop_
_database_2.database_id 
_database_2.database_code 
_database_2.pdbx_database_accession 
_database_2.pdbx_DOI 
PDB   3N6T         pdb_00003n6t 10.2210/pdb3n6t/pdb 
RCSB  RCSB059452   ?            ?                   
WWPDB D_1000059452 ?            ?                   
# 
loop_
_pdbx_database_related.db_name 
_pdbx_database_related.db_id 
_pdbx_database_related.details 
_pdbx_database_related.content_type 
PDB 3FXQ 'Crystal structure of the LysR-type transcriptional regulator TsaR'              unspecified 
PDB 3FXR 'Crystal structure of TsaR in complex with sulfate'                              unspecified 
PDB 3FXU 'Crystal structure of TsaR in complex with its effector p-toluenesulfonate'      unspecified 
PDB 3FZJ 'TsaR low resolution crystal structure, tetragonal form'                         unspecified 
PDB 3N6U 'Effector binding domain of TsaR in complex with its inducer p-toluenesulfonate' unspecified 
# 
_pdbx_database_status.status_code                     REL 
_pdbx_database_status.entry_id                        3N6T 
_pdbx_database_status.recvd_initial_deposition_date   2010-05-26 
_pdbx_database_status.deposit_site                    RCSB 
_pdbx_database_status.process_site                    PDBJ 
_pdbx_database_status.status_code_sf                  REL 
_pdbx_database_status.status_code_mr                  ? 
_pdbx_database_status.SG_entry                        ? 
_pdbx_database_status.status_code_cs                  ? 
_pdbx_database_status.pdb_format_compatible           Y 
_pdbx_database_status.status_code_nmr_data            ? 
_pdbx_database_status.methods_development_category    ? 
# 
loop_
_audit_author.name 
_audit_author.pdbx_ordinal 
'Monferrer, D.' 1 
'Uson, I.'      2 
# 
_citation.id                        primary 
_citation.title                     'Structural studies on the effector binding domain of TsaR' 
_citation.journal_abbrev            'To be Published' 
_citation.journal_volume            ? 
_citation.page_first                ? 
_citation.page_last                 ? 
_citation.year                      ? 
_citation.journal_id_ASTM           ? 
_citation.country                   ? 
_citation.journal_id_ISSN           ? 
_citation.journal_id_CSD            0353 
_citation.book_publisher            ? 
_citation.pdbx_database_id_PubMed   ? 
_citation.pdbx_database_id_DOI      ? 
# 
loop_
_citation_author.citation_id 
_citation_author.name 
_citation_author.ordinal 
_citation_author.identifier_ORCID 
primary 'Monferrer, D.' 1 ? 
primary 'Perillo, M.'   2 ? 
primary 'Sola, M.'      3 ? 
primary 'Uson, I.'      4 ? 
# 
_cell.entry_id           3N6T 
_cell.length_a           51.630 
_cell.length_b           94.580 
_cell.length_c           83.050 
_cell.angle_alpha        90.00 
_cell.angle_beta         90.00 
_cell.angle_gamma        90.00 
_cell.Z_PDB              8 
_cell.pdbx_unique_axis   ? 
_cell.length_a_esd       ? 
_cell.length_b_esd       ? 
_cell.length_c_esd       ? 
_cell.angle_alpha_esd    ? 
_cell.angle_beta_esd     ? 
_cell.angle_gamma_esd    ? 
# 
_symmetry.entry_id                         3N6T 
_symmetry.space_group_name_H-M             'C 2 2 21' 
_symmetry.pdbx_full_space_group_name_H-M   ? 
_symmetry.cell_setting                     ? 
_symmetry.Int_Tables_number                20 
_symmetry.space_group_name_Hall            ? 
# 
loop_
_entity.id 
_entity.type 
_entity.src_method 
_entity.pdbx_description 
_entity.formula_weight 
_entity.pdbx_number_of_molecules 
_entity.pdbx_ec 
_entity.pdbx_mutation 
_entity.pdbx_fragment 
_entity.details 
1 polymer     man 'LysR type regulator of tsaMBCD' 22369.703 1  ? ? 'Effector binding domain, UNP residues 91-295' ? 
2 non-polymer syn 'SULFATE ION'                    96.063    2  ? ? ?                                              ? 
3 non-polymer syn GLYCEROL                         92.094    1  ? ? ?                                              ? 
4 non-polymer syn 'ACETATE ION'                    59.044    1  ? ? ?                                              ? 
5 water       nat water                            18.015    63 ? ? ?                                              ? 
# 
_entity_poly.entity_id                      1 
_entity_poly.type                           'polypeptide(L)' 
_entity_poly.nstd_linkage                   no 
_entity_poly.nstd_monomer                   no 
_entity_poly.pdbx_seq_one_letter_code       
;GHITFAASPAIALAALPLALASFAREFPDVTVNVRDGMYPAVSPQLRDGTLDFALTAAHKHDIDTDLEAQPLYVSDVVIV
GQRQHPMANATRLAELQECRWAFSSAPRGPGAIIRNAFARYGLPEPKLGLVCESFLALPGVVAHSDLLTTMPRTLYERNA
FKDQLCSIPLQDALPNPTIYVLRRHDLPVTPAAAGLIRWIQHHAL
;
_entity_poly.pdbx_seq_one_letter_code_can   
;GHITFAASPAIALAALPLALASFAREFPDVTVNVRDGMYPAVSPQLRDGTLDFALTAAHKHDIDTDLEAQPLYVSDVVIV
GQRQHPMANATRLAELQECRWAFSSAPRGPGAIIRNAFARYGLPEPKLGLVCESFLALPGVVAHSDLLTTMPRTLYERNA
FKDQLCSIPLQDALPNPTIYVLRRHDLPVTPAAAGLIRWIQHHAL
;
_entity_poly.pdbx_strand_id                 A 
_entity_poly.pdbx_target_identifier         ? 
# 
loop_
_entity_poly_seq.entity_id 
_entity_poly_seq.num 
_entity_poly_seq.mon_id 
_entity_poly_seq.hetero 
1 1   GLY n 
1 2   HIS n 
1 3   ILE n 
1 4   THR n 
1 5   PHE n 
1 6   ALA n 
1 7   ALA n 
1 8   SER n 
1 9   PRO n 
1 10  ALA n 
1 11  ILE n 
1 12  ALA n 
1 13  LEU n 
1 14  ALA n 
1 15  ALA n 
1 16  LEU n 
1 17  PRO n 
1 18  LEU n 
1 19  ALA n 
1 20  LEU n 
1 21  ALA n 
1 22  SER n 
1 23  PHE n 
1 24  ALA n 
1 25  ARG n 
1 26  GLU n 
1 27  PHE n 
1 28  PRO n 
1 29  ASP n 
1 30  VAL n 
1 31  THR n 
1 32  VAL n 
1 33  ASN n 
1 34  VAL n 
1 35  ARG n 
1 36  ASP n 
1 37  GLY n 
1 38  MET n 
1 39  TYR n 
1 40  PRO n 
1 41  ALA n 
1 42  VAL n 
1 43  SER n 
1 44  PRO n 
1 45  GLN n 
1 46  LEU n 
1 47  ARG n 
1 48  ASP n 
1 49  GLY n 
1 50  THR n 
1 51  LEU n 
1 52  ASP n 
1 53  PHE n 
1 54  ALA n 
1 55  LEU n 
1 56  THR n 
1 57  ALA n 
1 58  ALA n 
1 59  HIS n 
1 60  LYS n 
1 61  HIS n 
1 62  ASP n 
1 63  ILE n 
1 64  ASP n 
1 65  THR n 
1 66  ASP n 
1 67  LEU n 
1 68  GLU n 
1 69  ALA n 
1 70  GLN n 
1 71  PRO n 
1 72  LEU n 
1 73  TYR n 
1 74  VAL n 
1 75  SER n 
1 76  ASP n 
1 77  VAL n 
1 78  VAL n 
1 79  ILE n 
1 80  VAL n 
1 81  GLY n 
1 82  GLN n 
1 83  ARG n 
1 84  GLN n 
1 85  HIS n 
1 86  PRO n 
1 87  MET n 
1 88  ALA n 
1 89  ASN n 
1 90  ALA n 
1 91  THR n 
1 92  ARG n 
1 93  LEU n 
1 94  ALA n 
1 95  GLU n 
1 96  LEU n 
1 97  GLN n 
1 98  GLU n 
1 99  CYS n 
1 100 ARG n 
1 101 TRP n 
1 102 ALA n 
1 103 PHE n 
1 104 SER n 
1 105 SER n 
1 106 ALA n 
1 107 PRO n 
1 108 ARG n 
1 109 GLY n 
1 110 PRO n 
1 111 GLY n 
1 112 ALA n 
1 113 ILE n 
1 114 ILE n 
1 115 ARG n 
1 116 ASN n 
1 117 ALA n 
1 118 PHE n 
1 119 ALA n 
1 120 ARG n 
1 121 TYR n 
1 122 GLY n 
1 123 LEU n 
1 124 PRO n 
1 125 GLU n 
1 126 PRO n 
1 127 LYS n 
1 128 LEU n 
1 129 GLY n 
1 130 LEU n 
1 131 VAL n 
1 132 CYS n 
1 133 GLU n 
1 134 SER n 
1 135 PHE n 
1 136 LEU n 
1 137 ALA n 
1 138 LEU n 
1 139 PRO n 
1 140 GLY n 
1 141 VAL n 
1 142 VAL n 
1 143 ALA n 
1 144 HIS n 
1 145 SER n 
1 146 ASP n 
1 147 LEU n 
1 148 LEU n 
1 149 THR n 
1 150 THR n 
1 151 MET n 
1 152 PRO n 
1 153 ARG n 
1 154 THR n 
1 155 LEU n 
1 156 TYR n 
1 157 GLU n 
1 158 ARG n 
1 159 ASN n 
1 160 ALA n 
1 161 PHE n 
1 162 LYS n 
1 163 ASP n 
1 164 GLN n 
1 165 LEU n 
1 166 CYS n 
1 167 SER n 
1 168 ILE n 
1 169 PRO n 
1 170 LEU n 
1 171 GLN n 
1 172 ASP n 
1 173 ALA n 
1 174 LEU n 
1 175 PRO n 
1 176 ASN n 
1 177 PRO n 
1 178 THR n 
1 179 ILE n 
1 180 TYR n 
1 181 VAL n 
1 182 LEU n 
1 183 ARG n 
1 184 ARG n 
1 185 HIS n 
1 186 ASP n 
1 187 LEU n 
1 188 PRO n 
1 189 VAL n 
1 190 THR n 
1 191 PRO n 
1 192 ALA n 
1 193 ALA n 
1 194 ALA n 
1 195 GLY n 
1 196 LEU n 
1 197 ILE n 
1 198 ARG n 
1 199 TRP n 
1 200 ILE n 
1 201 GLN n 
1 202 HIS n 
1 203 HIS n 
1 204 ALA n 
1 205 LEU n 
# 
_entity_src_gen.entity_id                          1 
_entity_src_gen.pdbx_src_id                        1 
_entity_src_gen.pdbx_alt_source_flag               sample 
_entity_src_gen.pdbx_seq_type                      ? 
_entity_src_gen.pdbx_beg_seq_num                   ? 
_entity_src_gen.pdbx_end_seq_num                   ? 
_entity_src_gen.gene_src_common_name               'Pseudomonas testosteroni' 
_entity_src_gen.gene_src_genus                     ? 
_entity_src_gen.pdbx_gene_src_gene                 'tsa, tsaR' 
_entity_src_gen.gene_src_species                   ? 
_entity_src_gen.gene_src_strain                    T-2 
_entity_src_gen.gene_src_tissue                    ? 
_entity_src_gen.gene_src_tissue_fraction           ? 
_entity_src_gen.gene_src_details                   ? 
_entity_src_gen.pdbx_gene_src_fragment             ? 
_entity_src_gen.pdbx_gene_src_scientific_name      'Comamonas testosteroni' 
_entity_src_gen.pdbx_gene_src_ncbi_taxonomy_id     285 
_entity_src_gen.pdbx_gene_src_variant              ? 
_entity_src_gen.pdbx_gene_src_cell_line            ? 
_entity_src_gen.pdbx_gene_src_atcc                 ? 
_entity_src_gen.pdbx_gene_src_organ                ? 
_entity_src_gen.pdbx_gene_src_organelle            ? 
_entity_src_gen.pdbx_gene_src_cell                 ? 
_entity_src_gen.pdbx_gene_src_cellular_location    ? 
_entity_src_gen.host_org_common_name               ? 
_entity_src_gen.pdbx_host_org_scientific_name      'Escherichia coli' 
_entity_src_gen.pdbx_host_org_ncbi_taxonomy_id     562 
_entity_src_gen.host_org_genus                     ? 
_entity_src_gen.pdbx_host_org_gene                 ? 
_entity_src_gen.pdbx_host_org_organ                ? 
_entity_src_gen.host_org_species                   ? 
_entity_src_gen.pdbx_host_org_tissue               ? 
_entity_src_gen.pdbx_host_org_tissue_fraction      ? 
_entity_src_gen.pdbx_host_org_strain               M15 
_entity_src_gen.pdbx_host_org_variant              ? 
_entity_src_gen.pdbx_host_org_cell_line            ? 
_entity_src_gen.pdbx_host_org_atcc                 ? 
_entity_src_gen.pdbx_host_org_culture_collection   ? 
_entity_src_gen.pdbx_host_org_cell                 ? 
_entity_src_gen.pdbx_host_org_organelle            ? 
_entity_src_gen.pdbx_host_org_cellular_location    ? 
_entity_src_gen.pdbx_host_org_vector_type          plasmid 
_entity_src_gen.pdbx_host_org_vector               ? 
_entity_src_gen.host_org_details                   ? 
_entity_src_gen.expression_system_id               ? 
_entity_src_gen.plasmid_name                       pQE70 
_entity_src_gen.plasmid_details                    ? 
_entity_src_gen.pdbx_description                   ? 
# 
_struct_ref.id                         1 
_struct_ref.db_name                    UNP 
_struct_ref.db_code                    P94678_COMTE 
_struct_ref.pdbx_db_accession          P94678 
_struct_ref.entity_id                  1 
_struct_ref.pdbx_seq_one_letter_code   
;GHITFAASPAIALAALPLALASFAREFPDVTVNVRDGMYPAVSPQLRDGTLDFALTAAHKHDIDTDLEAQPLYVSDVVIV
GQRQHPMANATRLAELQECRWAFSSAPRGPGAIIRNAFARYGLPEPKLGLVCESFLALPGVVAHSDLLTTMPRTLYERNA
FKDQLCSIPLQDALPNPTIYVLRRHDLPVTPAAAGLIRWIQHHAL
;
_struct_ref.pdbx_align_begin           91 
_struct_ref.pdbx_db_isoform            ? 
# 
_struct_ref_seq.align_id                      1 
_struct_ref_seq.ref_id                        1 
_struct_ref_seq.pdbx_PDB_id_code              3N6T 
_struct_ref_seq.pdbx_strand_id                A 
_struct_ref_seq.seq_align_beg                 1 
_struct_ref_seq.pdbx_seq_align_beg_ins_code   ? 
_struct_ref_seq.seq_align_end                 205 
_struct_ref_seq.pdbx_seq_align_end_ins_code   ? 
_struct_ref_seq.pdbx_db_accession             P94678 
_struct_ref_seq.db_align_beg                  91 
_struct_ref_seq.pdbx_db_align_beg_ins_code    ? 
_struct_ref_seq.db_align_end                  295 
_struct_ref_seq.pdbx_db_align_end_ins_code    ? 
_struct_ref_seq.pdbx_auth_seq_align_beg       92 
_struct_ref_seq.pdbx_auth_seq_align_end       296 
# 
loop_
_chem_comp.id 
_chem_comp.type 
_chem_comp.mon_nstd_flag 
_chem_comp.name 
_chem_comp.pdbx_synonyms 
_chem_comp.formula 
_chem_comp.formula_weight 
ACT non-polymer         . 'ACETATE ION'   ?                               'C2 H3 O2 -1'    59.044  
ALA 'L-peptide linking' y ALANINE         ?                               'C3 H7 N O2'     89.093  
ARG 'L-peptide linking' y ARGININE        ?                               'C6 H15 N4 O2 1' 175.209 
ASN 'L-peptide linking' y ASPARAGINE      ?                               'C4 H8 N2 O3'    132.118 
ASP 'L-peptide linking' y 'ASPARTIC ACID' ?                               'C4 H7 N O4'     133.103 
CYS 'L-peptide linking' y CYSTEINE        ?                               'C3 H7 N O2 S'   121.158 
GLN 'L-peptide linking' y GLUTAMINE       ?                               'C5 H10 N2 O3'   146.144 
GLU 'L-peptide linking' y 'GLUTAMIC ACID' ?                               'C5 H9 N O4'     147.129 
GLY 'peptide linking'   y GLYCINE         ?                               'C2 H5 N O2'     75.067  
GOL non-polymer         . GLYCEROL        'GLYCERIN; PROPANE-1,2,3-TRIOL' 'C3 H8 O3'       92.094  
HIS 'L-peptide linking' y HISTIDINE       ?                               'C6 H10 N3 O2 1' 156.162 
HOH non-polymer         . WATER           ?                               'H2 O'           18.015  
ILE 'L-peptide linking' y ISOLEUCINE      ?                               'C6 H13 N O2'    131.173 
LEU 'L-peptide linking' y LEUCINE         ?                               'C6 H13 N O2'    131.173 
LYS 'L-peptide linking' y LYSINE          ?                               'C6 H15 N2 O2 1' 147.195 
MET 'L-peptide linking' y METHIONINE      ?                               'C5 H11 N O2 S'  149.211 
PHE 'L-peptide linking' y PHENYLALANINE   ?                               'C9 H11 N O2'    165.189 
PRO 'L-peptide linking' y PROLINE         ?                               'C5 H9 N O2'     115.130 
SER 'L-peptide linking' y SERINE          ?                               'C3 H7 N O3'     105.093 
SO4 non-polymer         . 'SULFATE ION'   ?                               'O4 S -2'        96.063  
THR 'L-peptide linking' y THREONINE       ?                               'C4 H9 N O3'     119.119 
TRP 'L-peptide linking' y TRYPTOPHAN      ?                               'C11 H12 N2 O2'  204.225 
TYR 'L-peptide linking' y TYROSINE        ?                               'C9 H11 N O3'    181.189 
VAL 'L-peptide linking' y VALINE          ?                               'C5 H11 N O2'    117.146 
# 
_exptl.entry_id          3N6T 
_exptl.method            'X-RAY DIFFRACTION' 
_exptl.crystals_number   1 
# 
_exptl_crystal.id                    1 
_exptl_crystal.density_meas          ? 
_exptl_crystal.density_Matthews      2.27 
_exptl_crystal.density_percent_sol   45.72 
_exptl_crystal.description           ? 
_exptl_crystal.F_000                 ? 
_exptl_crystal.preparation           ? 
# 
_exptl_crystal_grow.crystal_id      1 
_exptl_crystal_grow.method          'VAPOR DIFFUSION, SITTING DROP' 
_exptl_crystal_grow.temp            293 
_exptl_crystal_grow.temp_details    ? 
_exptl_crystal_grow.pH              4.6 
_exptl_crystal_grow.pdbx_details    
'1.5M ammonium sulfate, 0.1M sodium acetate pH4.6, VAPOR DIFFUSION, SITTING DROP, temperature 293K' 
_exptl_crystal_grow.pdbx_pH_range   . 
# 
_diffrn.id                     1 
_diffrn.ambient_temp           100 
_diffrn.ambient_temp_details   ? 
_diffrn.crystal_id             1 
# 
_diffrn_detector.diffrn_id              1 
_diffrn_detector.detector               CCD 
_diffrn_detector.type                   'ADSC QUANTUM 315r' 
_diffrn_detector.pdbx_collection_date   2010-03-04 
_diffrn_detector.details                ? 
# 
_diffrn_radiation.diffrn_id                        1 
_diffrn_radiation.wavelength_id                    1 
_diffrn_radiation.pdbx_monochromatic_or_laue_m_l   M 
_diffrn_radiation.monochromator                    ? 
_diffrn_radiation.pdbx_diffrn_protocol             'SINGLE WAVELENGTH' 
_diffrn_radiation.pdbx_scattering_type             x-ray 
# 
_diffrn_radiation_wavelength.id           1 
_diffrn_radiation_wavelength.wavelength   0.97850 
_diffrn_radiation_wavelength.wt           1.0 
# 
_diffrn_source.diffrn_id                   1 
_diffrn_source.source                      SYNCHROTRON 
_diffrn_source.type                        'ESRF BEAMLINE ID14-4' 
_diffrn_source.pdbx_synchrotron_site       ESRF 
_diffrn_source.pdbx_synchrotron_beamline   ID14-4 
_diffrn_source.pdbx_wavelength             ? 
_diffrn_source.pdbx_wavelength_list        0.97850 
# 
_reflns.entry_id                     3N6T 
_reflns.observed_criterion_sigma_I   ? 
_reflns.observed_criterion_sigma_F   ? 
_reflns.d_resolution_low             41.53 
_reflns.d_resolution_high            1.79 
_reflns.number_obs                   19168 
_reflns.number_all                   ? 
_reflns.percent_possible_obs         99.6 
_reflns.pdbx_Rmerge_I_obs            0.059 
_reflns.pdbx_Rsym_value              0.0387 
_reflns.pdbx_netI_over_sigmaI        10 
_reflns.B_iso_Wilson_estimate        ? 
_reflns.pdbx_redundancy              1.83 
_reflns.R_free_details               ? 
_reflns.limit_h_max                  ? 
_reflns.limit_h_min                  ? 
_reflns.limit_k_max                  ? 
_reflns.limit_k_min                  ? 
_reflns.limit_l_max                  ? 
_reflns.limit_l_min                  ? 
_reflns.observed_criterion_F_max     ? 
_reflns.observed_criterion_F_min     ? 
_reflns.pdbx_chi_squared             ? 
_reflns.pdbx_scaling_rejects         ? 
_reflns.pdbx_ordinal                 1 
_reflns.pdbx_diffrn_id               1 
# 
_reflns_shell.d_res_high             1.79 
_reflns_shell.d_res_low              1.89 
_reflns_shell.percent_possible_all   97.9 
_reflns_shell.Rmerge_I_obs           0.360 
_reflns_shell.pdbx_Rsym_value        0.232 
_reflns_shell.meanI_over_sigI_obs    2.68 
_reflns_shell.pdbx_redundancy        1.77 
_reflns_shell.percent_possible_obs   ? 
_reflns_shell.number_unique_all      ? 
_reflns_shell.number_measured_all    ? 
_reflns_shell.number_measured_obs    ? 
_reflns_shell.number_unique_obs      ? 
_reflns_shell.pdbx_chi_squared       ? 
_reflns_shell.pdbx_ordinal           1 
_reflns_shell.pdbx_diffrn_id         1 
# 
_refine.entry_id                                 3N6T 
_refine.ls_number_reflns_obs                     16455 
_refine.ls_number_reflns_all                     ? 
_refine.pdbx_ls_sigma_I                          ? 
_refine.pdbx_ls_sigma_F                          ? 
_refine.pdbx_data_cutoff_high_absF               ? 
_refine.pdbx_data_cutoff_low_absF                ? 
_refine.pdbx_data_cutoff_high_rms_absF           ? 
_refine.ls_d_res_low                             31.20 
_refine.ls_d_res_high                            1.85 
_refine.ls_percent_reflns_obs                    97.74 
_refine.ls_R_factor_obs                          0.22284 
_refine.ls_R_factor_all                          ? 
_refine.ls_R_factor_R_work                       0.22013 
_refine.ls_R_factor_R_free                       0.27479 
_refine.ls_R_factor_R_free_error                 ? 
_refine.ls_R_factor_R_free_error_details         ? 
_refine.ls_percent_reflns_R_free                 5.0 
_refine.ls_number_reflns_R_free                  873 
_refine.ls_number_parameters                     ? 
_refine.ls_number_restraints                     ? 
_refine.occupancy_min                            ? 
_refine.occupancy_max                            ? 
_refine.correlation_coeff_Fo_to_Fc               0.941 
_refine.correlation_coeff_Fo_to_Fc_free          0.916 
_refine.B_iso_mean                               28.836 
_refine.aniso_B[1][1]                            0.30 
_refine.aniso_B[2][2]                            1.88 
_refine.aniso_B[3][3]                            -2.18 
_refine.aniso_B[1][2]                            0.00 
_refine.aniso_B[1][3]                            0.00 
_refine.aniso_B[2][3]                            0.00 
_refine.solvent_model_details                    MASK 
_refine.solvent_model_param_ksol                 ? 
_refine.solvent_model_param_bsol                 ? 
_refine.pdbx_solvent_vdw_probe_radii             1.40 
_refine.pdbx_solvent_ion_probe_radii             0.80 
_refine.pdbx_solvent_shrinkage_radii             0.80 
_refine.pdbx_ls_cross_valid_method               THROUGHOUT 
_refine.details                                  'HYDROGENS HAVE BEEN ADDED IN THE RIDING POSITIONS' 
_refine.pdbx_starting_model                      'PDB entry 3FXQ' 
_refine.pdbx_method_to_determine_struct          'MOLECULAR REPLACEMENT' 
_refine.pdbx_isotropic_thermal_model             ? 
_refine.pdbx_stereochemistry_target_values       'MAXIMUM LIKELIHOOD' 
_refine.pdbx_stereochem_target_val_spec_case     ? 
_refine.pdbx_R_Free_selection_details            RANDOM 
_refine.pdbx_overall_ESU_R_Free                  0.165 
_refine.overall_SU_ML                            0.118 
_refine.overall_SU_B                             3.889 
_refine.overall_SU_R_Cruickshank_DPI             ? 
_refine.ls_redundancy_reflns_obs                 ? 
_refine.B_iso_min                                ? 
_refine.B_iso_max                                ? 
_refine.overall_SU_R_free                        ? 
_refine.ls_wR_factor_R_free                      ? 
_refine.ls_wR_factor_R_work                      ? 
_refine.overall_FOM_free_R_set                   ? 
_refine.overall_FOM_work_R_set                   ? 
_refine.pdbx_refine_id                           'X-RAY DIFFRACTION' 
_refine.pdbx_overall_phase_error                 ? 
_refine.pdbx_diffrn_id                           1 
_refine.pdbx_overall_ESU_R                       ? 
_refine.pdbx_TLS_residual_ADP_flag               ? 
_refine.pdbx_overall_SU_R_free_Cruickshank_DPI   ? 
_refine.pdbx_overall_SU_R_Blow_DPI               ? 
_refine.pdbx_overall_SU_R_free_Blow_DPI          ? 
# 
_refine_hist.pdbx_refine_id                   'X-RAY DIFFRACTION' 
_refine_hist.cycle_id                         LAST 
_refine_hist.pdbx_number_atoms_protein        1576 
_refine_hist.pdbx_number_atoms_nucleic_acid   0 
_refine_hist.pdbx_number_atoms_ligand         20 
_refine_hist.number_atoms_solvent             63 
_refine_hist.number_atoms_total               1659 
_refine_hist.d_res_high                       1.85 
_refine_hist.d_res_low                        31.20 
# 
loop_
_refine_ls_restr.type 
_refine_ls_restr.dev_ideal 
_refine_ls_restr.dev_ideal_target 
_refine_ls_restr.weight 
_refine_ls_restr.number 
_refine_ls_restr.pdbx_refine_id 
_refine_ls_restr.pdbx_restraint_function 
r_bond_refined_d             0.023  0.022  ? 1634 'X-RAY DIFFRACTION' ? 
r_bond_other_d               ?      ?      ? ?    'X-RAY DIFFRACTION' ? 
r_angle_refined_deg          2.073  1.978  ? 2235 'X-RAY DIFFRACTION' ? 
r_angle_other_deg            ?      ?      ? ?    'X-RAY DIFFRACTION' ? 
r_dihedral_angle_1_deg       6.754  5.000  ? 204  'X-RAY DIFFRACTION' ? 
r_dihedral_angle_2_deg       34.097 22.609 ? 69   'X-RAY DIFFRACTION' ? 
r_dihedral_angle_3_deg       14.654 15.000 ? 241  'X-RAY DIFFRACTION' ? 
r_dihedral_angle_4_deg       23.797 15.000 ? 14   'X-RAY DIFFRACTION' ? 
r_chiral_restr               0.138  0.200  ? 255  'X-RAY DIFFRACTION' ? 
r_gen_planes_refined         0.011  0.022  ? 1254 'X-RAY DIFFRACTION' ? 
r_gen_planes_other           ?      ?      ? ?    'X-RAY DIFFRACTION' ? 
r_nbd_refined                ?      ?      ? ?    'X-RAY DIFFRACTION' ? 
r_nbd_other                  ?      ?      ? ?    'X-RAY DIFFRACTION' ? 
r_nbtor_refined              ?      ?      ? ?    'X-RAY DIFFRACTION' ? 
r_nbtor_other                ?      ?      ? ?    'X-RAY DIFFRACTION' ? 
r_xyhbond_nbd_refined        ?      ?      ? ?    'X-RAY DIFFRACTION' ? 
r_xyhbond_nbd_other          ?      ?      ? ?    'X-RAY DIFFRACTION' ? 
r_metal_ion_refined          ?      ?      ? ?    'X-RAY DIFFRACTION' ? 
r_metal_ion_other            ?      ?      ? ?    'X-RAY DIFFRACTION' ? 
r_symmetry_vdw_refined       ?      ?      ? ?    'X-RAY DIFFRACTION' ? 
r_symmetry_vdw_other         ?      ?      ? ?    'X-RAY DIFFRACTION' ? 
r_symmetry_hbond_refined     ?      ?      ? ?    'X-RAY DIFFRACTION' ? 
r_symmetry_hbond_other       ?      ?      ? ?    'X-RAY DIFFRACTION' ? 
r_symmetry_metal_ion_refined ?      ?      ? ?    'X-RAY DIFFRACTION' ? 
r_symmetry_metal_ion_other   ?      ?      ? ?    'X-RAY DIFFRACTION' ? 
r_mcbond_it                  1.352  1.500  ? 1035 'X-RAY DIFFRACTION' ? 
r_mcbond_other               ?      ?      ? ?    'X-RAY DIFFRACTION' ? 
r_mcangle_it                 2.277  2.000  ? 1667 'X-RAY DIFFRACTION' ? 
r_scbond_it                  3.461  3.000  ? 599  'X-RAY DIFFRACTION' ? 
r_scangle_it                 5.577  4.500  ? 568  'X-RAY DIFFRACTION' ? 
r_rigid_bond_restr           ?      ?      ? ?    'X-RAY DIFFRACTION' ? 
r_sphericity_free            ?      ?      ? ?    'X-RAY DIFFRACTION' ? 
r_sphericity_bonded          ?      ?      ? ?    'X-RAY DIFFRACTION' ? 
# 
_refine_ls_shell.pdbx_total_number_of_bins_used   20 
_refine_ls_shell.d_res_high                       1.850 
_refine_ls_shell.d_res_low                        1.898 
_refine_ls_shell.number_reflns_R_work             1205 
_refine_ls_shell.R_factor_R_work                  0.292 
_refine_ls_shell.percent_reflns_obs               99.76 
_refine_ls_shell.R_factor_R_free                  0.339 
_refine_ls_shell.R_factor_R_free_error            ? 
_refine_ls_shell.percent_reflns_R_free            ? 
_refine_ls_shell.number_reflns_R_free             61 
_refine_ls_shell.number_reflns_all                ? 
_refine_ls_shell.R_factor_all                     ? 
_refine_ls_shell.number_reflns_obs                ? 
_refine_ls_shell.redundancy_reflns_obs            ? 
_refine_ls_shell.pdbx_refine_id                   'X-RAY DIFFRACTION' 
# 
_struct.entry_id                  3N6T 
_struct.title                     'Effector binding domain of TsaR' 
_struct.pdbx_model_details        ? 
_struct.pdbx_CASP_flag            ? 
_struct.pdbx_model_type_details   ? 
# 
_struct_keywords.entry_id        3N6T 
_struct_keywords.pdbx_keywords   'TRANSCRIPTION REGULATOR' 
_struct_keywords.text            'Rossmann fold, TRANSCRIPTION REGULATOR' 
# 
loop_
_struct_asym.id 
_struct_asym.pdbx_blank_PDB_chainid_flag 
_struct_asym.pdbx_modified 
_struct_asym.entity_id 
_struct_asym.details 
A N N 1 ? 
B N N 2 ? 
C N N 2 ? 
D N N 3 ? 
E N N 4 ? 
F N N 5 ? 
# 
_struct_biol.id        1 
_struct_biol.details   ? 
# 
loop_
_struct_conf.conf_type_id 
_struct_conf.id 
_struct_conf.pdbx_PDB_helix_id 
_struct_conf.beg_label_comp_id 
_struct_conf.beg_label_asym_id 
_struct_conf.beg_label_seq_id 
_struct_conf.pdbx_beg_PDB_ins_code 
_struct_conf.end_label_comp_id 
_struct_conf.end_label_asym_id 
_struct_conf.end_label_seq_id 
_struct_conf.pdbx_end_PDB_ins_code 
_struct_conf.beg_auth_comp_id 
_struct_conf.beg_auth_asym_id 
_struct_conf.beg_auth_seq_id 
_struct_conf.end_auth_comp_id 
_struct_conf.end_auth_asym_id 
_struct_conf.end_auth_seq_id 
_struct_conf.pdbx_PDB_helix_class 
_struct_conf.details 
_struct_conf.pdbx_PDB_helix_length 
HELX_P HELX_P1  1  SER A 8   ? ALA A 14  ? SER A 99  ALA A 105 1 ? 7  
HELX_P HELX_P2  2  ALA A 14  ? PHE A 27  ? ALA A 105 PHE A 118 1 ? 14 
HELX_P HELX_P3  3  VAL A 42  ? ASP A 48  ? VAL A 133 ASP A 139 1 ? 7  
HELX_P HELX_P4  4  HIS A 59  ? ILE A 63  ? HIS A 150 ILE A 154 5 ? 5  
HELX_P HELX_P5  5  ARG A 92  ? GLN A 97  ? ARG A 183 GLN A 188 5 ? 6  
HELX_P HELX_P6  6  GLY A 111 ? TYR A 121 ? GLY A 202 TYR A 212 1 ? 11 
HELX_P HELX_P7  7  ALA A 137 ? HIS A 144 ? ALA A 228 HIS A 235 1 ? 8  
HELX_P HELX_P8  8  ARG A 153 ? ARG A 158 ? ARG A 244 ARG A 249 1 ? 6  
HELX_P HELX_P9  9  PHE A 161 ? ASP A 163 ? PHE A 252 ASP A 254 5 ? 3  
HELX_P HELX_P10 10 THR A 190 ? ALA A 204 ? THR A 281 ALA A 295 1 ? 15 
# 
_struct_conf_type.id          HELX_P 
_struct_conf_type.criteria    ? 
_struct_conf_type.reference   ? 
# 
_struct_mon_prot_cis.pdbx_id                1 
_struct_mon_prot_cis.label_comp_id          TYR 
_struct_mon_prot_cis.label_seq_id           39 
_struct_mon_prot_cis.label_asym_id          A 
_struct_mon_prot_cis.label_alt_id           . 
_struct_mon_prot_cis.pdbx_PDB_ins_code      ? 
_struct_mon_prot_cis.auth_comp_id           TYR 
_struct_mon_prot_cis.auth_seq_id            130 
_struct_mon_prot_cis.auth_asym_id           A 
_struct_mon_prot_cis.pdbx_label_comp_id_2   PRO 
_struct_mon_prot_cis.pdbx_label_seq_id_2    40 
_struct_mon_prot_cis.pdbx_label_asym_id_2   A 
_struct_mon_prot_cis.pdbx_PDB_ins_code_2    ? 
_struct_mon_prot_cis.pdbx_auth_comp_id_2    PRO 
_struct_mon_prot_cis.pdbx_auth_seq_id_2     131 
_struct_mon_prot_cis.pdbx_auth_asym_id_2    A 
_struct_mon_prot_cis.pdbx_PDB_model_num     1 
_struct_mon_prot_cis.pdbx_omega_angle       9.61 
# 
loop_
_struct_sheet.id 
_struct_sheet.type 
_struct_sheet.number_strands 
_struct_sheet.details 
A ? 5 ? 
B ? 3 ? 
C ? 2 ? 
# 
loop_
_struct_sheet_order.sheet_id 
_struct_sheet_order.range_id_1 
_struct_sheet_order.range_id_2 
_struct_sheet_order.offset 
_struct_sheet_order.sense 
A 1 2 ? parallel      
A 2 3 ? parallel      
A 3 4 ? anti-parallel 
A 4 5 ? anti-parallel 
B 1 2 ? anti-parallel 
B 2 3 ? anti-parallel 
C 1 2 ? parallel      
# 
loop_
_struct_sheet_range.sheet_id 
_struct_sheet_range.id 
_struct_sheet_range.beg_label_comp_id 
_struct_sheet_range.beg_label_asym_id 
_struct_sheet_range.beg_label_seq_id 
_struct_sheet_range.pdbx_beg_PDB_ins_code 
_struct_sheet_range.end_label_comp_id 
_struct_sheet_range.end_label_asym_id 
_struct_sheet_range.end_label_seq_id 
_struct_sheet_range.pdbx_end_PDB_ins_code 
_struct_sheet_range.beg_auth_comp_id 
_struct_sheet_range.beg_auth_asym_id 
_struct_sheet_range.beg_auth_seq_id 
_struct_sheet_range.end_auth_comp_id 
_struct_sheet_range.end_auth_asym_id 
_struct_sheet_range.end_auth_seq_id 
A 1 THR A 31  ? ASP A 36  ? THR A 122 ASP A 127 
A 2 HIS A 2   ? ALA A 7   ? HIS A 93  ALA A 98  
A 3 PHE A 53  ? ALA A 58  ? PHE A 144 ALA A 149 
A 4 THR A 178 ? ARG A 184 ? THR A 269 ARG A 275 
A 5 LEU A 67  ? VAL A 74  ? LEU A 158 VAL A 165 
B 1 THR A 149 ? PRO A 152 ? THR A 240 PRO A 243 
B 2 VAL A 77  ? GLN A 82  ? VAL A 168 GLN A 173 
B 3 LEU A 165 ? SER A 167 ? LEU A 256 SER A 258 
C 1 ARG A 100 ? SER A 104 ? ARG A 191 SER A 195 
C 2 LYS A 127 ? CYS A 132 ? LYS A 218 CYS A 223 
# 
loop_
_pdbx_struct_sheet_hbond.sheet_id 
_pdbx_struct_sheet_hbond.range_id_1 
_pdbx_struct_sheet_hbond.range_id_2 
_pdbx_struct_sheet_hbond.range_1_label_atom_id 
_pdbx_struct_sheet_hbond.range_1_label_comp_id 
_pdbx_struct_sheet_hbond.range_1_label_asym_id 
_pdbx_struct_sheet_hbond.range_1_label_seq_id 
_pdbx_struct_sheet_hbond.range_1_PDB_ins_code 
_pdbx_struct_sheet_hbond.range_1_auth_atom_id 
_pdbx_struct_sheet_hbond.range_1_auth_comp_id 
_pdbx_struct_sheet_hbond.range_1_auth_asym_id 
_pdbx_struct_sheet_hbond.range_1_auth_seq_id 
_pdbx_struct_sheet_hbond.range_2_label_atom_id 
_pdbx_struct_sheet_hbond.range_2_label_comp_id 
_pdbx_struct_sheet_hbond.range_2_label_asym_id 
_pdbx_struct_sheet_hbond.range_2_label_seq_id 
_pdbx_struct_sheet_hbond.range_2_PDB_ins_code 
_pdbx_struct_sheet_hbond.range_2_auth_atom_id 
_pdbx_struct_sheet_hbond.range_2_auth_comp_id 
_pdbx_struct_sheet_hbond.range_2_auth_asym_id 
_pdbx_struct_sheet_hbond.range_2_auth_seq_id 
A 1 2 O ASN A 33  ? O ASN A 124 N ILE A 3   ? N ILE A 94  
A 2 3 N ALA A 6   ? N ALA A 97  O LEU A 55  ? O LEU A 146 
A 3 4 N ALA A 54  ? N ALA A 145 O LEU A 182 ? O LEU A 273 
A 4 5 O ARG A 183 ? O ARG A 274 N GLU A 68  ? N GLU A 159 
B 1 2 O MET A 151 ? O MET A 242 N VAL A 78  ? N VAL A 169 
B 2 3 N GLY A 81  ? N GLY A 172 O CYS A 166 ? O CYS A 257 
C 1 2 N TRP A 101 ? N TRP A 192 O GLY A 129 ? O GLY A 220 
# 
loop_
_struct_site.id 
_struct_site.pdbx_evidence_code 
_struct_site.pdbx_auth_asym_id 
_struct_site.pdbx_auth_comp_id 
_struct_site.pdbx_auth_seq_id 
_struct_site.pdbx_auth_ins_code 
_struct_site.pdbx_num_residues 
_struct_site.details 
AC1 Software A SO4 1001 ? 9 'BINDING SITE FOR RESIDUE SO4 A 1001' 
AC2 Software A SO4 1002 ? 4 'BINDING SITE FOR RESIDUE SO4 A 1002' 
AC3 Software A GOL 1003 ? 9 'BINDING SITE FOR RESIDUE GOL A 1003' 
AC4 Software A ACT 1004 ? 6 'BINDING SITE FOR RESIDUE ACT A 1004' 
# 
loop_
_struct_site_gen.id 
_struct_site_gen.site_id 
_struct_site_gen.pdbx_num_res 
_struct_site_gen.label_comp_id 
_struct_site_gen.label_asym_id 
_struct_site_gen.label_seq_id 
_struct_site_gen.pdbx_auth_ins_code 
_struct_site_gen.auth_comp_id 
_struct_site_gen.auth_asym_id 
_struct_site_gen.auth_seq_id 
_struct_site_gen.label_atom_id 
_struct_site_gen.label_alt_id 
_struct_site_gen.symmetry 
_struct_site_gen.details 
1  AC1 9 HOH F .   ? HOH A 17  . ? 1_555 ? 
2  AC1 9 HOH F .   ? HOH A 45  . ? 1_555 ? 
3  AC1 9 ALA A 10  ? ALA A 101 . ? 1_555 ? 
4  AC1 9 TYR A 73  ? TYR A 164 . ? 1_555 ? 
5  AC1 9 SER A 75  ? SER A 166 . ? 1_555 ? 
6  AC1 9 ASP A 76  ? ASP A 167 . ? 1_555 ? 
7  AC1 9 PRO A 152 ? PRO A 243 . ? 1_555 ? 
8  AC1 9 ARG A 153 ? ARG A 244 . ? 1_555 ? 
9  AC1 9 THR A 154 ? THR A 245 . ? 1_555 ? 
10 AC2 4 ARG A 25  ? ARG A 116 . ? 4_555 ? 
11 AC2 4 HIS A 144 ? HIS A 235 . ? 3_455 ? 
12 AC2 4 ARG A 158 ? ARG A 249 . ? 1_555 ? 
13 AC2 4 GLN A 164 ? GLN A 255 . ? 3_455 ? 
14 AC3 9 HOH F .   ? HOH A 6   . ? 1_555 ? 
15 AC3 9 LEU A 13  ? LEU A 104 . ? 3_455 ? 
16 AC3 9 LEU A 136 ? LEU A 227 . ? 1_555 ? 
17 AC3 9 LEU A 155 ? LEU A 246 . ? 3_455 ? 
18 AC3 9 ARG A 158 ? ARG A 249 . ? 3_455 ? 
19 AC3 9 ASN A 159 ? ASN A 250 . ? 1_555 ? 
20 AC3 9 ASN A 159 ? ASN A 250 . ? 3_455 ? 
21 AC3 9 ALA A 160 ? ALA A 251 . ? 1_555 ? 
22 AC3 9 PHE A 161 ? PHE A 252 . ? 1_555 ? 
23 AC4 6 ASP A 36  ? ASP A 127 . ? 3_455 ? 
24 AC4 6 ASP A 36  ? ASP A 127 . ? 1_555 ? 
25 AC4 6 GLU A 133 ? GLU A 224 . ? 1_555 ? 
26 AC4 6 SER A 134 ? SER A 225 . ? 1_555 ? 
27 AC4 6 PHE A 135 ? PHE A 226 . ? 1_555 ? 
28 AC4 6 LEU A 136 ? LEU A 227 . ? 1_555 ? 
# 
_atom_sites.entry_id                    3N6T 
_atom_sites.fract_transf_matrix[1][1]   0.01281775 
_atom_sites.fract_transf_matrix[1][2]   -0.01207610 
_atom_sites.fract_transf_matrix[1][3]   -0.00806420 
_atom_sites.fract_transf_matrix[2][1]   0.00776985 
_atom_sites.fract_transf_matrix[2][2]   0.00454136 
_atom_sites.fract_transf_matrix[2][3]   0.00554923 
_atom_sites.fract_transf_matrix[3][1]   -0.00178688 
_atom_sites.fract_transf_matrix[3][2]   -0.00786626 
_atom_sites.fract_transf_matrix[3][3]   0.00893950 
_atom_sites.fract_transf_vector[1]      -0.286058 
_atom_sites.fract_transf_vector[2]      -0.131630 
_atom_sites.fract_transf_vector[3]      0.226447 
# 
loop_
_atom_type.symbol 
C 
N 
O 
S 
# 
loop_
_atom_site.group_PDB 
_atom_site.id 
_atom_site.type_symbol 
_atom_site.label_atom_id 
_atom_site.label_alt_id 
_atom_site.label_comp_id 
_atom_site.label_asym_id 
_atom_site.label_entity_id 
_atom_site.label_seq_id 
_atom_site.pdbx_PDB_ins_code 
_atom_site.Cartn_x 
_atom_site.Cartn_y 
_atom_site.Cartn_z 
_atom_site.occupancy 
_atom_site.B_iso_or_equiv 
_atom_site.pdbx_formal_charge 
_atom_site.auth_seq_id 
_atom_site.auth_comp_id 
_atom_site.auth_asym_id 
_atom_site.auth_atom_id 
_atom_site.pdbx_PDB_model_num 
ATOM   1    N N   . GLY A 1 1   ? -13.229 18.690  -16.817 1.00 35.75 ? 92   GLY A N   1 
ATOM   2    C CA  . GLY A 1 1   ? -12.061 19.319  -16.095 1.00 35.82 ? 92   GLY A CA  1 
ATOM   3    C C   . GLY A 1 1   ? -11.990 18.875  -14.617 1.00 35.22 ? 92   GLY A C   1 
ATOM   4    O O   . GLY A 1 1   ? -11.656 19.678  -13.710 1.00 37.46 ? 92   GLY A O   1 
ATOM   5    N N   . HIS A 1 2   ? -12.296 17.600  -14.379 1.00 32.77 ? 93   HIS A N   1 
ATOM   6    C CA  . HIS A 1 2   ? -12.362 17.009  -13.037 1.00 31.42 ? 93   HIS A CA  1 
ATOM   7    C C   . HIS A 1 2   ? -11.519 15.747  -13.143 1.00 30.00 ? 93   HIS A C   1 
ATOM   8    O O   . HIS A 1 2   ? -11.418 15.174  -14.223 1.00 30.49 ? 93   HIS A O   1 
ATOM   9    C CB  . HIS A 1 2   ? -13.807 16.671  -12.696 1.00 30.27 ? 93   HIS A CB  1 
ATOM   10   C CG  . HIS A 1 2   ? -14.645 17.871  -12.350 0.50 32.59 ? 93   HIS A CG  1 
ATOM   11   N ND1 . HIS A 1 2   ? -15.352 17.967  -11.170 0.50 33.74 ? 93   HIS A ND1 1 
ATOM   12   C CD2 . HIS A 1 2   ? -14.886 19.025  -13.024 0.50 34.04 ? 93   HIS A CD2 1 
ATOM   13   C CE1 . HIS A 1 2   ? -15.983 19.130  -11.128 0.50 34.75 ? 93   HIS A CE1 1 
ATOM   14   N NE2 . HIS A 1 2   ? -15.716 19.791  -12.241 0.50 34.34 ? 93   HIS A NE2 1 
ATOM   15   N N   . ILE A 1 3   ? -10.839 15.362  -12.077 1.00 27.74 ? 94   ILE A N   1 
ATOM   16   C CA  . ILE A 1 3   ? -10.111 14.064  -12.068 1.00 25.56 ? 94   ILE A CA  1 
ATOM   17   C C   . ILE A 1 3   ? -10.555 13.359  -10.795 1.00 24.07 ? 94   ILE A C   1 
ATOM   18   O O   . ILE A 1 3   ? -10.377 13.920  -9.706  1.00 24.28 ? 94   ILE A O   1 
ATOM   19   C CB  . ILE A 1 3   ? -8.565  14.222  -12.049 1.00 25.95 ? 94   ILE A CB  1 
ATOM   20   C CG1 . ILE A 1 3   ? -8.009  14.919  -13.293 1.00 26.40 ? 94   ILE A CG1 1 
ATOM   21   C CG2 . ILE A 1 3   ? -7.856  12.836  -11.989 1.00 24.65 ? 94   ILE A CG2 1 
ATOM   22   C CD1 . ILE A 1 3   ? -6.582  15.210  -13.113 1.00 29.72 ? 94   ILE A CD1 1 
ATOM   23   N N   . THR A 1 4   ? -11.110 12.151  -10.916 1.00 22.13 ? 95   THR A N   1 
ATOM   24   C CA  . THR A 1 4   ? -11.436 11.370  -9.753  1.00 20.89 ? 95   THR A CA  1 
ATOM   25   C C   . THR A 1 4   ? -10.543 10.128  -9.710  1.00 21.63 ? 95   THR A C   1 
ATOM   26   O O   . THR A 1 4   ? -10.530 9.369   -10.668 1.00 20.50 ? 95   THR A O   1 
ATOM   27   C CB  . THR A 1 4   ? -12.855 10.960  -9.765  1.00 23.41 ? 95   THR A CB  1 
ATOM   28   O OG1 . THR A 1 4   ? -13.658 12.128  -10.036 1.00 25.40 ? 95   THR A OG1 1 
ATOM   29   C CG2 . THR A 1 4   ? -13.209 10.356  -8.424  1.00 22.28 ? 95   THR A CG2 1 
ATOM   30   N N   . PHE A 1 5   ? -9.820  9.927   -8.593  1.00 18.40 ? 96   PHE A N   1 
ATOM   31   C CA  . PHE A 1 5   ? -8.914  8.802   -8.508  1.00 17.16 ? 96   PHE A CA  1 
ATOM   32   C C   . PHE A 1 5   ? -8.749  8.273   -7.075  1.00 17.12 ? 96   PHE A C   1 
ATOM   33   O O   . PHE A 1 5   ? -9.078  8.966   -6.103  1.00 17.50 ? 96   PHE A O   1 
ATOM   34   C CB  . PHE A 1 5   ? -7.563  9.145   -9.154  1.00 17.30 ? 96   PHE A CB  1 
ATOM   35   C CG  . PHE A 1 5   ? -6.683  10.016  -8.307  1.00 17.62 ? 96   PHE A CG  1 
ATOM   36   C CD1 . PHE A 1 5   ? -5.615  9.472   -7.619  1.00 20.00 ? 96   PHE A CD1 1 
ATOM   37   C CD2 . PHE A 1 5   ? -6.911  11.404  -8.259  1.00 19.82 ? 96   PHE A CD2 1 
ATOM   38   C CE1 . PHE A 1 5   ? -4.777  10.291  -6.874  1.00 20.90 ? 96   PHE A CE1 1 
ATOM   39   C CE2 . PHE A 1 5   ? -6.070  12.249  -7.510  1.00 19.37 ? 96   PHE A CE2 1 
ATOM   40   C CZ  . PHE A 1 5   ? -5.028  11.682  -6.780  1.00 19.89 ? 96   PHE A CZ  1 
ATOM   41   N N   . ALA A 1 6   ? -8.276  7.021   -6.946  1.00 15.48 ? 97   ALA A N   1 
ATOM   42   C CA  . ALA A 1 6   ? -7.955  6.466   -5.661  1.00 16.16 ? 97   ALA A CA  1 
ATOM   43   C C   . ALA A 1 6   ? -6.420  6.308   -5.557  1.00 17.15 ? 97   ALA A C   1 
ATOM   44   O O   . ALA A 1 6   ? -5.705  6.110   -6.549  1.00 16.99 ? 97   ALA A O   1 
ATOM   45   C CB  . ALA A 1 6   ? -8.622  5.092   -5.432  1.00 16.33 ? 97   ALA A CB  1 
ATOM   46   N N   . ALA A 1 7   ? -5.949  6.340   -4.319  1.00 16.46 ? 98   ALA A N   1 
ATOM   47   C CA  . ALA A 1 7   ? -4.573  6.300   -4.014  1.00 17.60 ? 98   ALA A CA  1 
ATOM   48   C C   . ALA A 1 7   ? -4.378  5.348   -2.830  1.00 19.33 ? 98   ALA A C   1 
ATOM   49   O O   . ALA A 1 7   ? -5.194  5.287   -1.874  1.00 18.96 ? 98   ALA A O   1 
ATOM   50   C CB  . ALA A 1 7   ? -3.986  7.704   -3.685  1.00 18.64 ? 98   ALA A CB  1 
ATOM   51   N N   . SER A 1 8   ? -3.297  4.576   -2.925  1.00 18.75 ? 99   SER A N   1 
ATOM   52   C CA  . SER A 1 8   ? -2.815  3.728   -1.810  1.00 18.22 ? 99   SER A CA  1 
ATOM   53   C C   . SER A 1 8   ? -2.347  4.587   -0.641  1.00 17.80 ? 99   SER A C   1 
ATOM   54   O O   . SER A 1 8   ? -2.015  5.771   -0.794  1.00 17.18 ? 99   SER A O   1 
ATOM   55   C CB  . SER A 1 8   ? -1.680  2.807   -2.343  1.00 17.60 ? 99   SER A CB  1 
ATOM   56   O OG  . SER A 1 8   ? -0.448  3.583   -2.474  1.00 19.24 ? 99   SER A OG  1 
ATOM   57   N N   . PRO A 1 9   ? -2.286  3.998   0.595   1.00 20.21 ? 100  PRO A N   1 
ATOM   58   C CA  . PRO A 1 9   ? -1.810  4.780   1.732   1.00 19.73 ? 100  PRO A CA  1 
ATOM   59   C C   . PRO A 1 9   ? -0.406  5.342   1.536   1.00 19.84 ? 100  PRO A C   1 
ATOM   60   O O   . PRO A 1 9   ? -0.178  6.514   1.926   1.00 18.79 ? 100  PRO A O   1 
ATOM   61   C CB  . PRO A 1 9   ? -1.753  3.756   2.908   1.00 21.30 ? 100  PRO A CB  1 
ATOM   62   C CG  . PRO A 1 9   ? -2.565  2.650   2.507   1.00 23.33 ? 100  PRO A CG  1 
ATOM   63   C CD  . PRO A 1 9   ? -2.903  2.729   0.995   1.00 20.26 ? 100  PRO A CD  1 
ATOM   64   N N   . ALA A 1 10  ? 0.521   4.548   0.988   1.00 18.29 ? 101  ALA A N   1 
ATOM   65   C CA  . ALA A 1 10  ? 1.925   5.059   0.798   1.00 18.96 ? 101  ALA A CA  1 
ATOM   66   C C   . ALA A 1 10  ? 1.956   6.305   -0.091  1.00 20.30 ? 101  ALA A C   1 
ATOM   67   O O   . ALA A 1 10  ? 2.566   7.326   0.225   1.00 20.23 ? 101  ALA A O   1 
ATOM   68   C CB  . ALA A 1 10  ? 2.821   4.007   0.169   1.00 21.05 ? 101  ALA A CB  1 
ATOM   69   N N   . ILE A 1 11  ? 1.233   6.189   -1.207  1.00 18.70 ? 102  ILE A N   1 
ATOM   70   C CA  . ILE A 1 11  ? 1.146   7.312   -2.119  1.00 19.08 ? 102  ILE A CA  1 
ATOM   71   C C   . ILE A 1 11  ? 0.449   8.473   -1.446  1.00 17.74 ? 102  ILE A C   1 
ATOM   72   O O   . ILE A 1 11  ? 0.905   9.596   -1.613  1.00 19.08 ? 102  ILE A O   1 
ATOM   73   C CB  . ILE A 1 11  ? 0.422   6.913   -3.391  1.00 18.02 ? 102  ILE A CB  1 
ATOM   74   C CG1 . ILE A 1 11  ? 1.442   6.251   -4.334  1.00 18.71 ? 102  ILE A CG1 1 
ATOM   75   C CG2 . ILE A 1 11  ? -0.170  8.174   -4.084  1.00 20.40 ? 102  ILE A CG2 1 
ATOM   76   C CD1 . ILE A 1 11  ? 0.767   5.451   -5.383  1.00 17.71 ? 102  ILE A CD1 1 
ATOM   77   N N   . ALA A 1 12  ? -0.655  8.224   -0.722  1.00 18.51 ? 103  ALA A N   1 
ATOM   78   C CA  . ALA A 1 12  ? -1.440  9.310   -0.099  1.00 19.90 ? 103  ALA A CA  1 
ATOM   79   C C   . ALA A 1 12  ? -0.567  10.100  0.922   1.00 20.24 ? 103  ALA A C   1 
ATOM   80   O O   . ALA A 1 12  ? -0.786  11.295  1.164   1.00 19.23 ? 103  ALA A O   1 
ATOM   81   C CB  . ALA A 1 12  ? -2.717  8.782   0.607   1.00 19.94 ? 103  ALA A CB  1 
ATOM   82   N N   . LEU A 1 13  ? 0.410   9.405   1.530   1.00 19.20 ? 104  LEU A N   1 
ATOM   83   C CA  . LEU A 1 13  ? 1.229   10.020  2.573   1.00 19.83 ? 104  LEU A CA  1 
ATOM   84   C C   . LEU A 1 13  ? 2.477   10.778  2.127   1.00 22.13 ? 104  LEU A C   1 
ATOM   85   O O   . LEU A 1 13  ? 3.080   11.539  2.890   1.00 23.01 ? 104  LEU A O   1 
ATOM   86   C CB  . LEU A 1 13  ? 1.660   8.994   3.623   1.00 17.52 ? 104  LEU A CB  1 
ATOM   87   C CG  . LEU A 1 13  ? 0.462   8.492   4.446   1.00 17.91 ? 104  LEU A CG  1 
ATOM   88   C CD1 . LEU A 1 13  ? 0.959   7.264   5.317   1.00 15.09 ? 104  LEU A CD1 1 
ATOM   89   C CD2 . LEU A 1 13  ? -0.143  9.562   5.382   1.00 15.40 ? 104  LEU A CD2 1 
ATOM   90   N N   . ALA A 1 14  ? 2.977   10.479  0.962   1.00 25.08 ? 105  ALA A N   1 
ATOM   91   C CA  . ALA A 1 14  ? 4.221   11.179  0.624   1.00 26.44 ? 105  ALA A CA  1 
ATOM   92   C C   . ALA A 1 14  ? 4.069   11.805  -0.787  1.00 26.95 ? 105  ALA A C   1 
ATOM   93   O O   . ALA A 1 14  ? 4.132   13.025  -0.936  1.00 30.09 ? 105  ALA A O   1 
ATOM   94   C CB  . ALA A 1 14  ? 5.372   10.201  0.689   1.00 26.55 ? 105  ALA A CB  1 
ATOM   95   N N   . ALA A 1 15  ? 3.821   10.988  -1.787  1.00 25.93 ? 106  ALA A N   1 
ATOM   96   C CA  . ALA A 1 15  ? 3.813   11.502  -3.189  1.00 25.57 ? 106  ALA A CA  1 
ATOM   97   C C   . ALA A 1 15  ? 2.672   12.432  -3.410  1.00 24.48 ? 106  ALA A C   1 
ATOM   98   O O   . ALA A 1 15  ? 2.830   13.505  -4.002  1.00 23.37 ? 106  ALA A O   1 
ATOM   99   C CB  . ALA A 1 15  ? 3.732   10.360  -4.191  1.00 25.16 ? 106  ALA A CB  1 
ATOM   100  N N   . LEU A 1 16  ? 1.498   12.017  -2.947  1.00 23.94 ? 107  LEU A N   1 
ATOM   101  C CA  . LEU A 1 16  ? 0.311   12.807  -3.201  1.00 24.60 ? 107  LEU A CA  1 
ATOM   102  C C   . LEU A 1 16  ? 0.297   14.303  -2.798  1.00 24.92 ? 107  LEU A C   1 
ATOM   103  O O   . LEU A 1 16  ? -0.041  15.140  -3.674  1.00 27.59 ? 107  LEU A O   1 
ATOM   104  C CB  . LEU A 1 16  ? -0.969  11.984  -2.851  1.00 24.40 ? 107  LEU A CB  1 
ATOM   105  C CG  . LEU A 1 16  ? -2.294  12.560  -3.310  1.00 27.67 ? 107  LEU A CG  1 
ATOM   106  C CD1 . LEU A 1 16  ? -2.268  12.473  -4.821  1.00 27.98 ? 107  LEU A CD1 1 
ATOM   107  C CD2 . LEU A 1 16  ? -3.505  11.763  -2.703  1.00 30.94 ? 107  LEU A CD2 1 
ATOM   108  N N   . PRO A 1 17  ? 0.670   14.682  -1.544  1.00 24.65 ? 108  PRO A N   1 
ATOM   109  C CA  . PRO A 1 17  ? 0.615   16.124  -1.187  1.00 24.84 ? 108  PRO A CA  1 
ATOM   110  C C   . PRO A 1 17  ? 1.562   16.990  -2.059  1.00 26.20 ? 108  PRO A C   1 
ATOM   111  O O   . PRO A 1 17  ? 1.179   18.082  -2.447  1.00 27.32 ? 108  PRO A O   1 
ATOM   112  C CB  . PRO A 1 17  ? 1.117   16.154  0.271   1.00 23.45 ? 108  PRO A CB  1 
ATOM   113  C CG  . PRO A 1 17  ? 0.859   14.735  0.803   1.00 25.39 ? 108  PRO A CG  1 
ATOM   114  C CD  . PRO A 1 17  ? 1.157   13.861  -0.392  1.00 23.07 ? 108  PRO A CD  1 
ATOM   115  N N   . LEU A 1 18  ? 2.748   16.471  -2.388  1.00 26.91 ? 109  LEU A N   1 
ATOM   116  C CA  . LEU A 1 18  ? 3.725   17.190  -3.240  1.00 28.24 ? 109  LEU A CA  1 
ATOM   117  C C   . LEU A 1 18  ? 3.210   17.208  -4.679  1.00 27.50 ? 109  LEU A C   1 
ATOM   118  O O   . LEU A 1 18  ? 3.265   18.265  -5.339  1.00 29.10 ? 109  LEU A O   1 
ATOM   119  C CB  . LEU A 1 18  ? 5.072   16.483  -3.243  1.00 28.93 ? 109  LEU A CB  1 
ATOM   120  C CG  . LEU A 1 18  ? 5.816   16.586  -1.921  1.00 33.13 ? 109  LEU A CG  1 
ATOM   121  C CD1 . LEU A 1 18  ? 6.795   15.407  -1.837  1.00 36.60 ? 109  LEU A CD1 1 
ATOM   122  C CD2 . LEU A 1 18  ? 6.514   17.954  -1.821  1.00 36.96 ? 109  LEU A CD2 1 
ATOM   123  N N   . ALA A 1 19  ? 2.732   16.061  -5.168  1.00 25.35 ? 110  ALA A N   1 
ATOM   124  C CA  . ALA A 1 19  ? 2.175   15.946  -6.542  1.00 26.50 ? 110  ALA A CA  1 
ATOM   125  C C   . ALA A 1 19  ? 0.946   16.866  -6.775  1.00 27.53 ? 110  ALA A C   1 
ATOM   126  O O   . ALA A 1 19  ? 0.816   17.507  -7.835  1.00 28.43 ? 110  ALA A O   1 
ATOM   127  C CB  . ALA A 1 19  ? 1.827   14.517  -6.875  1.00 24.11 ? 110  ALA A CB  1 
ATOM   128  N N   . LEU A 1 20  ? 0.032   16.934  -5.808  1.00 26.60 ? 111  LEU A N   1 
ATOM   129  C CA  . LEU A 1 20  ? -1.105  17.835  -5.963  1.00 25.66 ? 111  LEU A CA  1 
ATOM   130  C C   . LEU A 1 20  ? -0.693  19.296  -5.964  1.00 27.38 ? 111  LEU A C   1 
ATOM   131  O O   . LEU A 1 20  ? -1.355  20.140  -6.615  1.00 28.64 ? 111  LEU A O   1 
ATOM   132  C CB  . LEU A 1 20  ? -2.203  17.593  -4.886  1.00 23.91 ? 111  LEU A CB  1 
ATOM   133  C CG  . LEU A 1 20  ? -2.884  16.223  -5.049  1.00 20.19 ? 111  LEU A CG  1 
ATOM   134  C CD1 . LEU A 1 20  ? -3.816  15.921  -3.842  1.00 22.80 ? 111  LEU A CD1 1 
ATOM   135  C CD2 . LEU A 1 20  ? -3.656  16.123  -6.368  1.00 22.10 ? 111  LEU A CD2 1 
ATOM   136  N N   . ALA A 1 21  ? 0.327   19.623  -5.190  1.00 27.38 ? 112  ALA A N   1 
ATOM   137  C CA  . ALA A 1 21  ? 0.882   21.001  -5.223  1.00 28.69 ? 112  ALA A CA  1 
ATOM   138  C C   . ALA A 1 21  ? 1.509   21.335  -6.593  1.00 29.16 ? 112  ALA A C   1 
ATOM   139  O O   . ALA A 1 21  ? 1.248   22.392  -7.172  1.00 31.84 ? 112  ALA A O   1 
ATOM   140  C CB  . ALA A 1 21  ? 1.846   21.239  -4.048  1.00 27.22 ? 112  ALA A CB  1 
ATOM   141  N N   . SER A 1 22  ? 2.277   20.426  -7.157  1.00 30.51 ? 113  SER A N   1 
ATOM   142  C CA  . SER A 1 22  ? 2.961   20.690  -8.408  1.00 30.95 ? 113  SER A CA  1 
ATOM   143  C C   . SER A 1 22  ? 1.950   20.713  -9.573  1.00 31.33 ? 113  SER A C   1 
ATOM   144  O O   . SER A 1 22  ? 2.022   21.602  -10.458 1.00 30.28 ? 113  SER A O   1 
ATOM   145  C CB  . SER A 1 22  ? 4.006   19.620  -8.633  1.00 31.37 ? 113  SER A CB  1 
ATOM   146  O OG  . SER A 1 22  ? 4.948   19.646  -7.573  1.00 34.81 ? 113  SER A OG  1 
ATOM   147  N N   . PHE A 1 23  ? 1.014   19.757  -9.537  1.00 30.41 ? 114  PHE A N   1 
ATOM   148  C CA  . PHE A 1 23  ? -0.078  19.606  -10.519 1.00 31.16 ? 114  PHE A CA  1 
ATOM   149  C C   . PHE A 1 23  ? -0.981  20.836  -10.496 1.00 31.94 ? 114  PHE A C   1 
ATOM   150  O O   . PHE A 1 23  ? -1.426  21.302  -11.550 1.00 32.06 ? 114  PHE A O   1 
ATOM   151  C CB  . PHE A 1 23  ? -0.922  18.322  -10.250 1.00 29.80 ? 114  PHE A CB  1 
ATOM   152  C CG  . PHE A 1 23  ? -2.237  18.264  -11.000 1.00 27.57 ? 114  PHE A CG  1 
ATOM   153  C CD1 . PHE A 1 23  ? -2.303  17.762  -12.278 1.00 27.68 ? 114  PHE A CD1 1 
ATOM   154  C CD2 . PHE A 1 23  ? -3.398  18.729  -10.421 1.00 27.49 ? 114  PHE A CD2 1 
ATOM   155  C CE1 . PHE A 1 23  ? -3.568  17.707  -12.982 1.00 29.74 ? 114  PHE A CE1 1 
ATOM   156  C CE2 . PHE A 1 23  ? -4.653  18.676  -11.066 1.00 26.84 ? 114  PHE A CE2 1 
ATOM   157  C CZ  . PHE A 1 23  ? -4.738  18.185  -12.368 1.00 28.43 ? 114  PHE A CZ  1 
ATOM   158  N N   . ALA A 1 24  ? -1.304  21.350  -9.312  1.00 32.43 ? 115  ALA A N   1 
ATOM   159  C CA  . ALA A 1 24  ? -2.211  22.503  -9.283  1.00 34.05 ? 115  ALA A CA  1 
ATOM   160  C C   . ALA A 1 24  ? -1.589  23.757  -9.916  1.00 35.82 ? 115  ALA A C   1 
ATOM   161  O O   . ALA A 1 24  ? -2.332  24.613  -10.354 1.00 35.60 ? 115  ALA A O   1 
ATOM   162  C CB  . ALA A 1 24  ? -2.717  22.791  -7.915  1.00 34.32 ? 115  ALA A CB  1 
ATOM   163  N N   . ARG A 1 25  ? -0.250  23.844  -9.960  1.00 37.48 ? 116  ARG A N   1 
ATOM   164  C CA  . ARG A 1 25  ? 0.487   24.936  -10.642 1.00 39.81 ? 116  ARG A CA  1 
ATOM   165  C C   . ARG A 1 25  ? 0.302   24.791  -12.157 1.00 40.38 ? 116  ARG A C   1 
ATOM   166  O O   . ARG A 1 25  ? -0.033  25.755  -12.868 1.00 40.72 ? 116  ARG A O   1 
ATOM   167  C CB  . ARG A 1 25  ? 1.998   24.852  -10.326 1.00 40.84 ? 116  ARG A CB  1 
ATOM   168  C CG  . ARG A 1 25  ? 2.579   25.853  -9.322  1.00 45.47 ? 116  ARG A CG  1 
ATOM   169  C CD  . ARG A 1 25  ? 3.910   25.328  -8.694  1.00 51.61 ? 116  ARG A CD  1 
ATOM   170  N NE  . ARG A 1 25  ? 4.941   25.000  -9.701  1.00 54.28 ? 116  ARG A NE  1 
ATOM   171  C CZ  . ARG A 1 25  ? 5.869   24.037  -9.587  1.00 53.70 ? 116  ARG A CZ  1 
ATOM   172  N NH1 . ARG A 1 25  ? 5.925   23.242  -8.514  1.00 54.83 ? 116  ARG A NH1 1 
ATOM   173  N NH2 . ARG A 1 25  ? 6.742   23.851  -10.571 1.00 52.75 ? 116  ARG A NH2 1 
ATOM   174  N N   . GLU A 1 26  ? 0.500   23.574  -12.652 1.00 40.20 ? 117  GLU A N   1 
ATOM   175  C CA  . GLU A 1 26  ? 0.443   23.313  -14.083 1.00 40.62 ? 117  GLU A CA  1 
ATOM   176  C C   . GLU A 1 26  ? -0.964  23.276  -14.622 1.00 40.30 ? 117  GLU A C   1 
ATOM   177  O O   . GLU A 1 26  ? -1.195  23.723  -15.755 1.00 40.37 ? 117  GLU A O   1 
ATOM   178  C CB  . GLU A 1 26  ? 1.164   22.022  -14.420 1.00 41.20 ? 117  GLU A CB  1 
ATOM   179  C CG  . GLU A 1 26  ? 1.529   21.886  -15.886 1.00 43.95 ? 117  GLU A CG  1 
ATOM   180  C CD  . GLU A 1 26  ? 2.176   20.542  -16.175 1.00 48.32 ? 117  GLU A CD  1 
ATOM   181  O OE1 . GLU A 1 26  ? 2.362   19.736  -15.218 1.00 47.70 ? 117  GLU A OE1 1 
ATOM   182  O OE2 . GLU A 1 26  ? 2.492   20.292  -17.361 1.00 49.45 ? 117  GLU A OE2 1 
ATOM   183  N N   . PHE A 1 27  ? -1.907  22.754  -13.836 1.00 39.32 ? 118  PHE A N   1 
ATOM   184  C CA  . PHE A 1 27  ? -3.333  22.731  -14.224 1.00 38.84 ? 118  PHE A CA  1 
ATOM   185  C C   . PHE A 1 27  ? -4.228  23.386  -13.190 1.00 39.67 ? 118  PHE A C   1 
ATOM   186  O O   . PHE A 1 27  ? -5.013  22.695  -12.541 1.00 39.34 ? 118  PHE A O   1 
ATOM   187  C CB  . PHE A 1 27  ? -3.790  21.285  -14.413 1.00 38.54 ? 118  PHE A CB  1 
ATOM   188  C CG  . PHE A 1 27  ? -2.994  20.546  -15.396 1.00 38.69 ? 118  PHE A CG  1 
ATOM   189  C CD1 . PHE A 1 27  ? -3.397  20.504  -16.728 1.00 38.88 ? 118  PHE A CD1 1 
ATOM   190  C CD2 . PHE A 1 27  ? -1.814  19.923  -15.019 1.00 38.41 ? 118  PHE A CD2 1 
ATOM   191  C CE1 . PHE A 1 27  ? -2.638  19.825  -17.668 1.00 42.37 ? 118  PHE A CE1 1 
ATOM   192  C CE2 . PHE A 1 27  ? -1.028  19.241  -15.944 1.00 42.02 ? 118  PHE A CE2 1 
ATOM   193  C CZ  . PHE A 1 27  ? -1.441  19.191  -17.283 1.00 43.66 ? 118  PHE A CZ  1 
ATOM   194  N N   . PRO A 1 28  ? -4.138  24.723  -13.028 1.00 40.18 ? 119  PRO A N   1 
ATOM   195  C CA  . PRO A 1 28  ? -4.869  25.382  -11.932 1.00 40.76 ? 119  PRO A CA  1 
ATOM   196  C C   . PRO A 1 28  ? -6.386  25.263  -12.048 1.00 40.82 ? 119  PRO A C   1 
ATOM   197  O O   . PRO A 1 28  ? -7.084  25.457  -11.081 1.00 42.52 ? 119  PRO A O   1 
ATOM   198  C CB  . PRO A 1 28  ? -4.411  26.855  -12.034 1.00 41.18 ? 119  PRO A CB  1 
ATOM   199  C CG  . PRO A 1 28  ? -4.087  27.038  -13.482 1.00 41.14 ? 119  PRO A CG  1 
ATOM   200  C CD  . PRO A 1 28  ? -3.475  25.703  -13.918 1.00 40.88 ? 119  PRO A CD  1 
ATOM   201  N N   . ASP A 1 29  ? -6.862  24.889  -13.223 1.00 41.21 ? 120  ASP A N   1 
ATOM   202  C CA  . ASP A 1 29  ? -8.277  24.801  -13.582 1.00 41.36 ? 120  ASP A CA  1 
ATOM   203  C C   . ASP A 1 29  ? -8.958  23.423  -13.344 1.00 39.84 ? 120  ASP A C   1 
ATOM   204  O O   . ASP A 1 29  ? -10.179 23.288  -13.540 1.00 40.06 ? 120  ASP A O   1 
ATOM   205  C CB  . ASP A 1 29  ? -8.368  25.112  -15.083 1.00 42.17 ? 120  ASP A CB  1 
ATOM   206  C CG  . ASP A 1 29  ? -7.324  24.290  -15.923 1.00 46.81 ? 120  ASP A CG  1 
ATOM   207  O OD1 . ASP A 1 29  ? -6.107  24.267  -15.570 1.00 46.88 ? 120  ASP A OD1 1 
ATOM   208  O OD2 . ASP A 1 29  ? -7.735  23.647  -16.935 1.00 50.28 ? 120  ASP A OD2 1 
ATOM   209  N N   . VAL A 1 30  ? -8.188  22.409  -12.940 1.00 36.87 ? 121  VAL A N   1 
ATOM   210  C CA  . VAL A 1 30  ? -8.699  21.037  -12.834 1.00 34.51 ? 121  VAL A CA  1 
ATOM   211  C C   . VAL A 1 30  ? -9.027  20.785  -11.355 1.00 33.44 ? 121  VAL A C   1 
ATOM   212  O O   . VAL A 1 30  ? -8.216  21.100  -10.495 1.00 34.05 ? 121  VAL A O   1 
ATOM   213  C CB  . VAL A 1 30  ? -7.617  20.037  -13.254 1.00 34.54 ? 121  VAL A CB  1 
ATOM   214  C CG1 . VAL A 1 30  ? -8.141  18.608  -13.199 1.00 32.75 ? 121  VAL A CG1 1 
ATOM   215  C CG2 . VAL A 1 30  ? -7.102  20.348  -14.631 1.00 33.95 ? 121  VAL A CG2 1 
ATOM   216  N N   . THR A 1 31  ? -10.218 20.279  -11.067 1.00 30.24 ? 122  THR A N   1 
ATOM   217  C CA  . THR A 1 31  ? -10.569 19.915  -9.689  1.00 29.64 ? 122  THR A CA  1 
ATOM   218  C C   . THR A 1 31  ? -10.375 18.449  -9.380  1.00 26.75 ? 122  THR A C   1 
ATOM   219  O O   . THR A 1 31  ? -10.878 17.597  -10.080 1.00 26.21 ? 122  THR A O   1 
ATOM   220  C CB  . THR A 1 31  ? -12.010 20.319  -9.374  1.00 30.99 ? 122  THR A CB  1 
ATOM   221  O OG1 . THR A 1 31  ? -12.069 21.748  -9.430  1.00 34.79 ? 122  THR A OG1 1 
ATOM   222  C CG2 . THR A 1 31  ? -12.431 19.869  -7.965  1.00 31.88 ? 122  THR A CG2 1 
ATOM   223  N N   . VAL A 1 32  ? -9.653  18.155  -8.310  1.00 24.40 ? 123  VAL A N   1 
ATOM   224  C CA  . VAL A 1 32  ? -9.290  16.784  -8.046  1.00 23.40 ? 123  VAL A CA  1 
ATOM   225  C C   . VAL A 1 32  ? -10.254 16.203  -7.003  1.00 21.95 ? 123  VAL A C   1 
ATOM   226  O O   . VAL A 1 32  ? -10.612 16.876  -6.042  1.00 18.19 ? 123  VAL A O   1 
ATOM   227  C CB  . VAL A 1 32  ? -7.816  16.719  -7.630  1.00 24.48 ? 123  VAL A CB  1 
ATOM   228  C CG1 . VAL A 1 32  ? -7.426  15.327  -7.435  1.00 26.66 ? 123  VAL A CG1 1 
ATOM   229  C CG2 . VAL A 1 32  ? -6.944  17.259  -8.832  1.00 29.10 ? 123  VAL A CG2 1 
ATOM   230  N N   . ASN A 1 33  ? -10.709 14.962  -7.211  1.00 19.73 ? 124  ASN A N   1 
ATOM   231  C CA  . ASN A 1 33  ? -11.379 14.223  -6.177  1.00 19.63 ? 124  ASN A CA  1 
ATOM   232  C C   . ASN A 1 33  ? -10.556 12.964  -5.827  1.00 19.44 ? 124  ASN A C   1 
ATOM   233  O O   . ASN A 1 33  ? -10.427 12.075  -6.638  1.00 18.18 ? 124  ASN A O   1 
ATOM   234  C CB  . ASN A 1 33  ? -12.775 13.835  -6.676  1.00 22.04 ? 124  ASN A CB  1 
ATOM   235  C CG  . ASN A 1 33  ? -13.622 13.214  -5.625  1.00 26.50 ? 124  ASN A CG  1 
ATOM   236  O OD1 . ASN A 1 33  ? -13.139 12.422  -4.822  1.00 28.47 ? 124  ASN A OD1 1 
ATOM   237  N ND2 . ASN A 1 33  ? -14.942 13.547  -5.630  1.00 28.43 ? 124  ASN A ND2 1 
ATOM   238  N N   . VAL A 1 34  ? -10.012 12.922  -4.636  1.00 17.36 ? 125  VAL A N   1 
ATOM   239  C CA  . VAL A 1 34  ? -9.178  11.798  -4.263  1.00 18.36 ? 125  VAL A CA  1 
ATOM   240  C C   . VAL A 1 34  ? -9.797  10.989  -3.151  1.00 18.54 ? 125  VAL A C   1 
ATOM   241  O O   . VAL A 1 34  ? -10.400 11.525  -2.183  1.00 16.82 ? 125  VAL A O   1 
ATOM   242  C CB  . VAL A 1 34  ? -7.744  12.234  -4.004  1.00 21.60 ? 125  VAL A CB  1 
ATOM   243  C CG1 . VAL A 1 34  ? -7.673  13.096  -2.742  1.00 22.54 ? 125  VAL A CG1 1 
ATOM   244  C CG2 . VAL A 1 34  ? -6.762  10.988  -3.970  1.00 22.95 ? 125  VAL A CG2 1 
ATOM   245  N N   . ARG A 1 35  ? -9.651  9.672   -3.278  1.00 16.65 ? 126  ARG A N   1 
ATOM   246  C CA  . ARG A 1 35  ? -10.230 8.787   -2.322  1.00 19.18 ? 126  ARG A CA  1 
ATOM   247  C C   . ARG A 1 35  ? -9.271  7.599   -1.995  1.00 17.20 ? 126  ARG A C   1 
ATOM   248  O O   . ARG A 1 35  ? -8.305  7.413   -2.710  1.00 14.86 ? 126  ARG A O   1 
ATOM   249  C CB  . ARG A 1 35  ? -11.506 8.286   -2.940  1.00 19.73 ? 126  ARG A CB  1 
ATOM   250  C CG  . ARG A 1 35  ? -11.406 7.246   -3.941  1.00 26.65 ? 126  ARG A CG  1 
ATOM   251  C CD  . ARG A 1 35  ? -12.870 6.813   -4.220  1.00 36.01 ? 126  ARG A CD  1 
ATOM   252  N NE  . ARG A 1 35  ? -13.697 7.952   -4.653  1.00 42.75 ? 126  ARG A NE  1 
ATOM   253  C CZ  . ARG A 1 35  ? -14.989 7.868   -5.017  1.00 47.11 ? 126  ARG A CZ  1 
ATOM   254  N NH1 . ARG A 1 35  ? -15.627 6.694   -4.983  1.00 47.44 ? 126  ARG A NH1 1 
ATOM   255  N NH2 . ARG A 1 35  ? -15.651 8.959   -5.407  1.00 45.49 ? 126  ARG A NH2 1 
ATOM   256  N N   . ASP A 1 36  ? -9.500  6.870   -0.908  1.00 16.51 ? 127  ASP A N   1 
ATOM   257  C CA  . ASP A 1 36  ? -8.756  5.612   -0.732  1.00 19.80 ? 127  ASP A CA  1 
ATOM   258  C C   . ASP A 1 36  ? -9.294  4.530   -1.650  1.00 20.26 ? 127  ASP A C   1 
ATOM   259  O O   . ASP A 1 36  ? -10.434 4.521   -2.003  1.00 18.90 ? 127  ASP A O   1 
ATOM   260  C CB  . ASP A 1 36  ? -8.789  5.046   0.713   1.00 20.94 ? 127  ASP A CB  1 
ATOM   261  C CG  . ASP A 1 36  ? -8.388  6.070   1.764   1.00 19.84 ? 127  ASP A CG  1 
ATOM   262  O OD1 . ASP A 1 36  ? -7.300  6.627   1.703   1.00 20.25 ? 127  ASP A OD1 1 
ATOM   263  O OD2 . ASP A 1 36  ? -9.176  6.289   2.699   1.00 26.55 ? 127  ASP A OD2 1 
ATOM   264  N N   . GLY A 1 37  ? -8.457  3.578   -1.976  1.00 20.96 ? 128  GLY A N   1 
ATOM   265  C CA  . GLY A 1 37  ? -8.965  2.422   -2.709  1.00 21.90 ? 128  GLY A CA  1 
ATOM   266  C C   . GLY A 1 37  ? -7.799  1.468   -2.835  1.00 21.23 ? 128  GLY A C   1 
ATOM   267  O O   . GLY A 1 37  ? -6.604  1.870   -2.822  1.00 20.91 ? 128  GLY A O   1 
ATOM   268  N N   . MET A 1 38  ? -8.144  0.203   -2.805  1.00 21.49 ? 129  MET A N   1 
ATOM   269  C CA  . MET A 1 38  ? -7.161  -0.835  -3.084  1.00 22.62 ? 129  MET A CA  1 
ATOM   270  C C   . MET A 1 38  ? -7.813  -1.757  -4.092  1.00 23.52 ? 129  MET A C   1 
ATOM   271  O O   . MET A 1 38  ? -9.053  -1.882  -4.087  1.00 23.77 ? 129  MET A O   1 
ATOM   272  C CB  . MET A 1 38  ? -6.881  -1.635  -1.794  1.00 23.99 ? 129  MET A CB  1 
ATOM   273  C CG  . MET A 1 38  ? -7.039  -3.164  -2.006  0.50 24.62 ? 129  MET A CG  1 
ATOM   274  S SD  . MET A 1 38  ? -6.485  -4.325  -0.726  0.50 27.07 ? 129  MET A SD  1 
ATOM   275  C CE  . MET A 1 38  ? -4.945  -3.553  -0.542  0.50 7.50  ? 129  MET A CE  1 
ATOM   276  N N   . TYR A 1 39  ? -6.999  -2.400  -4.958  1.00 24.04 ? 130  TYR A N   1 
ATOM   277  C CA  . TYR A 1 39  ? -7.452  -3.496  -5.809  1.00 26.11 ? 130  TYR A CA  1 
ATOM   278  C C   . TYR A 1 39  ? -7.615  -4.774  -4.933  1.00 27.54 ? 130  TYR A C   1 
ATOM   279  O O   . TYR A 1 39  ? -6.756  -5.045  -4.134  1.00 26.83 ? 130  TYR A O   1 
ATOM   280  C CB  . TYR A 1 39  ? -6.412  -3.749  -6.949  1.00 27.98 ? 130  TYR A CB  1 
ATOM   281  C CG  . TYR A 1 39  ? -7.000  -4.647  -7.997  1.00 31.85 ? 130  TYR A CG  1 
ATOM   282  C CD1 . TYR A 1 39  ? -6.758  -6.025  -7.992  1.00 36.41 ? 130  TYR A CD1 1 
ATOM   283  C CD2 . TYR A 1 39  ? -7.887  -4.131  -8.961  1.00 36.41 ? 130  TYR A CD2 1 
ATOM   284  C CE1 . TYR A 1 39  ? -7.380  -6.862  -8.948  1.00 38.49 ? 130  TYR A CE1 1 
ATOM   285  C CE2 . TYR A 1 39  ? -8.486  -4.958  -9.920  1.00 38.42 ? 130  TYR A CE2 1 
ATOM   286  C CZ  . TYR A 1 39  ? -8.225  -6.316  -9.904  1.00 40.10 ? 130  TYR A CZ  1 
ATOM   287  O OH  . TYR A 1 39  ? -8.841  -7.117  -10.833 1.00 42.84 ? 130  TYR A OH  1 
ATOM   288  N N   . PRO A 1 40  ? -8.679  -5.568  -5.108  1.00 27.83 ? 131  PRO A N   1 
ATOM   289  C CA  . PRO A 1 40  ? -9.682  -5.512  -6.189  1.00 29.62 ? 131  PRO A CA  1 
ATOM   290  C C   . PRO A 1 40  ? -10.916 -4.684  -5.897  1.00 28.59 ? 131  PRO A C   1 
ATOM   291  O O   . PRO A 1 40  ? -11.802 -4.636  -6.734  1.00 28.81 ? 131  PRO A O   1 
ATOM   292  C CB  . PRO A 1 40  ? -10.033 -6.991  -6.399  1.00 29.76 ? 131  PRO A CB  1 
ATOM   293  C CG  . PRO A 1 40  ? -9.956  -7.550  -5.035  1.00 30.14 ? 131  PRO A CG  1 
ATOM   294  C CD  . PRO A 1 40  ? -8.783  -6.842  -4.361  1.00 30.28 ? 131  PRO A CD  1 
ATOM   295  N N   . ALA A 1 41  ? -10.984 -4.020  -4.740  1.00 29.48 ? 132  ALA A N   1 
ATOM   296  C CA  . ALA A 1 41  ? -12.211 -3.209  -4.399  1.00 28.44 ? 132  ALA A CA  1 
ATOM   297  C C   . ALA A 1 41  ? -12.483 -2.088  -5.396  1.00 27.93 ? 132  ALA A C   1 
ATOM   298  O O   . ALA A 1 41  ? -13.651 -1.809  -5.725  1.00 29.07 ? 132  ALA A O   1 
ATOM   299  C CB  . ALA A 1 41  ? -12.135 -2.664  -2.987  1.00 29.03 ? 132  ALA A CB  1 
ATOM   300  N N   . VAL A 1 42  ? -11.431 -1.448  -5.917  1.00 26.83 ? 133  VAL A N   1 
ATOM   301  C CA  . VAL A 1 42  ? -11.602 -0.367  -6.924  1.00 27.15 ? 133  VAL A CA  1 
ATOM   302  C C   . VAL A 1 42  ? -12.109 -0.850  -8.284  1.00 27.85 ? 133  VAL A C   1 
ATOM   303  O O   . VAL A 1 42  ? -12.641 -0.068  -9.095  1.00 27.21 ? 133  VAL A O   1 
ATOM   304  C CB  . VAL A 1 42  ? -10.297 0.436   -7.207  1.00 25.01 ? 133  VAL A CB  1 
ATOM   305  C CG1 . VAL A 1 42  ? -9.989  1.372   -6.057  1.00 29.00 ? 133  VAL A CG1 1 
ATOM   306  C CG2 . VAL A 1 42  ? -9.131  -0.456  -7.492  1.00 25.35 ? 133  VAL A CG2 1 
ATOM   307  N N   . SER A 1 43  ? -11.939 -2.132  -8.542  1.00 27.37 ? 134  SER A N   1 
ATOM   308  C CA  . SER A 1 43  ? -12.224 -2.662  -9.879  1.00 29.13 ? 134  SER A CA  1 
ATOM   309  C C   . SER A 1 43  ? -13.628 -2.267  -10.443 1.00 28.53 ? 134  SER A C   1 
ATOM   310  O O   . SER A 1 43  ? -13.705 -1.712  -11.532 1.00 28.06 ? 134  SER A O   1 
ATOM   311  C CB  . SER A 1 43  ? -11.965 -4.173  -9.940  1.00 29.37 ? 134  SER A CB  1 
ATOM   312  O OG  . SER A 1 43  ? -12.421 -4.682  -11.192 1.00 35.71 ? 134  SER A OG  1 
ATOM   313  N N   . PRO A 1 44  ? -14.720 -2.512  -9.700  1.00 28.89 ? 135  PRO A N   1 
ATOM   314  C CA  . PRO A 1 44  ? -16.012 -2.045  -10.237 1.00 29.07 ? 135  PRO A CA  1 
ATOM   315  C C   . PRO A 1 44  ? -16.055 -0.534  -10.505 1.00 29.73 ? 135  PRO A C   1 
ATOM   316  O O   . PRO A 1 44  ? -16.704 -0.080  -11.484 1.00 30.64 ? 135  PRO A O   1 
ATOM   317  C CB  . PRO A 1 44  ? -17.008 -2.408  -9.122  1.00 29.35 ? 135  PRO A CB  1 
ATOM   318  C CG  . PRO A 1 44  ? -16.289 -3.469  -8.313  1.00 30.30 ? 135  PRO A CG  1 
ATOM   319  C CD  . PRO A 1 44  ? -14.865 -3.050  -8.334  1.00 28.75 ? 135  PRO A CD  1 
ATOM   320  N N   . GLN A 1 45  ? -15.337 0.243   -9.687  1.00 28.00 ? 136  GLN A N   1 
ATOM   321  C CA  . GLN A 1 45  ? -15.394 1.678   -9.797  1.00 28.85 ? 136  GLN A CA  1 
ATOM   322  C C   . GLN A 1 45  ? -14.605 2.140   -11.001 1.00 27.60 ? 136  GLN A C   1 
ATOM   323  O O   . GLN A 1 45  ? -14.949 3.134   -11.665 1.00 27.11 ? 136  GLN A O   1 
ATOM   324  C CB  . GLN A 1 45  ? -14.851 2.317   -8.511  1.00 29.39 ? 136  GLN A CB  1 
ATOM   325  C CG  . GLN A 1 45  ? -15.283 1.615   -7.194  1.00 37.57 ? 136  GLN A CG  1 
ATOM   326  C CD  . GLN A 1 45  ? -14.797 2.415   -5.992  1.00 44.81 ? 136  GLN A CD  1 
ATOM   327  O OE1 . GLN A 1 45  ? -15.374 3.449   -5.664  1.00 49.10 ? 136  GLN A OE1 1 
ATOM   328  N NE2 . GLN A 1 45  ? -13.699 1.988   -5.386  1.00 45.00 ? 136  GLN A NE2 1 
ATOM   329  N N   . LEU A 1 46  ? -13.557 1.399   -11.326 1.00 25.63 ? 137  LEU A N   1 
ATOM   330  C CA  . LEU A 1 46  ? -12.800 1.714   -12.514 1.00 26.88 ? 137  LEU A CA  1 
ATOM   331  C C   . LEU A 1 46  ? -13.642 1.313   -13.723 1.00 28.82 ? 137  LEU A C   1 
ATOM   332  O O   . LEU A 1 46  ? -13.793 2.110   -14.672 1.00 28.05 ? 137  LEU A O   1 
ATOM   333  C CB  . LEU A 1 46  ? -11.470 0.965   -12.483 1.00 25.59 ? 137  LEU A CB  1 
ATOM   334  C CG  . LEU A 1 46  ? -10.469 1.528   -11.473 1.00 20.46 ? 137  LEU A CG  1 
ATOM   335  C CD1 . LEU A 1 46  ? -9.398  0.480   -11.359 1.00 25.42 ? 137  LEU A CD1 1 
ATOM   336  C CD2 . LEU A 1 46  ? -9.901  2.857   -12.037 1.00 19.16 ? 137  LEU A CD2 1 
ATOM   337  N N   . ARG A 1 47  ? -14.212 0.106   -13.661 1.00 32.05 ? 138  ARG A N   1 
ATOM   338  C CA  . ARG A 1 47  ? -15.021 -0.455  -14.776 1.00 35.36 ? 138  ARG A CA  1 
ATOM   339  C C   . ARG A 1 47  ? -16.125 0.475   -15.250 1.00 35.80 ? 138  ARG A C   1 
ATOM   340  O O   . ARG A 1 47  ? -16.341 0.624   -16.463 1.00 36.67 ? 138  ARG A O   1 
ATOM   341  C CB  . ARG A 1 47  ? -15.703 -1.801  -14.415 1.00 36.39 ? 138  ARG A CB  1 
ATOM   342  C CG  . ARG A 1 47  ? -14.880 -3.042  -14.508 1.00 41.87 ? 138  ARG A CG  1 
ATOM   343  C CD  . ARG A 1 47  ? -15.741 -4.313  -14.697 1.00 46.55 ? 138  ARG A CD  1 
ATOM   344  N NE  . ARG A 1 47  ? -16.868 -4.452  -13.758 1.00 52.41 ? 138  ARG A NE  1 
ATOM   345  C CZ  . ARG A 1 47  ? -16.805 -4.966  -12.513 1.00 53.80 ? 138  ARG A CZ  1 
ATOM   346  N NH1 . ARG A 1 47  ? -15.646 -5.370  -11.984 1.00 50.40 ? 138  ARG A NH1 1 
ATOM   347  N NH2 . ARG A 1 47  ? -17.922 -5.045  -11.775 1.00 51.78 ? 138  ARG A NH2 1 
ATOM   348  N N   . ASP A 1 48  ? -16.843 1.061   -14.295 1.00 35.95 ? 139  ASP A N   1 
ATOM   349  C CA  . ASP A 1 48  ? -18.036 1.864   -14.573 1.00 36.66 ? 139  ASP A CA  1 
ATOM   350  C C   . ASP A 1 48  ? -17.789 3.386   -14.659 1.00 36.90 ? 139  ASP A C   1 
ATOM   351  O O   . ASP A 1 48  ? -18.725 4.182   -14.597 1.00 37.27 ? 139  ASP A O   1 
ATOM   352  C CB  . ASP A 1 48  ? -19.155 1.521   -13.552 1.00 37.03 ? 139  ASP A CB  1 
ATOM   353  C CG  . ASP A 1 48  ? -18.960 2.181   -12.192 1.00 40.06 ? 139  ASP A CG  1 
ATOM   354  O OD1 . ASP A 1 48  ? -17.940 2.891   -12.029 1.00 41.71 ? 139  ASP A OD1 1 
ATOM   355  O OD2 . ASP A 1 48  ? -19.836 2.030   -11.278 1.00 39.86 ? 139  ASP A OD2 1 
ATOM   356  N N   . GLY A 1 49  ? -16.524 3.793   -14.741 1.00 36.26 ? 140  GLY A N   1 
ATOM   357  C CA  . GLY A 1 49  ? -16.193 5.195   -14.946 1.00 35.61 ? 140  GLY A CA  1 
ATOM   358  C C   . GLY A 1 49  ? -16.334 6.136   -13.759 1.00 36.06 ? 140  GLY A C   1 
ATOM   359  O O   . GLY A 1 49  ? -16.018 7.311   -13.881 1.00 36.89 ? 140  GLY A O   1 
ATOM   360  N N   . THR A 1 50  ? -16.821 5.652   -12.625 1.00 34.79 ? 141  THR A N   1 
ATOM   361  C CA  . THR A 1 50  ? -16.849 6.495   -11.455 1.00 34.50 ? 141  THR A CA  1 
ATOM   362  C C   . THR A 1 50  ? -15.434 6.902   -10.900 1.00 31.92 ? 141  THR A C   1 
ATOM   363  O O   . THR A 1 50  ? -15.287 8.011   -10.358 1.00 30.45 ? 141  THR A O   1 
ATOM   364  C CB  . THR A 1 50  ? -17.869 6.000   -10.399 1.00 35.31 ? 141  THR A CB  1 
ATOM   365  O OG1 . THR A 1 50  ? -17.558 4.694   -9.979  1.00 37.16 ? 141  THR A OG1 1 
ATOM   366  C CG2 . THR A 1 50  ? -19.290 5.978   -10.992 1.00 37.79 ? 141  THR A CG2 1 
ATOM   367  N N   . LEU A 1 51  ? -14.409 6.049   -11.091 1.00 29.23 ? 142  LEU A N   1 
ATOM   368  C CA  . LEU A 1 51  ? -12.982 6.445   -10.958 1.00 25.42 ? 142  LEU A CA  1 
ATOM   369  C C   . LEU A 1 51  ? -12.264 6.494   -12.304 1.00 24.94 ? 142  LEU A C   1 
ATOM   370  O O   . LEU A 1 51  ? -12.361 5.564   -13.083 1.00 25.26 ? 142  LEU A O   1 
ATOM   371  C CB  . LEU A 1 51  ? -12.226 5.431   -10.068 1.00 26.47 ? 142  LEU A CB  1 
ATOM   372  C CG  . LEU A 1 51  ? -12.438 5.368   -8.569  1.00 25.50 ? 142  LEU A CG  1 
ATOM   373  C CD1 . LEU A 1 51  ? -11.675 4.149   -7.957  1.00 27.53 ? 142  LEU A CD1 1 
ATOM   374  C CD2 . LEU A 1 51  ? -11.948 6.630   -7.941  1.00 24.27 ? 142  LEU A CD2 1 
ATOM   375  N N   . ASP A 1 52  ? -11.482 7.526   -12.555 1.00 23.00 ? 143  ASP A N   1 
ATOM   376  C CA  . ASP A 1 52  ? -10.626 7.639   -13.748 1.00 23.99 ? 143  ASP A CA  1 
ATOM   377  C C   . ASP A 1 52  ? -9.423  6.654   -13.703 1.00 22.95 ? 143  ASP A C   1 
ATOM   378  O O   . ASP A 1 52  ? -9.025  6.064   -14.724 1.00 24.03 ? 143  ASP A O   1 
ATOM   379  C CB  . ASP A 1 52  ? -10.141 9.075   -13.885 1.00 23.63 ? 143  ASP A CB  1 
ATOM   380  C CG  . ASP A 1 52  ? -11.316 10.061  -13.995 1.00 29.79 ? 143  ASP A CG  1 
ATOM   381  O OD1 . ASP A 1 52  ? -12.394 9.605   -14.451 1.00 32.90 ? 143  ASP A OD1 1 
ATOM   382  O OD2 . ASP A 1 52  ? -11.178 11.239  -13.614 1.00 29.22 ? 143  ASP A OD2 1 
ATOM   383  N N   . PHE A 1 53  ? -8.854  6.485   -12.512 1.00 21.05 ? 144  PHE A N   1 
ATOM   384  C CA  . PHE A 1 53  ? -7.719  5.589   -12.330 1.00 19.59 ? 144  PHE A CA  1 
ATOM   385  C C   . PHE A 1 53  ? -7.524  5.338   -10.835 1.00 19.87 ? 144  PHE A C   1 
ATOM   386  O O   . PHE A 1 53  ? -8.112  6.044   -9.992  1.00 16.94 ? 144  PHE A O   1 
ATOM   387  C CB  . PHE A 1 53  ? -6.453  6.115   -12.998 1.00 19.30 ? 144  PHE A CB  1 
ATOM   388  C CG  . PHE A 1 53  ? -5.931  7.423   -12.434 1.00 20.73 ? 144  PHE A CG  1 
ATOM   389  C CD1 . PHE A 1 53  ? -5.031  7.442   -11.389 1.00 21.37 ? 144  PHE A CD1 1 
ATOM   390  C CD2 . PHE A 1 53  ? -6.350  8.636   -13.000 1.00 25.68 ? 144  PHE A CD2 1 
ATOM   391  C CE1 . PHE A 1 53  ? -4.542  8.666   -10.902 1.00 22.18 ? 144  PHE A CE1 1 
ATOM   392  C CE2 . PHE A 1 53  ? -5.881  9.869   -12.538 1.00 22.92 ? 144  PHE A CE2 1 
ATOM   393  C CZ  . PHE A 1 53  ? -4.970  9.880   -11.469 1.00 22.89 ? 144  PHE A CZ  1 
ATOM   394  N N   . ALA A 1 54  ? -6.824  4.255   -10.515 1.00 19.19 ? 145  ALA A N   1 
ATOM   395  C CA  . ALA A 1 54  ? -6.515  3.950   -9.121  1.00 19.64 ? 145  ALA A CA  1 
ATOM   396  C C   . ALA A 1 54  ? -5.007  3.703   -9.085  1.00 20.83 ? 145  ALA A C   1 
ATOM   397  O O   . ALA A 1 54  ? -4.497  3.079   -10.026 1.00 23.07 ? 145  ALA A O   1 
ATOM   398  C CB  . ALA A 1 54  ? -7.268  2.738   -8.673  1.00 17.98 ? 145  ALA A CB  1 
ATOM   399  N N   . LEU A 1 55  ? -4.311  4.198   -8.055  1.00 20.12 ? 146  LEU A N   1 
ATOM   400  C CA  . LEU A 1 55  ? -2.893  3.921   -7.861  1.00 19.88 ? 146  LEU A CA  1 
ATOM   401  C C   . LEU A 1 55  ? -2.810  2.934   -6.696  1.00 20.24 ? 146  LEU A C   1 
ATOM   402  O O   . LEU A 1 55  ? -3.086  3.319   -5.544  1.00 17.49 ? 146  LEU A O   1 
ATOM   403  C CB  . LEU A 1 55  ? -2.107  5.220   -7.519  1.00 19.89 ? 146  LEU A CB  1 
ATOM   404  C CG  . LEU A 1 55  ? -2.340  6.430   -8.438  1.00 20.91 ? 146  LEU A CG  1 
ATOM   405  C CD1 . LEU A 1 55  ? -1.653  7.637   -7.964  1.00 22.34 ? 146  LEU A CD1 1 
ATOM   406  C CD2 . LEU A 1 55  ? -1.951  6.122   -9.927  1.00 24.73 ? 146  LEU A CD2 1 
ATOM   407  N N   . THR A 1 56  ? -2.456  1.674   -6.971  1.00 20.35 ? 147  THR A N   1 
ATOM   408  C CA  . THR A 1 56  ? -2.696  0.637   -5.983  1.00 22.89 ? 147  THR A CA  1 
ATOM   409  C C   . THR A 1 56  ? -1.787  -0.563  -6.191  1.00 23.99 ? 147  THR A C   1 
ATOM   410  O O   . THR A 1 56  ? -1.430  -0.873  -7.347  1.00 19.97 ? 147  THR A O   1 
ATOM   411  C CB  . THR A 1 56  ? -4.173  0.178   -6.036  1.00 24.45 ? 147  THR A CB  1 
ATOM   412  O OG1 . THR A 1 56  ? -4.350  -1.084  -5.400  1.00 26.67 ? 147  THR A OG1 1 
ATOM   413  C CG2 . THR A 1 56  ? -4.598  -0.044  -7.445  1.00 27.97 ? 147  THR A CG2 1 
ATOM   414  N N   . ALA A 1 57  ? -1.475  -1.259  -5.098  1.00 21.62 ? 148  ALA A N   1 
ATOM   415  C CA  . ALA A 1 57  ? -0.876  -2.635  -5.292  1.00 22.94 ? 148  ALA A CA  1 
ATOM   416  C C   . ALA A 1 57  ? -1.803  -3.544  -6.096  1.00 22.32 ? 148  ALA A C   1 
ATOM   417  O O   . ALA A 1 57  ? -3.019  -3.497  -5.979  1.00 22.53 ? 148  ALA A O   1 
ATOM   418  C CB  . ALA A 1 57  ? -0.550  -3.299  -3.924  1.00 22.96 ? 148  ALA A CB  1 
ATOM   419  N N   . ALA A 1 58  ? -1.238  -4.421  -6.931  1.00 24.49 ? 149  ALA A N   1 
ATOM   420  C CA  . ALA A 1 58  ? -2.013  -5.482  -7.519  1.00 27.17 ? 149  ALA A CA  1 
ATOM   421  C C   . ALA A 1 58  ? -0.974  -6.493  -8.054  1.00 29.49 ? 149  ALA A C   1 
ATOM   422  O O   . ALA A 1 58  ? 0.237   -6.241  -7.994  1.00 26.29 ? 149  ALA A O   1 
ATOM   423  C CB  . ALA A 1 58  ? -2.905  -4.967  -8.694  1.00 28.31 ? 149  ALA A CB  1 
ATOM   424  N N   . HIS A 1 59  ? -1.468  -7.616  -8.571  1.00 33.22 ? 150  HIS A N   1 
ATOM   425  C CA  . HIS A 1 59  ? -0.558  -8.570  -9.236  1.00 37.28 ? 150  HIS A CA  1 
ATOM   426  C C   . HIS A 1 59  ? -0.927  -8.665  -10.717 1.00 39.36 ? 150  HIS A C   1 
ATOM   427  O O   . HIS A 1 59  ? -2.095  -8.939  -11.076 1.00 38.80 ? 150  HIS A O   1 
ATOM   428  C CB  . HIS A 1 59  ? -0.529  -9.935  -8.548  1.00 37.27 ? 150  HIS A CB  1 
ATOM   429  C CG  . HIS A 1 59  ? -0.154  -9.868  -7.093  1.00 39.84 ? 150  HIS A CG  1 
ATOM   430  N ND1 . HIS A 1 59  ? 1.152   -9.705  -6.666  1.00 40.30 ? 150  HIS A ND1 1 
ATOM   431  C CD2 . HIS A 1 59  ? -0.916  -9.919  -5.971  1.00 40.17 ? 150  HIS A CD2 1 
ATOM   432  C CE1 . HIS A 1 59  ? 1.179   -9.673  -5.345  1.00 43.05 ? 150  HIS A CE1 1 
ATOM   433  N NE2 . HIS A 1 59  ? -0.061  -9.798  -4.898  1.00 41.95 ? 150  HIS A NE2 1 
ATOM   434  N N   . LYS A 1 60  ? 0.088   -8.357  -11.534 1.00 43.69 ? 151  LYS A N   1 
ATOM   435  C CA  . LYS A 1 60  ? 0.049   -8.406  -13.000 1.00 47.36 ? 151  LYS A CA  1 
ATOM   436  C C   . LYS A 1 60  ? -0.987  -9.419  -13.480 1.00 49.02 ? 151  LYS A C   1 
ATOM   437  O O   . LYS A 1 60  ? -2.024  -9.050  -14.087 1.00 49.75 ? 151  LYS A O   1 
ATOM   438  C CB  . LYS A 1 60  ? 1.463   -8.757  -13.511 1.00 47.79 ? 151  LYS A CB  1 
ATOM   439  C CG  . LYS A 1 60  ? 1.717   -8.548  -15.034 1.00 51.54 ? 151  LYS A CG  1 
ATOM   440  C CD  . LYS A 1 60  ? 3.131   -7.964  -15.333 1.00 55.39 ? 151  LYS A CD  1 
ATOM   441  C CE  . LYS A 1 60  ? 4.317   -8.925  -15.018 1.00 57.74 ? 151  LYS A CE  1 
ATOM   442  N NZ  . LYS A 1 60  ? 5.668   -8.243  -15.169 1.00 59.56 ? 151  LYS A NZ  1 
ATOM   443  N N   . HIS A 1 61  ? -0.761  -10.686 -13.126 1.00 50.78 ? 152  HIS A N   1 
ATOM   444  C CA  . HIS A 1 61  ? -1.559  -11.791 -13.671 1.00 51.97 ? 152  HIS A CA  1 
ATOM   445  C C   . HIS A 1 61  ? -3.015  -11.869 -13.162 1.00 52.15 ? 152  HIS A C   1 
ATOM   446  O O   . HIS A 1 61  ? -3.805  -12.652 -13.673 1.00 52.61 ? 152  HIS A O   1 
ATOM   447  C CB  . HIS A 1 61  ? -0.828  -13.141 -13.491 1.00 52.96 ? 152  HIS A CB  1 
ATOM   448  C CG  . HIS A 1 61  ? 0.621   -13.133 -13.925 1.00 56.32 ? 152  HIS A CG  1 
ATOM   449  N ND1 . HIS A 1 61  ? 1.649   -13.552 -13.099 1.00 58.67 ? 152  HIS A ND1 1 
ATOM   450  C CD2 . HIS A 1 61  ? 1.207   -12.764 -15.095 1.00 57.76 ? 152  HIS A CD2 1 
ATOM   451  C CE1 . HIS A 1 61  ? 2.804   -13.436 -13.739 1.00 60.56 ? 152  HIS A CE1 1 
ATOM   452  N NE2 . HIS A 1 61  ? 2.563   -12.960 -14.950 1.00 60.83 ? 152  HIS A NE2 1 
ATOM   453  N N   . ASP A 1 62  ? -3.380  -11.054 -12.177 1.00 51.86 ? 153  ASP A N   1 
ATOM   454  C CA  . ASP A 1 62  ? -4.649  -11.226 -11.459 1.00 51.52 ? 153  ASP A CA  1 
ATOM   455  C C   . ASP A 1 62  ? -5.661  -10.037 -11.630 1.00 51.46 ? 153  ASP A C   1 
ATOM   456  O O   . ASP A 1 62  ? -6.634  -9.898  -10.870 1.00 52.00 ? 153  ASP A O   1 
ATOM   457  C CB  . ASP A 1 62  ? -4.315  -11.514 -9.986  1.00 51.70 ? 153  ASP A CB  1 
ATOM   458  C CG  . ASP A 1 62  ? -5.424  -12.214 -9.253  0.50 50.57 ? 153  ASP A CG  1 
ATOM   459  O OD1 . ASP A 1 62  ? -6.368  -12.703 -9.901  0.50 50.06 ? 153  ASP A OD1 1 
ATOM   460  O OD2 . ASP A 1 62  ? -5.341  -12.264 -8.011  0.50 50.62 ? 153  ASP A OD2 1 
ATOM   461  N N   . ILE A 1 63  ? -5.447  -9.237  -12.678 1.00 50.27 ? 154  ILE A N   1 
ATOM   462  C CA  . ILE A 1 63  ? -6.190  -7.999  -12.971 1.00 49.00 ? 154  ILE A CA  1 
ATOM   463  C C   . ILE A 1 63  ? -7.220  -8.179  -14.100 1.00 48.58 ? 154  ILE A C   1 
ATOM   464  O O   . ILE A 1 63  ? -6.847  -8.631  -15.186 1.00 47.85 ? 154  ILE A O   1 
ATOM   465  C CB  . ILE A 1 63  ? -5.150  -6.933  -13.377 1.00 49.61 ? 154  ILE A CB  1 
ATOM   466  C CG1 . ILE A 1 63  ? -4.369  -6.473  -12.139 1.00 48.06 ? 154  ILE A CG1 1 
ATOM   467  C CG2 . ILE A 1 63  ? -5.777  -5.745  -14.152 1.00 48.26 ? 154  ILE A CG2 1 
ATOM   468  C CD1 . ILE A 1 63  ? -3.029  -5.834  -12.456 1.00 49.00 ? 154  ILE A CD1 1 
ATOM   469  N N   . ASP A 1 64  ? -8.490  -7.811  -13.874 1.00 48.50 ? 155  ASP A N   1 
ATOM   470  C CA  . ASP A 1 64  ? -9.538  -7.932  -14.938 1.00 49.09 ? 155  ASP A CA  1 
ATOM   471  C C   . ASP A 1 64  ? -9.049  -7.395  -16.285 1.00 47.84 ? 155  ASP A C   1 
ATOM   472  O O   . ASP A 1 64  ? -8.346  -6.387  -16.327 1.00 47.89 ? 155  ASP A O   1 
ATOM   473  C CB  . ASP A 1 64  ? -10.867 -7.232  -14.592 1.00 49.97 ? 155  ASP A CB  1 
ATOM   474  C CG  . ASP A 1 64  ? -11.365 -7.518  -13.155 1.00 53.14 ? 155  ASP A CG  1 
ATOM   475  O OD1 . ASP A 1 64  ? -11.486 -8.692  -12.732 1.00 55.55 ? 155  ASP A OD1 1 
ATOM   476  O OD2 . ASP A 1 64  ? -11.680 -6.534  -12.445 1.00 57.01 ? 155  ASP A OD2 1 
ATOM   477  N N   . THR A 1 65  ? -9.418  -8.087  -17.365 1.00 47.15 ? 156  THR A N   1 
ATOM   478  C CA  . THR A 1 65  ? -9.070  -7.743  -18.765 1.00 46.18 ? 156  THR A CA  1 
ATOM   479  C C   . THR A 1 65  ? -9.380  -6.317  -19.190 1.00 44.69 ? 156  THR A C   1 
ATOM   480  O O   . THR A 1 65  ? -8.633  -5.759  -19.998 1.00 45.40 ? 156  THR A O   1 
ATOM   481  C CB  . THR A 1 65  ? -9.825  -8.640  -19.758 1.00 46.47 ? 156  THR A CB  1 
ATOM   482  O OG1 . THR A 1 65  ? -9.760  -9.989  -19.311 1.00 48.46 ? 156  THR A OG1 1 
ATOM   483  C CG2 . THR A 1 65  ? -9.208  -8.559  -21.163 1.00 47.56 ? 156  THR A CG2 1 
ATOM   484  N N   . ASP A 1 66  ? -10.497 -5.767  -18.689 1.00 42.80 ? 157  ASP A N   1 
ATOM   485  C CA  . ASP A 1 66  ? -10.905 -4.363  -18.932 1.00 40.96 ? 157  ASP A CA  1 
ATOM   486  C C   . ASP A 1 66  ? -9.831  -3.342  -18.589 1.00 38.14 ? 157  ASP A C   1 
ATOM   487  O O   . ASP A 1 66  ? -9.795  -2.228  -19.169 1.00 37.03 ? 157  ASP A O   1 
ATOM   488  C CB  . ASP A 1 66  ? -12.156 -4.004  -18.100 1.00 42.05 ? 157  ASP A CB  1 
ATOM   489  C CG  . ASP A 1 66  ? -13.430 -4.620  -18.643 1.00 46.69 ? 157  ASP A CG  1 
ATOM   490  O OD1 . ASP A 1 66  ? -13.484 -4.880  -19.877 1.00 49.62 ? 157  ASP A OD1 1 
ATOM   491  O OD2 . ASP A 1 66  ? -14.385 -4.823  -17.829 1.00 50.15 ? 157  ASP A OD2 1 
ATOM   492  N N   . LEU A 1 67  ? -9.003  -3.701  -17.608 1.00 34.25 ? 158  LEU A N   1 
ATOM   493  C CA  . LEU A 1 67  ? -8.034  -2.796  -17.023 1.00 31.91 ? 158  LEU A CA  1 
ATOM   494  C C   . LEU A 1 67  ? -6.645  -2.927  -17.603 1.00 32.24 ? 158  LEU A C   1 
ATOM   495  O O   . LEU A 1 67  ? -6.156  -4.039  -17.857 1.00 32.69 ? 158  LEU A O   1 
ATOM   496  C CB  . LEU A 1 67  ? -8.019  -3.015  -15.493 1.00 31.53 ? 158  LEU A CB  1 
ATOM   497  C CG  . LEU A 1 67  ? -9.421  -2.889  -14.870 1.00 32.90 ? 158  LEU A CG  1 
ATOM   498  C CD1 . LEU A 1 67  ? -9.545  -3.360  -13.402 1.00 33.10 ? 158  LEU A CD1 1 
ATOM   499  C CD2 . LEU A 1 67  ? -9.848  -1.394  -15.023 1.00 34.46 ? 158  LEU A CD2 1 
ATOM   500  N N   . GLU A 1 68  ? -5.989  -1.812  -17.843 1.00 31.51 ? 159  GLU A N   1 
ATOM   501  C CA  . GLU A 1 68  ? -4.557  -1.854  -17.972 1.00 32.31 ? 159  GLU A CA  1 
ATOM   502  C C   . GLU A 1 68  ? -3.813  -1.494  -16.676 1.00 32.76 ? 159  GLU A C   1 
ATOM   503  O O   . GLU A 1 68  ? -4.369  -0.834  -15.771 1.00 33.19 ? 159  GLU A O   1 
ATOM   504  C CB  . GLU A 1 68  ? -4.069  -0.966  -19.120 1.00 32.50 ? 159  GLU A CB  1 
ATOM   505  C CG  . GLU A 1 68  ? -4.123  0.495   -18.914 0.50 29.57 ? 159  GLU A CG  1 
ATOM   506  C CD  . GLU A 1 68  ? -3.430  1.190   -20.043 0.50 29.01 ? 159  GLU A CD  1 
ATOM   507  O OE1 . GLU A 1 68  ? -3.189  0.528   -21.085 0.50 28.10 ? 159  GLU A OE1 1 
ATOM   508  O OE2 . GLU A 1 68  ? -3.096  2.373   -19.895 0.50 29.82 ? 159  GLU A OE2 1 
ATOM   509  N N   . ALA A 1 69  ? -2.552  -1.908  -16.633 1.00 32.58 ? 160  ALA A N   1 
ATOM   510  C CA  . ALA A 1 69  ? -1.691  -1.727  -15.486 1.00 32.82 ? 160  ALA A CA  1 
ATOM   511  C C   . ALA A 1 69  ? -0.345  -1.188  -15.866 1.00 33.17 ? 160  ALA A C   1 
ATOM   512  O O   . ALA A 1 69  ? 0.515   -1.927  -16.407 1.00 33.94 ? 160  ALA A O   1 
ATOM   513  C CB  . ALA A 1 69  ? -1.562  -3.059  -14.739 1.00 32.97 ? 160  ALA A CB  1 
ATOM   514  N N   . GLN A 1 70  ? -0.161  0.102   -15.638 1.00 33.63 ? 161  GLN A N   1 
ATOM   515  C CA  . GLN A 1 70  ? 1.118   0.720   -15.837 1.00 35.63 ? 161  GLN A CA  1 
ATOM   516  C C   . GLN A 1 70  ? 1.824   0.613   -14.479 1.00 36.95 ? 161  GLN A C   1 
ATOM   517  O O   . GLN A 1 70  ? 1.359   1.186   -13.475 1.00 35.38 ? 161  GLN A O   1 
ATOM   518  C CB  . GLN A 1 70  ? 1.001   2.170   -16.300 1.00 35.60 ? 161  GLN A CB  1 
ATOM   519  C CG  . GLN A 1 70  ? 2.270   3.005   -16.119 1.00 39.31 ? 161  GLN A CG  1 
ATOM   520  C CD  . GLN A 1 70  ? 2.115   4.488   -16.535 1.00 46.86 ? 161  GLN A CD  1 
ATOM   521  O OE1 . GLN A 1 70  ? 1.003   5.055   -16.534 1.00 47.25 ? 161  GLN A OE1 1 
ATOM   522  N NE2 . GLN A 1 70  ? 3.238   5.114   -16.886 1.00 47.10 ? 161  GLN A NE2 1 
ATOM   523  N N   . PRO A 1 71  ? 2.918   -0.181  -14.437 1.00 37.24 ? 162  PRO A N   1 
ATOM   524  C CA  . PRO A 1 71  ? 3.589   -0.382  -13.184 1.00 37.68 ? 162  PRO A CA  1 
ATOM   525  C C   . PRO A 1 71  ? 4.314   0.890   -12.898 1.00 37.92 ? 162  PRO A C   1 
ATOM   526  O O   . PRO A 1 71  ? 4.931   1.452   -13.809 1.00 37.37 ? 162  PRO A O   1 
ATOM   527  C CB  . PRO A 1 71  ? 4.589   -1.542  -13.498 1.00 38.39 ? 162  PRO A CB  1 
ATOM   528  C CG  . PRO A 1 71  ? 4.138   -2.101  -14.917 1.00 39.19 ? 162  PRO A CG  1 
ATOM   529  C CD  . PRO A 1 71  ? 3.597   -0.873  -15.566 1.00 37.99 ? 162  PRO A CD  1 
ATOM   530  N N   . LEU A 1 72  ? 4.213   1.385   -11.665 1.00 37.30 ? 163  LEU A N   1 
ATOM   531  C CA  . LEU A 1 72  ? 5.014   2.503   -11.265 1.00 37.95 ? 163  LEU A CA  1 
ATOM   532  C C   . LEU A 1 72  ? 6.245   2.013   -10.520 1.00 39.39 ? 163  LEU A C   1 
ATOM   533  O O   . LEU A 1 72  ? 7.401   2.363   -10.849 1.00 40.17 ? 163  LEU A O   1 
ATOM   534  C CB  . LEU A 1 72  ? 4.248   3.427   -10.323 1.00 38.02 ? 163  LEU A CB  1 
ATOM   535  C CG  . LEU A 1 72  ? 2.937   4.056   -10.710 1.00 38.55 ? 163  LEU A CG  1 
ATOM   536  C CD1 . LEU A 1 72  ? 2.436   4.786   -9.489  1.00 38.46 ? 163  LEU A CD1 1 
ATOM   537  C CD2 . LEU A 1 72  ? 3.161   5.012   -11.925 1.00 37.08 ? 163  LEU A CD2 1 
ATOM   538  N N   . TYR A 1 73  ? 6.010   1.229   -9.471  1.00 39.66 ? 164  TYR A N   1 
ATOM   539  C CA  . TYR A 1 73  ? 7.087   0.980   -8.497  1.00 40.00 ? 164  TYR A CA  1 
ATOM   540  C C   . TYR A 1 73  ? 6.792   -0.252  -7.700  1.00 39.58 ? 164  TYR A C   1 
ATOM   541  O O   . TYR A 1 73  ? 5.676   -0.763  -7.782  1.00 38.93 ? 164  TYR A O   1 
ATOM   542  C CB  . TYR A 1 73  ? 7.433   2.216   -7.635  1.00 40.10 ? 164  TYR A CB  1 
ATOM   543  C CG  . TYR A 1 73  ? 6.580   2.630   -6.411  1.00 41.84 ? 164  TYR A CG  1 
ATOM   544  C CD1 . TYR A 1 73  ? 6.891   2.150   -5.127  1.00 39.67 ? 164  TYR A CD1 1 
ATOM   545  C CD2 . TYR A 1 73  ? 5.568   3.613   -6.508  1.00 40.35 ? 164  TYR A CD2 1 
ATOM   546  C CE1 . TYR A 1 73  ? 6.164   2.556   -3.993  0.50 33.85 ? 164  TYR A CE1 1 
ATOM   547  C CE2 . TYR A 1 73  ? 4.818   4.016   -5.363  1.00 35.38 ? 164  TYR A CE2 1 
ATOM   548  C CZ  . TYR A 1 73  ? 5.143   3.484   -4.111  0.50 33.62 ? 164  TYR A CZ  1 
ATOM   549  O OH  . TYR A 1 73  ? 4.447   3.858   -2.981  0.50 22.90 ? 164  TYR A OH  1 
ATOM   550  N N   . VAL A 1 74  ? 7.841   -0.785  -7.060  1.00 39.22 ? 165  VAL A N   1 
ATOM   551  C CA  . VAL A 1 74  ? 7.678   -1.858  -6.087  1.00 38.25 ? 165  VAL A CA  1 
ATOM   552  C C   . VAL A 1 74  ? 7.712   -1.209  -4.712  1.00 36.98 ? 165  VAL A C   1 
ATOM   553  O O   . VAL A 1 74  ? 8.594   -0.412  -4.409  1.00 37.50 ? 165  VAL A O   1 
ATOM   554  C CB  . VAL A 1 74  ? 8.702   -3.042  -6.235  1.00 38.90 ? 165  VAL A CB  1 
ATOM   555  C CG1 . VAL A 1 74  ? 8.263   -4.240  -5.339  1.00 36.56 ? 165  VAL A CG1 1 
ATOM   556  C CG2 . VAL A 1 74  ? 8.714   -3.551  -7.671  1.00 37.07 ? 165  VAL A CG2 1 
ATOM   557  N N   . SER A 1 75  ? 6.702   -1.493  -3.900  1.00 36.33 ? 166  SER A N   1 
ATOM   558  C CA  . SER A 1 75  ? 6.667   -0.836  -2.585  1.00 34.95 ? 166  SER A CA  1 
ATOM   559  C C   . SER A 1 75  ? 7.813   -1.427  -1.722  1.00 34.02 ? 166  SER A C   1 
ATOM   560  O O   . SER A 1 75  ? 8.498   -2.377  -2.148  1.00 34.41 ? 166  SER A O   1 
ATOM   561  C CB  . SER A 1 75  ? 5.310   -1.015  -1.952  1.00 34.21 ? 166  SER A CB  1 
ATOM   562  O OG  . SER A 1 75  ? 4.868   -2.327  -2.148  1.00 36.04 ? 166  SER A OG  1 
ATOM   563  N N   . ASP A 1 76  ? 8.071   -0.841  -0.564  1.00 31.58 ? 167  ASP A N   1 
ATOM   564  C CA  . ASP A 1 76  ? 9.018   -1.416  0.383   1.00 28.92 ? 167  ASP A CA  1 
ATOM   565  C C   . ASP A 1 76  ? 8.107   -1.869  1.551   1.00 26.78 ? 167  ASP A C   1 
ATOM   566  O O   . ASP A 1 76  ? 7.565   -1.041  2.224   1.00 26.75 ? 167  ASP A O   1 
ATOM   567  C CB  . ASP A 1 76  ? 10.021  -0.350  0.785   1.00 29.28 ? 167  ASP A CB  1 
ATOM   568  C CG  . ASP A 1 76  ? 11.153  -0.880  1.624   1.00 34.07 ? 167  ASP A CG  1 
ATOM   569  O OD1 . ASP A 1 76  ? 11.252  -2.095  1.859   1.00 34.29 ? 167  ASP A OD1 1 
ATOM   570  O OD2 . ASP A 1 76  ? 11.986  -0.044  2.055   1.00 41.82 ? 167  ASP A OD2 1 
ATOM   571  N N   . VAL A 1 77  ? 7.878   -3.167  1.698   1.00 24.14 ? 168  VAL A N   1 
ATOM   572  C CA  . VAL A 1 77  ? 7.078   -3.668  2.832   1.00 22.66 ? 168  VAL A CA  1 
ATOM   573  C C   . VAL A 1 77  ? 7.989   -3.905  4.034   1.00 22.25 ? 168  VAL A C   1 
ATOM   574  O O   . VAL A 1 77  ? 9.086   -4.486  3.872   1.00 22.50 ? 168  VAL A O   1 
ATOM   575  C CB  . VAL A 1 77  ? 6.299   -4.887  2.461   1.00 22.89 ? 168  VAL A CB  1 
ATOM   576  C CG1 . VAL A 1 77  ? 5.579   -5.448  3.690   1.00 22.25 ? 168  VAL A CG1 1 
ATOM   577  C CG2 . VAL A 1 77  ? 5.224   -4.494  1.337   1.00 27.44 ? 168  VAL A CG2 1 
ATOM   578  N N   . VAL A 1 78  ? 7.595   -3.412  5.216   1.00 19.83 ? 169  VAL A N   1 
ATOM   579  C CA  . VAL A 1 78  ? 8.400   -3.647  6.402   1.00 18.54 ? 169  VAL A CA  1 
ATOM   580  C C   . VAL A 1 78  ? 7.535   -4.418  7.424   1.00 20.05 ? 169  VAL A C   1 
ATOM   581  O O   . VAL A 1 78  ? 6.299   -4.322  7.410   1.00 17.80 ? 169  VAL A O   1 
ATOM   582  C CB  . VAL A 1 78  ? 9.008   -2.347  7.044   1.00 19.91 ? 169  VAL A CB  1 
ATOM   583  C CG1 . VAL A 1 78  ? 9.911   -1.549  6.043   1.00 21.04 ? 169  VAL A CG1 1 
ATOM   584  C CG2 . VAL A 1 78  ? 7.916   -1.373  7.450   1.00 17.59 ? 169  VAL A CG2 1 
ATOM   585  N N   . ILE A 1 79  ? 8.198   -5.096  8.360   1.00 18.85 ? 170  ILE A N   1 
ATOM   586  C CA  . ILE A 1 79  ? 7.521   -5.672  9.511   1.00 17.54 ? 170  ILE A CA  1 
ATOM   587  C C   . ILE A 1 79  ? 7.645   -4.753  10.672  1.00 17.79 ? 170  ILE A C   1 
ATOM   588  O O   . ILE A 1 79  ? 8.765   -4.256  10.986  1.00 17.75 ? 170  ILE A O   1 
ATOM   589  C CB  . ILE A 1 79  ? 8.065   -7.068  9.845   1.00 16.93 ? 170  ILE A CB  1 
ATOM   590  C CG1 . ILE A 1 79  ? 7.618   -8.070  8.719   1.00 16.61 ? 170  ILE A CG1 1 
ATOM   591  C CG2 . ILE A 1 79  ? 7.560   -7.519  11.193  1.00 18.08 ? 170  ILE A CG2 1 
ATOM   592  C CD1 . ILE A 1 79  ? 8.651   -9.212  8.625   1.00 19.35 ? 170  ILE A CD1 1 
ATOM   593  N N   . VAL A 1 80  ? 6.520   -4.462  11.313  1.00 16.57 ? 171  VAL A N   1 
ATOM   594  C CA  . VAL A 1 80  ? 6.500   -3.457  12.346  1.00 17.41 ? 171  VAL A CA  1 
ATOM   595  C C   . VAL A 1 80  ? 5.875   -4.003  13.605  1.00 18.77 ? 171  VAL A C   1 
ATOM   596  O O   . VAL A 1 80  ? 4.950   -4.792  13.532  1.00 18.22 ? 171  VAL A O   1 
ATOM   597  C CB  . VAL A 1 80  ? 5.688   -2.227  11.870  1.00 19.00 ? 171  VAL A CB  1 
ATOM   598  C CG1 . VAL A 1 80  ? 5.526   -1.135  12.927  1.00 17.68 ? 171  VAL A CG1 1 
ATOM   599  C CG2 . VAL A 1 80  ? 6.353   -1.692  10.548  1.00 15.56 ? 171  VAL A CG2 1 
ATOM   600  N N   . GLY A 1 81  ? 6.470   -3.657  14.737  1.00 18.86 ? 172  GLY A N   1 
ATOM   601  C CA  . GLY A 1 81  ? 5.925   -3.996  16.050  1.00 19.06 ? 172  GLY A CA  1 
ATOM   602  C C   . GLY A 1 81  ? 6.135   -2.815  16.983  1.00 19.79 ? 172  GLY A C   1 
ATOM   603  O O   . GLY A 1 81  ? 6.824   -1.876  16.620  1.00 19.60 ? 172  GLY A O   1 
ATOM   604  N N   . GLN A 1 82  ? 5.591   -2.885  18.208  1.00 19.81 ? 173  GLN A N   1 
ATOM   605  C CA  . GLN A 1 82  ? 5.842   -1.860  19.243  1.00 23.33 ? 173  GLN A CA  1 
ATOM   606  C C   . GLN A 1 82  ? 7.350   -1.818  19.557  1.00 22.58 ? 173  GLN A C   1 
ATOM   607  O O   . GLN A 1 82  ? 8.058   -2.809  19.437  1.00 22.47 ? 173  GLN A O   1 
ATOM   608  C CB  . GLN A 1 82  ? 5.008   -2.145  20.521  1.00 21.57 ? 173  GLN A CB  1 
ATOM   609  C CG  . GLN A 1 82  ? 5.530   -3.467  21.233  1.00 27.57 ? 173  GLN A CG  1 
ATOM   610  C CD  . GLN A 1 82  ? 6.490   -3.272  22.444  1.00 36.16 ? 173  GLN A CD  1 
ATOM   611  O OE1 . GLN A 1 82  ? 7.254   -2.242  22.602  1.00 38.59 ? 173  GLN A OE1 1 
ATOM   612  N NE2 . GLN A 1 82  ? 6.460   -4.287  23.320  1.00 35.12 ? 173  GLN A NE2 1 
ATOM   613  N N   . ARG A 1 83  ? 7.862   -0.636  19.829  1.00 25.22 ? 174  ARG A N   1 
ATOM   614  C CA  . ARG A 1 83  ? 9.343   -0.367  19.860  1.00 26.83 ? 174  ARG A CA  1 
ATOM   615  C C   . ARG A 1 83  ? 10.301  -1.363  20.565  1.00 27.59 ? 174  ARG A C   1 
ATOM   616  O O   . ARG A 1 83  ? 11.473  -1.567  20.138  1.00 28.80 ? 174  ARG A O   1 
ATOM   617  C CB  . ARG A 1 83  ? 9.567   1.018   20.531  1.00 25.91 ? 174  ARG A CB  1 
ATOM   618  C CG  . ARG A 1 83  ? 10.706  1.789   19.887  1.00 32.18 ? 174  ARG A CG  1 
ATOM   619  C CD  . ARG A 1 83  ? 10.995  3.137   20.580  1.00 37.15 ? 174  ARG A CD  1 
ATOM   620  N NE  . ARG A 1 83  ? 10.735  3.097   22.022  0.50 36.59 ? 174  ARG A NE  1 
ATOM   621  C CZ  . ARG A 1 83  ? 11.611  2.703   22.951  0.50 37.03 ? 174  ARG A CZ  1 
ATOM   622  N NH1 . ARG A 1 83  ? 12.838  2.315   22.624  0.50 37.33 ? 174  ARG A NH1 1 
ATOM   623  N NH2 . ARG A 1 83  ? 11.245  2.692   24.222  0.50 36.81 ? 174  ARG A NH2 1 
ATOM   624  N N   . GLN A 1 84  ? 9.838   -1.863  21.696  1.00 25.47 ? 175  GLN A N   1 
ATOM   625  C CA  . GLN A 1 84  ? 10.617  -2.798  22.546  1.00 24.56 ? 175  GLN A CA  1 
ATOM   626  C C   . GLN A 1 84  ? 10.021  -4.204  22.439  1.00 23.82 ? 175  GLN A C   1 
ATOM   627  O O   . GLN A 1 84  ? 10.183  -5.065  23.360  1.00 24.20 ? 175  GLN A O   1 
ATOM   628  C CB  . GLN A 1 84  ? 10.601  -2.286  23.994  1.00 24.92 ? 175  GLN A CB  1 
ATOM   629  C CG  . GLN A 1 84  ? 11.475  -0.994  24.224  1.00 30.76 ? 175  GLN A CG  1 
ATOM   630  C CD  . GLN A 1 84  ? 11.466  -0.505  25.688  1.00 42.62 ? 175  GLN A CD  1 
ATOM   631  O OE1 . GLN A 1 84  ? 10.424  -0.522  26.370  1.00 45.43 ? 175  GLN A OE1 1 
ATOM   632  N NE2 . GLN A 1 84  ? 12.631  -0.043  26.168  1.00 45.76 ? 175  GLN A NE2 1 
ATOM   633  N N   . HIS A 1 85  ? 9.374   -4.495  21.302  1.00 21.39 ? 176  HIS A N   1 
ATOM   634  C CA  . HIS A 1 85  ? 8.932   -5.881  21.028  1.00 20.78 ? 176  HIS A CA  1 
ATOM   635  C C   . HIS A 1 85  ? 10.079  -6.887  21.262  1.00 22.11 ? 176  HIS A C   1 
ATOM   636  O O   . HIS A 1 85  ? 11.198  -6.672  20.832  1.00 20.74 ? 176  HIS A O   1 
ATOM   637  C CB  . HIS A 1 85  ? 8.465   -6.075  19.578  1.00 19.93 ? 176  HIS A CB  1 
ATOM   638  C CG  . HIS A 1 85  ? 7.545   -7.251  19.402  1.00 15.95 ? 176  HIS A CG  1 
ATOM   639  N ND1 . HIS A 1 85  ? 7.996   -8.500  19.046  1.00 16.94 ? 176  HIS A ND1 1 
ATOM   640  C CD2 . HIS A 1 85  ? 6.198   -7.351  19.493  1.00 18.35 ? 176  HIS A CD2 1 
ATOM   641  C CE1 . HIS A 1 85  ? 6.970   -9.338  18.953  1.00 23.34 ? 176  HIS A CE1 1 
ATOM   642  N NE2 . HIS A 1 85  ? 5.867   -8.672  19.240  1.00 17.65 ? 176  HIS A NE2 1 
ATOM   643  N N   . PRO A 1 86  ? 9.770   -8.031  21.925  1.00 22.43 ? 177  PRO A N   1 
ATOM   644  C CA  . PRO A 1 86  ? 10.783  -9.124  22.091  1.00 21.45 ? 177  PRO A CA  1 
ATOM   645  C C   . PRO A 1 86  ? 11.428  -9.530  20.780  1.00 22.07 ? 177  PRO A C   1 
ATOM   646  O O   . PRO A 1 86  ? 12.565  -10.003 20.785  1.00 21.62 ? 177  PRO A O   1 
ATOM   647  C CB  . PRO A 1 86  ? 9.977   -10.316 22.643  1.00 22.60 ? 177  PRO A CB  1 
ATOM   648  C CG  . PRO A 1 86  ? 8.642   -9.786  23.026  1.00 24.39 ? 177  PRO A CG  1 
ATOM   649  C CD  . PRO A 1 86  ? 8.501   -8.297  22.589  1.00 19.86 ? 177  PRO A CD  1 
ATOM   650  N N   . MET A 1 87  ? 10.715  -9.441  19.648  1.00 21.15 ? 178  MET A N   1 
ATOM   651  C CA  . MET A 1 87  ? 11.328  -9.743  18.375  1.00 22.33 ? 178  MET A CA  1 
ATOM   652  C C   . MET A 1 87  ? 11.877  -8.504  17.607  1.00 22.42 ? 178  MET A C   1 
ATOM   653  O O   . MET A 1 87  ? 12.224  -8.613  16.456  1.00 24.55 ? 178  MET A O   1 
ATOM   654  C CB  . MET A 1 87  ? 10.306  -10.418 17.441  1.00 22.71 ? 178  MET A CB  1 
ATOM   655  C CG  . MET A 1 87  ? 10.123  -11.919 17.633  1.00 25.14 ? 178  MET A CG  1 
ATOM   656  S SD  . MET A 1 87  ? 9.602   -12.308 19.265  1.00 33.91 ? 178  MET A SD  1 
ATOM   657  C CE  . MET A 1 87  ? 9.392   -14.120 19.043  1.00 34.08 ? 178  MET A CE  1 
ATOM   658  N N   . ALA A 1 88  ? 11.975  -7.361  18.232  1.00 23.83 ? 179  ALA A N   1 
ATOM   659  C CA  . ALA A 1 88  ? 12.485  -6.141  17.561  1.00 26.13 ? 179  ALA A CA  1 
ATOM   660  C C   . ALA A 1 88  ? 13.790  -6.344  16.791  1.00 28.46 ? 179  ALA A C   1 
ATOM   661  O O   . ALA A 1 88  ? 14.016  -5.712  15.731  1.00 27.72 ? 179  ALA A O   1 
ATOM   662  C CB  . ALA A 1 88  ? 12.650  -5.036  18.533  1.00 26.60 ? 179  ALA A CB  1 
ATOM   663  N N   . ASN A 1 89  ? 14.662  -7.201  17.315  1.00 29.77 ? 180  ASN A N   1 
ATOM   664  C CA  . ASN A 1 89  ? 15.992  -7.282  16.761  1.00 32.27 ? 180  ASN A CA  1 
ATOM   665  C C   . ASN A 1 89  ? 16.132  -8.506  15.884  1.00 32.27 ? 180  ASN A C   1 
ATOM   666  O O   . ASN A 1 89  ? 17.249  -8.857  15.505  1.00 32.66 ? 180  ASN A O   1 
ATOM   667  C CB  . ASN A 1 89  ? 17.072  -7.262  17.883  1.00 33.60 ? 180  ASN A CB  1 
ATOM   668  C CG  . ASN A 1 89  ? 16.863  -6.114  18.882  1.00 37.85 ? 180  ASN A CG  1 
ATOM   669  O OD1 . ASN A 1 89  ? 16.753  -4.944  18.503  1.00 36.62 ? 180  ASN A OD1 1 
ATOM   670  N ND2 . ASN A 1 89  ? 16.770  -6.467  20.178  1.00 42.94 ? 180  ASN A ND2 1 
ATOM   671  N N   . ALA A 1 90  ? 14.991  -9.130  15.543  1.00 31.07 ? 181  ALA A N   1 
ATOM   672  C CA  . ALA A 1 90  ? 14.950  -10.349 14.694  1.00 31.79 ? 181  ALA A CA  1 
ATOM   673  C C   . ALA A 1 90  ? 15.386  -10.116 13.259  1.00 32.16 ? 181  ALA A C   1 
ATOM   674  O O   . ALA A 1 90  ? 15.207  -9.036  12.716  1.00 32.90 ? 181  ALA A O   1 
ATOM   675  C CB  . ALA A 1 90  ? 13.586  -10.974 14.737  1.00 31.49 ? 181  ALA A CB  1 
ATOM   676  N N   . THR A 1 91  ? 15.992  -11.118 12.628  1.00 32.75 ? 182  THR A N   1 
ATOM   677  C CA  . THR A 1 91  ? 16.595  -10.899 11.302  1.00 32.89 ? 182  THR A CA  1 
ATOM   678  C C   . THR A 1 91  ? 16.092  -11.975 10.353  1.00 31.55 ? 182  THR A C   1 
ATOM   679  O O   . THR A 1 91  ? 16.173  -11.858 9.119   1.00 31.92 ? 182  THR A O   1 
ATOM   680  C CB  . THR A 1 91  ? 18.172  -10.827 11.367  1.00 34.18 ? 182  THR A CB  1 
ATOM   681  O OG1 . THR A 1 91  ? 18.704  -12.073 11.831  1.00 37.44 ? 182  THR A OG1 1 
ATOM   682  C CG2 . THR A 1 91  ? 18.630  -9.720  12.297  1.00 34.97 ? 182  THR A CG2 1 
ATOM   683  N N   . ARG A 1 92  ? 15.501  -13.008 10.939  1.00 30.78 ? 183  ARG A N   1 
ATOM   684  C CA  . ARG A 1 92  ? 14.890  -14.083 10.158  1.00 29.54 ? 183  ARG A CA  1 
ATOM   685  C C   . ARG A 1 92  ? 13.409  -14.318 10.438  1.00 28.32 ? 183  ARG A C   1 
ATOM   686  O O   . ARG A 1 92  ? 12.979  -14.270 11.571  1.00 27.64 ? 183  ARG A O   1 
ATOM   687  C CB  . ARG A 1 92  ? 15.665  -15.414 10.369  1.00 31.25 ? 183  ARG A CB  1 
ATOM   688  C CG  . ARG A 1 92  ? 17.162  -15.355 10.000  1.00 34.03 ? 183  ARG A CG  1 
ATOM   689  C CD  . ARG A 1 92  ? 17.425  -15.390 8.505   1.00 40.94 ? 183  ARG A CD  1 
ATOM   690  N NE  . ARG A 1 92  ? 18.676  -14.682 8.146   1.00 43.59 ? 183  ARG A NE  1 
ATOM   691  C CZ  . ARG A 1 92  ? 19.208  -14.654 6.915   1.00 45.98 ? 183  ARG A CZ  1 
ATOM   692  N NH1 . ARG A 1 92  ? 18.626  -15.297 5.901   1.00 43.84 ? 183  ARG A NH1 1 
ATOM   693  N NH2 . ARG A 1 92  ? 20.330  -13.976 6.687   1.00 45.71 ? 183  ARG A NH2 1 
ATOM   694  N N   . LEU A 1 93  ? 12.640  -14.623 9.394   1.00 27.58 ? 184  LEU A N   1 
ATOM   695  C CA  . LEU A 1 93  ? 11.208  -14.917 9.557   1.00 27.66 ? 184  LEU A CA  1 
ATOM   696  C C   . LEU A 1 93  ? 10.931  -16.088 10.480  1.00 26.59 ? 184  LEU A C   1 
ATOM   697  O O   . LEU A 1 93  ? 10.008  -16.048 11.278  1.00 24.14 ? 184  LEU A O   1 
ATOM   698  C CB  . LEU A 1 93  ? 10.563  -15.209 8.216   1.00 28.53 ? 184  LEU A CB  1 
ATOM   699  C CG  . LEU A 1 93  ? 10.100  -14.134 7.254   1.00 30.88 ? 184  LEU A CG  1 
ATOM   700  C CD1 . LEU A 1 93  ? 9.321   -14.954 6.253   1.00 27.39 ? 184  LEU A CD1 1 
ATOM   701  C CD2 . LEU A 1 93  ? 9.125   -13.127 7.902   1.00 28.86 ? 184  LEU A CD2 1 
ATOM   702  N N   . ALA A 1 94  ? 11.760  -17.143 10.411  1.00 25.26 ? 185  ALA A N   1 
ATOM   703  C CA  . ALA A 1 94  ? 11.615  -18.235 11.377  1.00 24.68 ? 185  ALA A CA  1 
ATOM   704  C C   . ALA A 1 94  ? 11.629  -17.726 12.823  1.00 22.23 ? 185  ALA A C   1 
ATOM   705  O O   . ALA A 1 94  ? 11.032  -18.317 13.707  1.00 23.72 ? 185  ALA A O   1 
ATOM   706  C CB  . ALA A 1 94  ? 12.728  -19.315 11.165  1.00 23.52 ? 185  ALA A CB  1 
ATOM   707  N N   . GLU A 1 95  ? 12.301  -16.640 13.103  1.00 22.16 ? 186  GLU A N   1 
ATOM   708  C CA  . GLU A 1 95  ? 12.337  -16.201 14.496  1.00 23.58 ? 186  GLU A CA  1 
ATOM   709  C C   . GLU A 1 95  ? 11.018  -15.579 14.932  1.00 23.46 ? 186  GLU A C   1 
ATOM   710  O O   . GLU A 1 95  ? 10.864  -15.240 16.086  1.00 22.92 ? 186  GLU A O   1 
ATOM   711  C CB  . GLU A 1 95  ? 13.445  -15.193 14.709  1.00 23.12 ? 186  GLU A CB  1 
ATOM   712  C CG  . GLU A 1 95  ? 14.851  -15.754 14.321  1.00 28.63 ? 186  GLU A CG  1 
ATOM   713  C CD  . GLU A 1 95  ? 15.874  -14.708 14.505  1.00 31.60 ? 186  GLU A CD  1 
ATOM   714  O OE1 . GLU A 1 95  ? 15.827  -13.688 13.811  1.00 31.37 ? 186  GLU A OE1 1 
ATOM   715  O OE2 . GLU A 1 95  ? 16.738  -14.873 15.376  1.00 38.71 ? 186  GLU A OE2 1 
ATOM   716  N N   . LEU A 1 96  ? 10.128  -15.363 13.965  1.00 22.84 ? 187  LEU A N   1 
ATOM   717  C CA  . LEU A 1 96  ? 8.851   -14.666 14.179  1.00 21.57 ? 187  LEU A CA  1 
ATOM   718  C C   . LEU A 1 96  ? 7.727   -15.621 14.196  1.00 21.06 ? 187  LEU A C   1 
ATOM   719  O O   . LEU A 1 96  ? 6.550   -15.245 14.305  1.00 18.16 ? 187  LEU A O   1 
ATOM   720  C CB  . LEU A 1 96  ? 8.612   -13.717 13.001  1.00 21.78 ? 187  LEU A CB  1 
ATOM   721  C CG  . LEU A 1 96  ? 9.655   -12.612 12.857  1.00 23.06 ? 187  LEU A CG  1 
ATOM   722  C CD1 . LEU A 1 96  ? 9.241   -11.624 11.736  1.00 24.71 ? 187  LEU A CD1 1 
ATOM   723  C CD2 . LEU A 1 96  ? 9.797   -11.893 14.158  1.00 25.73 ? 187  LEU A CD2 1 
ATOM   724  N N   . GLN A 1 97  ? 8.041   -16.882 14.042  1.00 20.50 ? 188  GLN A N   1 
ATOM   725  C CA  . GLN A 1 97  ? 6.973   -17.804 13.726  1.00 21.40 ? 188  GLN A CA  1 
ATOM   726  C C   . GLN A 1 97  ? 5.914   -18.026 14.783  1.00 20.42 ? 188  GLN A C   1 
ATOM   727  O O   . GLN A 1 97  ? 4.792   -18.384 14.456  1.00 21.25 ? 188  GLN A O   1 
ATOM   728  C CB  . GLN A 1 97  ? 7.475   -19.108 13.157  1.00 23.92 ? 188  GLN A CB  1 
ATOM   729  C CG  . GLN A 1 97  ? 8.090   -20.028 14.082  1.00 24.30 ? 188  GLN A CG  1 
ATOM   730  C CD  . GLN A 1 97  ? 8.620   -21.252 13.328  1.00 29.37 ? 188  GLN A CD  1 
ATOM   731  O OE1 . GLN A 1 97  ? 7.898   -22.202 13.114  1.00 30.67 ? 188  GLN A OE1 1 
ATOM   732  N NE2 . GLN A 1 97  ? 9.896   -21.224 12.962  1.00 31.16 ? 188  GLN A NE2 1 
ATOM   733  N N   . GLU A 1 98  ? 6.270   -17.762 16.026  1.00 20.30 ? 189  GLU A N   1 
ATOM   734  C CA  . GLU A 1 98  ? 5.359   -17.840 17.155  1.00 21.25 ? 189  GLU A CA  1 
ATOM   735  C C   . GLU A 1 98  ? 4.658   -16.534 17.530  1.00 20.10 ? 189  GLU A C   1 
ATOM   736  O O   . GLU A 1 98  ? 3.759   -16.544 18.431  1.00 20.28 ? 189  GLU A O   1 
ATOM   737  C CB  . GLU A 1 98  ? 6.064   -18.408 18.427  1.00 22.22 ? 189  GLU A CB  1 
ATOM   738  C CG  . GLU A 1 98  ? 6.665   -19.802 18.180  1.00 28.12 ? 189  GLU A CG  1 
ATOM   739  C CD  . GLU A 1 98  ? 5.566   -20.826 17.864  1.00 31.54 ? 189  GLU A CD  1 
ATOM   740  O OE1 . GLU A 1 98  ? 4.450   -20.721 18.447  1.00 35.33 ? 189  GLU A OE1 1 
ATOM   741  O OE2 . GLU A 1 98  ? 5.816   -21.728 17.011  1.00 38.89 ? 189  GLU A OE2 1 
ATOM   742  N N   . CYS A 1 99  ? 4.974   -15.440 16.837  1.00 19.76 ? 190  CYS A N   1 
ATOM   743  C CA  . CYS A 1 99  ? 4.276   -14.160 17.150  1.00 20.01 ? 190  CYS A CA  1 
ATOM   744  C C   . CYS A 1 99  ? 2.867   -14.170 16.586  1.00 19.26 ? 190  CYS A C   1 
ATOM   745  O O   . CYS A 1 99  ? 2.569   -14.915 15.629  1.00 17.55 ? 190  CYS A O   1 
ATOM   746  C CB  . CYS A 1 99  ? 4.993   -12.927 16.552  1.00 22.77 ? 190  CYS A CB  1 
ATOM   747  S SG  . CYS A 1 99  ? 6.759   -12.751 16.987  1.00 28.13 ? 190  CYS A SG  1 
ATOM   748  N N   . ARG A 1 100 ? 2.023   -13.311 17.154  1.00 17.86 ? 191  ARG A N   1 
ATOM   749  C CA  . ARG A 1 100 ? 0.672   -13.061 16.683  1.00 18.22 ? 191  ARG A CA  1 
ATOM   750  C C   . ARG A 1 100 ? 0.733   -11.830 15.811  1.00 17.74 ? 191  ARG A C   1 
ATOM   751  O O   . ARG A 1 100 ? 1.469   -10.918 16.099  1.00 17.33 ? 191  ARG A O   1 
ATOM   752  C CB  . ARG A 1 100 ? -0.264  -12.848 17.901  1.00 17.80 ? 191  ARG A CB  1 
ATOM   753  C CG  . ARG A 1 100 ? -0.237  -14.116 18.846  1.00 20.98 ? 191  ARG A CG  1 
ATOM   754  C CD  . ARG A 1 100 ? -1.052  -13.971 20.114  1.00 26.37 ? 191  ARG A CD  1 
ATOM   755  N NE  . ARG A 1 100 ? -2.260  -13.170 19.923  1.00 34.20 ? 191  ARG A NE  1 
ATOM   756  C CZ  . ARG A 1 100 ? -2.487  -11.999 20.527  1.00 41.81 ? 191  ARG A CZ  1 
ATOM   757  N NH1 . ARG A 1 100 ? -1.612  -11.500 21.401  1.00 43.23 ? 191  ARG A NH1 1 
ATOM   758  N NH2 . ARG A 1 100 ? -3.601  -11.324 20.272  1.00 43.38 ? 191  ARG A NH2 1 
ATOM   759  N N   . TRP A 1 101 ? -0.015  -11.846 14.735  1.00 15.98 ? 192  TRP A N   1 
ATOM   760  C CA  . TRP A 1 101 ? -0.041  -10.784 13.735  1.00 15.15 ? 192  TRP A CA  1 
ATOM   761  C C   . TRP A 1 101 ? -1.404  -10.034 13.668  1.00 15.05 ? 192  TRP A C   1 
ATOM   762  O O   . TRP A 1 101 ? -2.496  -10.605 13.845  1.00 15.91 ? 192  TRP A O   1 
ATOM   763  C CB  . TRP A 1 101 ? 0.255   -11.426 12.358  1.00 14.46 ? 192  TRP A CB  1 
ATOM   764  C CG  . TRP A 1 101 ? 1.612   -11.994 12.285  1.00 13.48 ? 192  TRP A CG  1 
ATOM   765  C CD1 . TRP A 1 101 ? 2.044   -13.269 12.739  1.00 15.82 ? 192  TRP A CD1 1 
ATOM   766  C CD2 . TRP A 1 101 ? 2.766   -11.348 11.749  1.00 14.39 ? 192  TRP A CD2 1 
ATOM   767  N NE1 . TRP A 1 101 ? 3.413   -13.378 12.504  1.00 15.58 ? 192  TRP A NE1 1 
ATOM   768  C CE2 . TRP A 1 101 ? 3.872   -12.230 11.909  1.00 18.39 ? 192  TRP A CE2 1 
ATOM   769  C CE3 . TRP A 1 101 ? 2.982   -10.103 11.134  1.00 14.95 ? 192  TRP A CE3 1 
ATOM   770  C CZ2 . TRP A 1 101 ? 5.174   -11.897 11.486  1.00 19.61 ? 192  TRP A CZ2 1 
ATOM   771  C CZ3 . TRP A 1 101 ? 4.275   -9.750  10.715  1.00 13.81 ? 192  TRP A CZ3 1 
ATOM   772  C CH2 . TRP A 1 101 ? 5.382   -10.644 10.910  1.00 15.40 ? 192  TRP A CH2 1 
ATOM   773  N N   . ALA A 1 102 ? -1.300  -8.742  13.357  1.00 14.08 ? 193  ALA A N   1 
ATOM   774  C CA  . ALA A 1 102 ? -2.382  -7.968  12.894  1.00 15.89 ? 193  ALA A CA  1 
ATOM   775  C C   . ALA A 1 102 ? -2.299  -8.055  11.405  1.00 15.39 ? 193  ALA A C   1 
ATOM   776  O O   . ALA A 1 102 ? -1.372  -7.524  10.791  1.00 17.68 ? 193  ALA A O   1 
ATOM   777  C CB  . ALA A 1 102 ? -2.276  -6.524  13.359  1.00 15.16 ? 193  ALA A CB  1 
ATOM   778  N N   . PHE A 1 103 ? -3.232  -8.801  10.846  1.00 15.86 ? 194  PHE A N   1 
ATOM   779  C CA  . PHE A 1 103 ? -3.315  -9.020  9.392   1.00 16.68 ? 194  PHE A CA  1 
ATOM   780  C C   . PHE A 1 103 ? -3.814  -7.735  8.764   1.00 17.61 ? 194  PHE A C   1 
ATOM   781  O O   . PHE A 1 103 ? -4.974  -7.290  8.995   1.00 17.51 ? 194  PHE A O   1 
ATOM   782  C CB  . PHE A 1 103 ? -4.280  -10.187 9.101   1.00 17.97 ? 194  PHE A CB  1 
ATOM   783  C CG  . PHE A 1 103 ? -3.677  -11.549 9.263   1.00 17.68 ? 194  PHE A CG  1 
ATOM   784  C CD1 . PHE A 1 103 ? -2.409  -11.756 9.799   1.00 20.89 ? 194  PHE A CD1 1 
ATOM   785  C CD2 . PHE A 1 103 ? -4.405  -12.669 8.800   1.00 23.71 ? 194  PHE A CD2 1 
ATOM   786  C CE1 . PHE A 1 103 ? -1.863  -13.073 9.934   1.00 22.67 ? 194  PHE A CE1 1 
ATOM   787  C CE2 . PHE A 1 103 ? -3.891  -13.941 8.940   1.00 24.59 ? 194  PHE A CE2 1 
ATOM   788  C CZ  . PHE A 1 103 ? -2.648  -14.172 9.509   1.00 19.81 ? 194  PHE A CZ  1 
ATOM   789  N N   . SER A 1 104 ? -2.951  -7.152  7.913   1.00 16.06 ? 195  SER A N   1 
ATOM   790  C CA  . SER A 1 104 ? -3.280  -5.895  7.297   1.00 15.42 ? 195  SER A CA  1 
ATOM   791  C C   . SER A 1 104 ? -3.748  -6.094  5.830   1.00 15.40 ? 195  SER A C   1 
ATOM   792  O O   . SER A 1 104 ? -3.528  -7.141  5.200   1.00 15.11 ? 195  SER A O   1 
ATOM   793  C CB  . SER A 1 104 ? -2.080  -4.920  7.389   1.00 15.61 ? 195  SER A CB  1 
ATOM   794  O OG  . SER A 1 104 ? -0.833  -5.549  6.837   1.00 16.00 ? 195  SER A OG  1 
ATOM   795  N N   . SER A 1 105 ? -4.308  -5.042  5.251   1.00 16.45 ? 196  SER A N   1 
ATOM   796  C CA  . SER A 1 105 ? -4.936  -5.186  3.918   1.00 17.45 ? 196  SER A CA  1 
ATOM   797  C C   . SER A 1 105 ? -3.942  -5.462  2.795   1.00 16.33 ? 196  SER A C   1 
ATOM   798  O O   . SER A 1 105 ? -2.928  -4.812  2.731   1.00 16.26 ? 196  SER A O   1 
ATOM   799  C CB  . SER A 1 105 ? -5.714  -3.939  3.547   1.00 15.60 ? 196  SER A CB  1 
ATOM   800  O OG  . SER A 1 105 ? -6.841  -3.934  4.397   1.00 21.31 ? 196  SER A OG  1 
ATOM   801  N N   . ALA A 1 106 ? -4.383  -6.233  1.823   1.00 17.29 ? 197  ALA A N   1 
ATOM   802  C CA  . ALA A 1 106 ? -3.575  -6.592  0.635   1.00 18.68 ? 197  ALA A CA  1 
ATOM   803  C C   . ALA A 1 106 ? -4.502  -7.069  -0.485  1.00 19.92 ? 197  ALA A C   1 
ATOM   804  O O   . ALA A 1 106 ? -5.576  -7.525  -0.215  1.00 19.07 ? 197  ALA A O   1 
ATOM   805  C CB  . ALA A 1 106 ? -2.575  -7.738  0.984   1.00 20.33 ? 197  ALA A CB  1 
ATOM   806  N N   . PRO A 1 107 ? -4.047  -6.986  -1.756  1.00 21.17 ? 198  PRO A N   1 
ATOM   807  C CA  . PRO A 1 107 ? -4.943  -7.431  -2.798  1.00 24.71 ? 198  PRO A CA  1 
ATOM   808  C C   . PRO A 1 107 ? -5.541  -8.854  -2.621  1.00 25.55 ? 198  PRO A C   1 
ATOM   809  O O   . PRO A 1 107 ? -6.748  -9.070  -2.849  1.00 25.65 ? 198  PRO A O   1 
ATOM   810  C CB  . PRO A 1 107 ? -4.082  -7.288  -4.080  1.00 23.54 ? 198  PRO A CB  1 
ATOM   811  C CG  . PRO A 1 107 ? -3.123  -6.183  -3.815  1.00 24.74 ? 198  PRO A CG  1 
ATOM   812  C CD  . PRO A 1 107 ? -2.982  -6.113  -2.256  1.00 22.57 ? 198  PRO A CD  1 
ATOM   813  N N   . ARG A 1 108 ? -4.734  -9.806  -2.158  1.00 26.82 ? 199  ARG A N   1 
ATOM   814  C CA  . ARG A 1 108 ? -5.233  -11.171 -2.005  1.00 27.44 ? 199  ARG A CA  1 
ATOM   815  C C   . ARG A 1 108 ? -5.922  -11.473 -0.677  1.00 27.16 ? 199  ARG A C   1 
ATOM   816  O O   . ARG A 1 108 ? -6.302  -12.580 -0.423  1.00 28.85 ? 199  ARG A O   1 
ATOM   817  C CB  . ARG A 1 108 ? -4.109  -12.126 -2.289  1.00 29.10 ? 199  ARG A CB  1 
ATOM   818  C CG  . ARG A 1 108 ? -3.680  -12.037 -3.773  1.00 32.50 ? 199  ARG A CG  1 
ATOM   819  C CD  . ARG A 1 108 ? -2.715  -13.127 -4.178  1.00 36.96 ? 199  ARG A CD  1 
ATOM   820  N NE  . ARG A 1 108 ? -3.010  -13.497 -5.573  1.00 44.73 ? 199  ARG A NE  1 
ATOM   821  C CZ  . ARG A 1 108 ? -2.098  -13.609 -6.543  1.00 45.98 ? 199  ARG A CZ  1 
ATOM   822  N NH1 . ARG A 1 108 ? -0.800  -13.424 -6.278  1.00 43.76 ? 199  ARG A NH1 1 
ATOM   823  N NH2 . ARG A 1 108 ? -2.493  -13.920 -7.772  1.00 46.54 ? 199  ARG A NH2 1 
ATOM   824  N N   . GLY A 1 109 ? -6.098  -10.467 0.164   1.00 24.67 ? 200  GLY A N   1 
ATOM   825  C CA  . GLY A 1 109 ? -6.924  -10.638 1.376   1.00 22.87 ? 200  GLY A CA  1 
ATOM   826  C C   . GLY A 1 109 ? -6.032  -10.226 2.560   1.00 20.21 ? 200  GLY A C   1 
ATOM   827  O O   . GLY A 1 109 ? -4.847  -10.105 2.401   1.00 18.53 ? 200  GLY A O   1 
ATOM   828  N N   . PRO A 1 110 ? -6.624  -9.985  3.740   1.00 18.94 ? 201  PRO A N   1 
ATOM   829  C CA  . PRO A 1 110 ? -5.814  -9.470  4.885   1.00 19.56 ? 201  PRO A CA  1 
ATOM   830  C C   . PRO A 1 110 ? -4.731  -10.466 5.259   1.00 17.98 ? 201  PRO A C   1 
ATOM   831  O O   . PRO A 1 110 ? -5.006  -11.656 5.253   1.00 19.69 ? 201  PRO A O   1 
ATOM   832  C CB  . PRO A 1 110 ? -6.822  -9.368  6.022   1.00 19.65 ? 201  PRO A CB  1 
ATOM   833  C CG  . PRO A 1 110 ? -8.218  -9.407  5.334   1.00 20.70 ? 201  PRO A CG  1 
ATOM   834  C CD  . PRO A 1 110 ? -8.033  -10.272 4.094   1.00 20.71 ? 201  PRO A CD  1 
ATOM   835  N N   . GLY A 1 111 ? -3.555  -9.993  5.638   1.00 17.07 ? 202  GLY A N   1 
ATOM   836  C CA  . GLY A 1 111 ? -2.406  -10.844 6.010   1.00 16.87 ? 202  GLY A CA  1 
ATOM   837  C C   . GLY A 1 111 ? -1.774  -11.580 4.818   1.00 19.25 ? 202  GLY A C   1 
ATOM   838  O O   . GLY A 1 111 ? -0.807  -12.349 5.023   1.00 17.98 ? 202  GLY A O   1 
ATOM   839  N N   . ALA A 1 112 ? -2.255  -11.345 3.582   1.00 18.60 ? 203  ALA A N   1 
ATOM   840  C CA  . ALA A 1 112 ? -1.726  -12.152 2.432   1.00 18.34 ? 203  ALA A CA  1 
ATOM   841  C C   . ALA A 1 112 ? -0.220  -12.004 2.255   1.00 19.43 ? 203  ALA A C   1 
ATOM   842  O O   . ALA A 1 112 ? 0.482   -12.988 1.990   1.00 20.42 ? 203  ALA A O   1 
ATOM   843  C CB  . ALA A 1 112 ? -2.549  -11.897 1.072   1.00 18.86 ? 203  ALA A CB  1 
ATOM   844  N N   . ILE A 1 113 ? 0.322   -10.836 2.558   1.00 19.12 ? 204  ILE A N   1 
ATOM   845  C CA  . ILE A 1 113 ? 1.723   -10.596 2.403   1.00 18.80 ? 204  ILE A CA  1 
ATOM   846  C C   . ILE A 1 113 ? 2.579   -11.481 3.381   1.00 17.85 ? 204  ILE A C   1 
ATOM   847  O O   . ILE A 1 113 ? 3.452   -12.286 2.940   1.00 13.86 ? 204  ILE A O   1 
ATOM   848  C CB  . ILE A 1 113 ? 2.051   -9.086  2.480   1.00 19.30 ? 204  ILE A CB  1 
ATOM   849  C CG1 . ILE A 1 113 ? 1.416   -8.378  1.247   1.00 23.09 ? 204  ILE A CG1 1 
ATOM   850  C CG2 . ILE A 1 113 ? 3.537   -8.911  2.494   1.00 19.30 ? 204  ILE A CG2 1 
ATOM   851  C CD1 . ILE A 1 113 ? 1.764   -6.844  1.067   1.00 28.53 ? 204  ILE A CD1 1 
ATOM   852  N N   . ILE A 1 114 ? 2.235   -11.428 4.664   1.00 16.23 ? 205  ILE A N   1 
ATOM   853  C CA  . ILE A 1 114 ? 2.979   -12.240 5.624   1.00 17.00 ? 205  ILE A CA  1 
ATOM   854  C C   . ILE A 1 114 ? 2.713   -13.733 5.487   1.00 16.63 ? 205  ILE A C   1 
ATOM   855  O O   . ILE A 1 114 ? 3.640   -14.553 5.730   1.00 17.22 ? 205  ILE A O   1 
ATOM   856  C CB  . ILE A 1 114 ? 2.715   -11.790 7.089   1.00 16.17 ? 205  ILE A CB  1 
ATOM   857  C CG1 . ILE A 1 114 ? 3.783   -12.343 8.037   1.00 14.17 ? 205  ILE A CG1 1 
ATOM   858  C CG2 . ILE A 1 114 ? 1.315   -12.172 7.591   1.00 17.99 ? 205  ILE A CG2 1 
ATOM   859  C CD1 . ILE A 1 114 ? 5.245   -11.954 7.599   1.00 16.32 ? 205  ILE A CD1 1 
ATOM   860  N N   . ARG A 1 115 ? 1.499   -14.103 5.077   1.00 16.67 ? 206  ARG A N   1 
ATOM   861  C CA  . ARG A 1 115 ? 1.186   -15.526 4.870   1.00 17.73 ? 206  ARG A CA  1 
ATOM   862  C C   . ARG A 1 115 ? 2.021   -16.042 3.681   1.00 19.67 ? 206  ARG A C   1 
ATOM   863  O O   . ARG A 1 115 ? 2.626   -17.148 3.702   1.00 17.68 ? 206  ARG A O   1 
ATOM   864  C CB  . ARG A 1 115 ? -0.322  -15.705 4.624   1.00 17.39 ? 206  ARG A CB  1 
ATOM   865  C CG  . ARG A 1 115 ? -1.200  -15.472 5.900   1.00 20.30 ? 206  ARG A CG  1 
ATOM   866  C CD  . ARG A 1 115 ? -2.642  -15.602 5.593   1.00 21.10 ? 206  ARG A CD  1 
ATOM   867  N NE  . ARG A 1 115 ? -2.985  -17.003 5.328   1.00 23.68 ? 206  ARG A NE  1 
ATOM   868  C CZ  . ARG A 1 115 ? -4.209  -17.443 5.019   1.00 30.81 ? 206  ARG A CZ  1 
ATOM   869  N NH1 . ARG A 1 115 ? -5.256  -16.593 4.916   1.00 31.30 ? 206  ARG A NH1 1 
ATOM   870  N NH2 . ARG A 1 115 ? -4.399  -18.750 4.823   1.00 31.22 ? 206  ARG A NH2 1 
ATOM   871  N N   . ASN A 1 116 ? 2.014   -15.264 2.612   1.00 17.99 ? 207  ASN A N   1 
ATOM   872  C CA  . ASN A 1 116 ? 2.858   -15.632 1.488   1.00 22.15 ? 207  ASN A CA  1 
ATOM   873  C C   . ASN A 1 116 ? 4.348   -15.679 1.854   1.00 19.83 ? 207  ASN A C   1 
ATOM   874  O O   . ASN A 1 116 ? 5.072   -16.604 1.420   1.00 19.24 ? 207  ASN A O   1 
ATOM   875  C CB  . ASN A 1 116 ? 2.552   -14.704 0.312   1.00 21.91 ? 207  ASN A CB  1 
ATOM   876  C CG  . ASN A 1 116 ? 3.207   -15.171 -1.009  1.00 32.30 ? 207  ASN A CG  1 
ATOM   877  O OD1 . ASN A 1 116 ? 2.933   -16.287 -1.534  1.00 34.75 ? 207  ASN A OD1 1 
ATOM   878  N ND2 . ASN A 1 116 ? 4.108   -14.332 -1.519  1.00 38.46 ? 207  ASN A ND2 1 
ATOM   879  N N   . ALA A 1 117 ? 4.822   -14.705 2.621   1.00 19.72 ? 208  ALA A N   1 
ATOM   880  C CA  . ALA A 1 117 ? 6.190   -14.730 3.085   1.00 20.62 ? 208  ALA A CA  1 
ATOM   881  C C   . ALA A 1 117 ? 6.567   -16.000 3.897   1.00 21.06 ? 208  ALA A C   1 
ATOM   882  O O   . ALA A 1 117 ? 7.643   -16.628 3.656   1.00 20.73 ? 208  ALA A O   1 
ATOM   883  C CB  . ALA A 1 117 ? 6.545   -13.487 3.865   1.00 20.68 ? 208  ALA A CB  1 
ATOM   884  N N   . PHE A 1 118 ? 5.736   -16.333 4.885   1.00 19.07 ? 209  PHE A N   1 
ATOM   885  C CA  . PHE A 1 118 ? 5.935   -17.508 5.740   1.00 20.94 ? 209  PHE A CA  1 
ATOM   886  C C   . PHE A 1 118 ? 5.924   -18.746 4.852   1.00 21.30 ? 209  PHE A C   1 
ATOM   887  O O   . PHE A 1 118 ? 6.774   -19.652 5.010   1.00 22.33 ? 209  PHE A O   1 
ATOM   888  C CB  . PHE A 1 118 ? 4.814   -17.610 6.823   1.00 19.33 ? 209  PHE A CB  1 
ATOM   889  C CG  . PHE A 1 118 ? 5.177   -16.969 8.159   1.00 19.58 ? 209  PHE A CG  1 
ATOM   890  C CD1 . PHE A 1 118 ? 5.742   -15.705 8.230   1.00 22.63 ? 209  PHE A CD1 1 
ATOM   891  C CD2 . PHE A 1 118 ? 4.893   -17.642 9.363   1.00 23.50 ? 209  PHE A CD2 1 
ATOM   892  C CE1 . PHE A 1 118 ? 6.114   -15.124 9.477   1.00 25.08 ? 209  PHE A CE1 1 
ATOM   893  C CE2 . PHE A 1 118 ? 5.239   -17.093 10.578  1.00 27.01 ? 209  PHE A CE2 1 
ATOM   894  C CZ  . PHE A 1 118 ? 5.859   -15.810 10.646  1.00 24.15 ? 209  PHE A CZ  1 
ATOM   895  N N   . ALA A 1 119 ? 4.982   -18.803 3.920   1.00 21.23 ? 210  ALA A N   1 
ATOM   896  C CA  . ALA A 1 119 ? 4.845   -19.977 3.066   1.00 22.63 ? 210  ALA A CA  1 
ATOM   897  C C   . ALA A 1 119 ? 6.118   -20.221 2.239   1.00 25.75 ? 210  ALA A C   1 
ATOM   898  O O   . ALA A 1 119 ? 6.536   -21.390 2.081   1.00 25.70 ? 210  ALA A O   1 
ATOM   899  C CB  . ALA A 1 119 ? 3.661   -19.848 2.146   1.00 21.36 ? 210  ALA A CB  1 
ATOM   900  N N   . ARG A 1 120 ? 6.702   -19.134 1.698   1.00 26.88 ? 211  ARG A N   1 
ATOM   901  C CA  . ARG A 1 120 ? 7.811   -19.264 0.686   1.00 32.01 ? 211  ARG A CA  1 
ATOM   902  C C   . ARG A 1 120 ? 9.088   -19.722 1.367   1.00 32.79 ? 211  ARG A C   1 
ATOM   903  O O   . ARG A 1 120 ? 9.965   -20.306 0.714   1.00 34.81 ? 211  ARG A O   1 
ATOM   904  C CB  . ARG A 1 120 ? 8.072   -17.929 -0.003  1.00 31.11 ? 211  ARG A CB  1 
ATOM   905  C CG  . ARG A 1 120 ? 7.078   -17.509 -1.056  1.00 34.97 ? 211  ARG A CG  1 
ATOM   906  C CD  . ARG A 1 120 ? 7.295   -16.006 -1.261  1.00 37.85 ? 211  ARG A CD  1 
ATOM   907  N NE  . ARG A 1 120 ? 6.536   -15.436 -2.362  1.00 46.97 ? 211  ARG A NE  1 
ATOM   908  C CZ  . ARG A 1 120 ? 7.010   -14.470 -3.154  1.00 48.86 ? 211  ARG A CZ  1 
ATOM   909  N NH1 . ARG A 1 120 ? 8.260   -14.008 -2.977  1.00 49.45 ? 211  ARG A NH1 1 
ATOM   910  N NH2 . ARG A 1 120 ? 6.258   -13.982 -4.131  1.00 47.62 ? 211  ARG A NH2 1 
ATOM   911  N N   . TYR A 1 121 ? 9.192   -19.446 2.667   1.00 33.69 ? 212  TYR A N   1 
ATOM   912  C CA  . TYR A 1 121 ? 10.320  -19.889 3.467   1.00 35.92 ? 212  TYR A CA  1 
ATOM   913  C C   . TYR A 1 121 ? 10.084  -21.195 4.211   1.00 36.50 ? 212  TYR A C   1 
ATOM   914  O O   . TYR A 1 121 ? 10.779  -21.483 5.179   1.00 37.19 ? 212  TYR A O   1 
ATOM   915  C CB  . TYR A 1 121 ? 10.748  -18.833 4.469   1.00 37.14 ? 212  TYR A CB  1 
ATOM   916  C CG  . TYR A 1 121 ? 11.610  -17.748 3.887   1.00 39.60 ? 212  TYR A CG  1 
ATOM   917  C CD1 . TYR A 1 121 ? 12.985  -17.951 3.704   1.00 41.31 ? 212  TYR A CD1 1 
ATOM   918  C CD2 . TYR A 1 121 ? 11.064  -16.520 3.525   1.00 39.91 ? 212  TYR A CD2 1 
ATOM   919  C CE1 . TYR A 1 121 ? 13.797  -16.944 3.175   1.00 43.38 ? 212  TYR A CE1 1 
ATOM   920  C CE2 . TYR A 1 121 ? 11.873  -15.505 2.993   1.00 43.46 ? 212  TYR A CE2 1 
ATOM   921  C CZ  . TYR A 1 121 ? 13.240  -15.742 2.815   1.00 42.31 ? 212  TYR A CZ  1 
ATOM   922  O OH  . TYR A 1 121 ? 14.054  -14.766 2.291   1.00 44.77 ? 212  TYR A OH  1 
ATOM   923  N N   . GLY A 1 122 ? 9.155   -22.007 3.726   1.00 36.24 ? 213  GLY A N   1 
ATOM   924  C CA  . GLY A 1 122 ? 8.860   -23.309 4.345   1.00 36.21 ? 213  GLY A CA  1 
ATOM   925  C C   . GLY A 1 122 ? 8.285   -23.282 5.766   1.00 35.06 ? 213  GLY A C   1 
ATOM   926  O O   . GLY A 1 122 ? 8.349   -24.288 6.459   1.00 36.34 ? 213  GLY A O   1 
ATOM   927  N N   . LEU A 1 123 ? 7.703   -22.154 6.209   1.00 32.75 ? 214  LEU A N   1 
ATOM   928  C CA  . LEU A 1 123 ? 7.152   -22.044 7.584   1.00 29.84 ? 214  LEU A CA  1 
ATOM   929  C C   . LEU A 1 123 ? 5.663   -22.386 7.683   1.00 28.16 ? 214  LEU A C   1 
ATOM   930  O O   . LEU A 1 123 ? 4.956   -22.368 6.686   1.00 27.46 ? 214  LEU A O   1 
ATOM   931  C CB  . LEU A 1 123 ? 7.404   -20.640 8.112   1.00 31.01 ? 214  LEU A CB  1 
ATOM   932  C CG  . LEU A 1 123 ? 8.865   -20.208 8.070   1.00 31.20 ? 214  LEU A CG  1 
ATOM   933  C CD1 . LEU A 1 123 ? 8.945   -18.765 8.451   1.00 29.79 ? 214  LEU A CD1 1 
ATOM   934  C CD2 . LEU A 1 123 ? 9.699   -21.126 9.024   1.00 31.58 ? 214  LEU A CD2 1 
ATOM   935  N N   . PRO A 1 124 ? 5.137   -22.716 8.884   1.00 28.28 ? 215  PRO A N   1 
ATOM   936  C CA  . PRO A 1 124 ? 3.678   -22.904 8.873   1.00 26.71 ? 215  PRO A CA  1 
ATOM   937  C C   . PRO A 1 124 ? 3.020   -21.510 8.785   1.00 24.23 ? 215  PRO A C   1 
ATOM   938  O O   . PRO A 1 124 ? 3.724   -20.517 8.768   1.00 23.02 ? 215  PRO A O   1 
ATOM   939  C CB  . PRO A 1 124 ? 3.375   -23.551 10.247  1.00 28.36 ? 215  PRO A CB  1 
ATOM   940  C CG  . PRO A 1 124 ? 4.655   -23.560 10.995  1.00 29.12 ? 215  PRO A CG  1 
ATOM   941  C CD  . PRO A 1 124 ? 5.684   -22.780 10.243  1.00 29.82 ? 215  PRO A CD  1 
ATOM   942  N N   . GLU A 1 125 ? 1.704   -21.464 8.810   1.00 22.01 ? 216  GLU A N   1 
ATOM   943  C CA  . GLU A 1 125 ? 0.959   -20.189 8.692   1.00 22.20 ? 216  GLU A CA  1 
ATOM   944  C C   . GLU A 1 125 ? 1.294   -19.287 9.853   1.00 20.96 ? 216  GLU A C   1 
ATOM   945  O O   . GLU A 1 125 ? 1.471   -19.777 10.950  1.00 21.56 ? 216  GLU A O   1 
ATOM   946  C CB  . GLU A 1 125 ? -0.529  -20.479 8.730   1.00 21.45 ? 216  GLU A CB  1 
ATOM   947  C CG  . GLU A 1 125 ? -1.076  -21.244 7.550   1.00 26.82 ? 216  GLU A CG  1 
ATOM   948  C CD  . GLU A 1 125 ? -1.533  -20.297 6.444   1.00 29.49 ? 216  GLU A CD  1 
ATOM   949  O OE1 . GLU A 1 125 ? -1.228  -19.059 6.505   1.00 30.51 ? 216  GLU A OE1 1 
ATOM   950  O OE2 . GLU A 1 125 ? -2.167  -20.786 5.496   1.00 28.28 ? 216  GLU A OE2 1 
ATOM   951  N N   . PRO A 1 126 ? 1.424   -17.967 9.627   1.00 21.16 ? 217  PRO A N   1 
ATOM   952  C CA  . PRO A 1 126 ? 1.551   -16.990 10.757  1.00 19.01 ? 217  PRO A CA  1 
ATOM   953  C C   . PRO A 1 126 ? 0.295   -16.998 11.632  1.00 17.66 ? 217  PRO A C   1 
ATOM   954  O O   . PRO A 1 126 ? -0.808  -17.228 11.127  1.00 18.54 ? 217  PRO A O   1 
ATOM   955  C CB  . PRO A 1 126 ? 1.700   -15.628 10.056  1.00 20.76 ? 217  PRO A CB  1 
ATOM   956  C CG  . PRO A 1 126 ? 1.084   -15.826 8.715   1.00 20.07 ? 217  PRO A CG  1 
ATOM   957  C CD  . PRO A 1 126 ? 1.263   -17.298 8.333   1.00 19.75 ? 217  PRO A CD  1 
ATOM   958  N N   . LYS A 1 127 ? 0.447   -16.755 12.920  1.00 14.32 ? 218  LYS A N   1 
ATOM   959  C CA  . LYS A 1 127 ? -0.690  -16.810 13.846  1.00 16.06 ? 218  LYS A CA  1 
ATOM   960  C C   . LYS A 1 127 ? -1.486  -15.523 13.776  1.00 16.06 ? 218  LYS A C   1 
ATOM   961  O O   . LYS A 1 127 ? -0.882  -14.433 13.756  1.00 15.77 ? 218  LYS A O   1 
ATOM   962  C CB  . LYS A 1 127 ? -0.201  -16.973 15.282  1.00 17.57 ? 218  LYS A CB  1 
ATOM   963  C CG  . LYS A 1 127 ? 0.248   -18.447 15.544  1.00 22.38 ? 218  LYS A CG  1 
ATOM   964  C CD  . LYS A 1 127 ? 1.164   -18.569 16.736  1.00 29.05 ? 218  LYS A CD  1 
ATOM   965  C CE  . LYS A 1 127 ? 1.021   -20.002 17.347  1.00 33.92 ? 218  LYS A CE  1 
ATOM   966  N NZ  . LYS A 1 127 ? 0.881   -21.094 16.243  1.00 37.15 ? 218  LYS A NZ  1 
ATOM   967  N N   . LEU A 1 128 ? -2.813  -15.662 13.704  1.00 17.66 ? 219  LEU A N   1 
ATOM   968  C CA  . LEU A 1 128 ? -3.744  -14.529 13.542  1.00 18.47 ? 219  LEU A CA  1 
ATOM   969  C C   . LEU A 1 128 ? -4.069  -13.986 14.917  1.00 19.23 ? 219  LEU A C   1 
ATOM   970  O O   . LEU A 1 128 ? -4.623  -14.733 15.771  1.00 19.22 ? 219  LEU A O   1 
ATOM   971  C CB  . LEU A 1 128 ? -5.030  -14.996 12.822  1.00 18.98 ? 219  LEU A CB  1 
ATOM   972  C CG  . LEU A 1 128 ? -6.302  -14.093 12.721  1.00 23.16 ? 219  LEU A CG  1 
ATOM   973  C CD1 . LEU A 1 128 ? -5.903  -12.738 12.285  1.00 25.83 ? 219  LEU A CD1 1 
ATOM   974  C CD2 . LEU A 1 128 ? -7.305  -14.646 11.719  1.00 30.21 ? 219  LEU A CD2 1 
ATOM   975  N N   . GLY A 1 129 ? -3.672  -12.727 15.180  1.00 17.15 ? 220  GLY A N   1 
ATOM   976  C CA  . GLY A 1 129 ? -4.051  -12.093 16.436  1.00 18.38 ? 220  GLY A CA  1 
ATOM   977  C C   . GLY A 1 129 ? -5.258  -11.201 16.196  1.00 18.34 ? 220  GLY A C   1 
ATOM   978  O O   . GLY A 1 129 ? -6.183  -11.149 17.007  1.00 19.47 ? 220  GLY A O   1 
ATOM   979  N N   . LEU A 1 130 ? -5.293  -10.536 15.056  1.00 17.49 ? 221  LEU A N   1 
ATOM   980  C CA  . LEU A 1 130 ? -6.483  -9.786  14.658  1.00 16.99 ? 221  LEU A CA  1 
ATOM   981  C C   . LEU A 1 130 ? -6.427  -9.301  13.230  1.00 16.67 ? 221  LEU A C   1 
ATOM   982  O O   . LEU A 1 130 ? -5.378  -9.315  12.639  1.00 15.09 ? 221  LEU A O   1 
ATOM   983  C CB  . LEU A 1 130 ? -6.742  -8.643  15.579  1.00 20.76 ? 221  LEU A CB  1 
ATOM   984  C CG  . LEU A 1 130 ? -5.855  -7.469  15.670  1.00 19.12 ? 221  LEU A CG  1 
ATOM   985  C CD1 . LEU A 1 130 ? -6.229  -6.464  14.575  1.00 23.93 ? 221  LEU A CD1 1 
ATOM   986  C CD2 . LEU A 1 130 ? -6.192  -6.721  16.957  1.00 29.36 ? 221  LEU A CD2 1 
ATOM   987  N N   . VAL A 1 131 ? -7.569  -8.898  12.676  1.00 14.62 ? 222  VAL A N   1 
ATOM   988  C CA  . VAL A 1 131 ? -7.585  -8.425  11.305  1.00 13.82 ? 222  VAL A CA  1 
ATOM   989  C C   . VAL A 1 131 ? -7.843  -6.918  11.365  1.00 14.10 ? 222  VAL A C   1 
ATOM   990  O O   . VAL A 1 131 ? -8.775  -6.469  12.018  1.00 15.56 ? 222  VAL A O   1 
ATOM   991  C CB  . VAL A 1 131 ? -8.667  -9.134  10.454  1.00 14.16 ? 222  VAL A CB  1 
ATOM   992  C CG1 . VAL A 1 131 ? -8.711  -8.553  9.055   1.00 13.61 ? 222  VAL A CG1 1 
ATOM   993  C CG2 . VAL A 1 131 ? -8.414  -10.620 10.369  1.00 17.00 ? 222  VAL A CG2 1 
ATOM   994  N N   . CYS A 1 132 ? -6.930  -6.146  10.818  1.00 13.12 ? 223  CYS A N   1 
ATOM   995  C CA  . CYS A 1 132 ? -7.089  -4.677  10.823  1.00 14.63 ? 223  CYS A CA  1 
ATOM   996  C C   . CYS A 1 132 ? -6.971  -4.161  9.414   1.00 14.99 ? 223  CYS A C   1 
ATOM   997  O O   . CYS A 1 132 ? -5.848  -3.899  8.935   1.00 17.22 ? 223  CYS A O   1 
ATOM   998  C CB  . CYS A 1 132 ? -6.005  -4.041  11.679  1.00 15.30 ? 223  CYS A CB  1 
ATOM   999  S SG  . CYS A 1 132 ? -6.241  -2.288  11.841  1.00 18.63 ? 223  CYS A SG  1 
ATOM   1000 N N   . GLU A 1 133 ? -8.125  -4.014  8.756   1.00 16.30 ? 224  GLU A N   1 
ATOM   1001 C CA  . GLU A 1 133 ? -8.191  -3.577  7.384   1.00 17.45 ? 224  GLU A CA  1 
ATOM   1002 C C   . GLU A 1 133 ? -7.890  -2.086  7.243   1.00 19.19 ? 224  GLU A C   1 
ATOM   1003 O O   . GLU A 1 133 ? -7.566  -1.627  6.133   1.00 20.89 ? 224  GLU A O   1 
ATOM   1004 C CB  . GLU A 1 133 ? -9.531  -3.993  6.721   1.00 18.75 ? 224  GLU A CB  1 
ATOM   1005 C CG  . GLU A 1 133 ? -9.575  -5.502  6.634   1.00 24.86 ? 224  GLU A CG  1 
ATOM   1006 C CD  . GLU A 1 133 ? -10.782 -6.038  5.814   1.00 33.57 ? 224  GLU A CD  1 
ATOM   1007 O OE1 . GLU A 1 133 ? -10.991 -5.600  4.685   1.00 36.87 ? 224  GLU A OE1 1 
ATOM   1008 O OE2 . GLU A 1 133 ? -11.502 -6.897  6.319   1.00 37.45 ? 224  GLU A OE2 1 
ATOM   1009 N N   . SER A 1 134 ? -7.820  -1.354  8.345   1.00 17.46 ? 225  SER A N   1 
ATOM   1010 C CA  . SER A 1 134 ? -7.657  0.088   8.286   1.00 16.78 ? 225  SER A CA  1 
ATOM   1011 C C   . SER A 1 134 ? -6.204  0.453   8.462   1.00 17.64 ? 225  SER A C   1 
ATOM   1012 O O   . SER A 1 134 ? -5.666  0.242   9.525   1.00 14.90 ? 225  SER A O   1 
ATOM   1013 C CB  . SER A 1 134 ? -8.413  0.732   9.447   1.00 16.66 ? 225  SER A CB  1 
ATOM   1014 O OG  . SER A 1 134 ? -8.138  2.129   9.497   1.00 17.82 ? 225  SER A OG  1 
ATOM   1015 N N   . PHE A 1 135 ? -5.572  0.986   7.419   1.00 17.96 ? 226  PHE A N   1 
ATOM   1016 C CA  . PHE A 1 135 ? -4.213  1.436   7.561   1.00 17.38 ? 226  PHE A CA  1 
ATOM   1017 C C   . PHE A 1 135 ? -4.113  2.689   8.452   1.00 18.02 ? 226  PHE A C   1 
ATOM   1018 O O   . PHE A 1 135 ? -3.069  2.976   9.079   1.00 17.21 ? 226  PHE A O   1 
ATOM   1019 C CB  . PHE A 1 135 ? -3.545  1.644   6.224   1.00 16.76 ? 226  PHE A CB  1 
ATOM   1020 C CG  . PHE A 1 135 ? -2.975  0.371   5.642   1.00 17.63 ? 226  PHE A CG  1 
ATOM   1021 C CD1 . PHE A 1 135 ? -1.948  -0.334  6.312   1.00 17.34 ? 226  PHE A CD1 1 
ATOM   1022 C CD2 . PHE A 1 135 ? -3.490  -0.143  4.447   1.00 20.70 ? 226  PHE A CD2 1 
ATOM   1023 C CE1 . PHE A 1 135 ? -1.381  -1.608  5.766   1.00 16.21 ? 226  PHE A CE1 1 
ATOM   1024 C CE2 . PHE A 1 135 ? -2.951  -1.315  3.859   1.00 20.57 ? 226  PHE A CE2 1 
ATOM   1025 C CZ  . PHE A 1 135 ? -1.939  -2.082  4.519   1.00 16.93 ? 226  PHE A CZ  1 
ATOM   1026 N N   . LEU A 1 136 ? -5.185  3.464   8.489   1.00 17.52 ? 227  LEU A N   1 
ATOM   1027 C CA  . LEU A 1 136 ? -5.244  4.538   9.433   1.00 19.36 ? 227  LEU A CA  1 
ATOM   1028 C C   . LEU A 1 136 ? -5.100  4.033   10.856  1.00 18.32 ? 227  LEU A C   1 
ATOM   1029 O O   . LEU A 1 136 ? -4.430  4.664   11.629  1.00 17.77 ? 227  LEU A O   1 
ATOM   1030 C CB  . LEU A 1 136 ? -6.550  5.326   9.274   1.00 20.22 ? 227  LEU A CB  1 
ATOM   1031 C CG  . LEU A 1 136 ? -6.671  6.691   9.946   1.00 22.34 ? 227  LEU A CG  1 
ATOM   1032 C CD1 . LEU A 1 136 ? -5.465  7.548   9.855   1.00 24.17 ? 227  LEU A CD1 1 
ATOM   1033 C CD2 . LEU A 1 136 ? -7.833  7.527   9.389   1.00 26.68 ? 227  LEU A CD2 1 
ATOM   1034 N N   . ALA A 1 137 ? -5.805  2.948   11.209  1.00 16.82 ? 228  ALA A N   1 
ATOM   1035 C CA  . ALA A 1 137 ? -5.865  2.415   12.578  1.00 15.67 ? 228  ALA A CA  1 
ATOM   1036 C C   . ALA A 1 137 ? -4.635  1.583   12.955  1.00 14.76 ? 228  ALA A C   1 
ATOM   1037 O O   . ALA A 1 137 ? -4.231  1.453   14.152  1.00 15.50 ? 228  ALA A O   1 
ATOM   1038 C CB  . ALA A 1 137 ? -7.180  1.543   12.746  1.00 18.20 ? 228  ALA A CB  1 
ATOM   1039 N N   . LEU A 1 138 ? -3.975  1.060   11.942  1.00 14.38 ? 229  LEU A N   1 
ATOM   1040 C CA  . LEU A 1 138 ? -2.984  0.002   12.184  1.00 13.84 ? 229  LEU A CA  1 
ATOM   1041 C C   . LEU A 1 138 ? -1.813  0.378   13.078  1.00 14.23 ? 229  LEU A C   1 
ATOM   1042 O O   . LEU A 1 138 ? -1.476  -0.439  13.967  1.00 13.17 ? 229  LEU A O   1 
ATOM   1043 C CB  . LEU A 1 138 ? -2.508  -0.652  10.833  1.00 13.69 ? 229  LEU A CB  1 
ATOM   1044 C CG  . LEU A 1 138 ? -1.538  -1.832  10.873  1.00 14.79 ? 229  LEU A CG  1 
ATOM   1045 C CD1 . LEU A 1 138 ? -2.323  -3.143  11.355  1.00 15.89 ? 229  LEU A CD1 1 
ATOM   1046 C CD2 . LEU A 1 138 ? -0.979  -2.105  9.488   1.00 12.42 ? 229  LEU A CD2 1 
ATOM   1047 N N   . PRO A 1 139 ? -1.146  1.549   12.829  1.00 14.36 ? 230  PRO A N   1 
ATOM   1048 C CA  . PRO A 1 139 ? 0.041   1.808   13.609  1.00 14.21 ? 230  PRO A CA  1 
ATOM   1049 C C   . PRO A 1 139 ? -0.292  1.906   15.110  1.00 15.64 ? 230  PRO A C   1 
ATOM   1050 O O   . PRO A 1 139 ? 0.464   1.368   15.921  1.00 17.17 ? 230  PRO A O   1 
ATOM   1051 C CB  . PRO A 1 139 ? 0.506   3.154   13.069  1.00 12.46 ? 230  PRO A CB  1 
ATOM   1052 C CG  . PRO A 1 139 ? 0.079   3.135   11.603  1.00 15.46 ? 230  PRO A CG  1 
ATOM   1053 C CD  . PRO A 1 139 ? -1.314  2.585   11.788  1.00 12.68 ? 230  PRO A CD  1 
ATOM   1054 N N   . GLY A 1 140 ? -1.374  2.580   15.443  1.00 15.42 ? 231  GLY A N   1 
ATOM   1055 C CA  . GLY A 1 140 ? -1.801  2.764   16.883  1.00 18.20 ? 231  GLY A CA  1 
ATOM   1056 C C   . GLY A 1 140 ? -2.203  1.441   17.513  1.00 17.42 ? 231  GLY A C   1 
ATOM   1057 O O   . GLY A 1 140 ? -1.839  1.128   18.671  1.00 16.68 ? 231  GLY A O   1 
ATOM   1058 N N   . VAL A 1 141 ? -2.856  0.581   16.739  1.00 18.68 ? 232  VAL A N   1 
ATOM   1059 C CA  . VAL A 1 141 ? -3.167  -0.786  17.233  1.00 17.51 ? 232  VAL A CA  1 
ATOM   1060 C C   . VAL A 1 141 ? -1.972  -1.618  17.554  1.00 18.57 ? 232  VAL A C   1 
ATOM   1061 O O   . VAL A 1 141 ? -1.891  -2.250  18.646  1.00 19.76 ? 232  VAL A O   1 
ATOM   1062 C CB  . VAL A 1 141 ? -4.176  -1.509  16.233  1.00 17.56 ? 232  VAL A CB  1 
ATOM   1063 C CG1 . VAL A 1 141 ? -4.441  -2.929  16.679  1.00 21.43 ? 232  VAL A CG1 1 
ATOM   1064 C CG2 . VAL A 1 141 ? -5.476  -0.786  16.240  1.00 15.16 ? 232  VAL A CG2 1 
ATOM   1065 N N   . VAL A 1 142 ? -0.946  -1.543  16.701  1.00 16.60 ? 233  VAL A N   1 
ATOM   1066 C CA  . VAL A 1 142 ? 0.233   -2.337  16.897  1.00 15.93 ? 233  VAL A CA  1 
ATOM   1067 C C   . VAL A 1 142 ? 1.020   -1.726  18.048  1.00 18.96 ? 233  VAL A C   1 
ATOM   1068 O O   . VAL A 1 142 ? 1.606   -2.452  18.887  1.00 19.06 ? 233  VAL A O   1 
ATOM   1069 C CB  . VAL A 1 142 ? 1.023   -2.332  15.606  1.00 15.33 ? 233  VAL A CB  1 
ATOM   1070 C CG1 . VAL A 1 142 ? 2.342   -2.859  15.812  1.00 14.77 ? 233  VAL A CG1 1 
ATOM   1071 C CG2 . VAL A 1 142 ? 0.185   -3.176  14.445  1.00 14.16 ? 233  VAL A CG2 1 
ATOM   1072 N N   . ALA A 1 143 ? 1.061   -0.402  18.090  1.00 17.37 ? 234  ALA A N   1 
ATOM   1073 C CA  . ALA A 1 143 ? 1.849   0.276   19.190  1.00 19.68 ? 234  ALA A CA  1 
ATOM   1074 C C   . ALA A 1 143 ? 1.312   -0.086  20.569  1.00 20.06 ? 234  ALA A C   1 
ATOM   1075 O O   . ALA A 1 143 ? 2.096   -0.039  21.557  1.00 22.03 ? 234  ALA A O   1 
ATOM   1076 C CB  . ALA A 1 143 ? 1.844   1.825   19.019  1.00 18.70 ? 234  ALA A CB  1 
ATOM   1077 N N   . HIS A 1 144 ? 0.004   -0.335  20.665  1.00 19.42 ? 235  HIS A N   1 
ATOM   1078 C CA  . HIS A 1 144 ? -0.632  -0.711  21.912  1.00 21.44 ? 235  HIS A CA  1 
ATOM   1079 C C   . HIS A 1 144 ? -0.808  -2.241  22.073  1.00 20.97 ? 235  HIS A C   1 
ATOM   1080 O O   . HIS A 1 144 ? -1.779  -2.668  22.701  1.00 22.48 ? 235  HIS A O   1 
ATOM   1081 C CB  . HIS A 1 144 ? -2.019  -0.094  22.063  1.00 21.25 ? 235  HIS A CB  1 
ATOM   1082 C CG  . HIS A 1 144 ? -1.970  1.342   22.404  1.00 23.73 ? 235  HIS A CG  1 
ATOM   1083 N ND1 . HIS A 1 144 ? -2.145  1.789   23.692  1.00 25.33 ? 235  HIS A ND1 1 
ATOM   1084 C CD2 . HIS A 1 144 ? -1.653  2.431   21.656  1.00 27.30 ? 235  HIS A CD2 1 
ATOM   1085 C CE1 . HIS A 1 144 ? -1.991  3.105   23.718  1.00 29.59 ? 235  HIS A CE1 1 
ATOM   1086 N NE2 . HIS A 1 144 ? -1.723  3.520   22.494  1.00 26.71 ? 235  HIS A NE2 1 
ATOM   1087 N N   . SER A 1 145 ? 0.111   -3.047  21.547  1.00 18.98 ? 236  SER A N   1 
ATOM   1088 C CA  . SER A 1 145 ? -0.089  -4.496  21.653  1.00 19.12 ? 236  SER A CA  1 
ATOM   1089 C C   . SER A 1 145 ? 1.244   -5.111  21.463  1.00 18.05 ? 236  SER A C   1 
ATOM   1090 O O   . SER A 1 145 ? 2.161   -4.398  21.231  1.00 19.78 ? 236  SER A O   1 
ATOM   1091 C CB  . SER A 1 145 ? -1.066  -4.942  20.565  1.00 17.21 ? 236  SER A CB  1 
ATOM   1092 O OG  . SER A 1 145 ? -0.393  -4.985  19.281  1.00 18.55 ? 236  SER A OG  1 
ATOM   1093 N N   . ASP A 1 146 ? 1.351   -6.439  21.516  1.00 16.75 ? 237  ASP A N   1 
ATOM   1094 C CA  . ASP A 1 146 ? 2.541   -7.102  21.039  1.00 17.54 ? 237  ASP A CA  1 
ATOM   1095 C C   . ASP A 1 146 ? 2.314   -7.812  19.704  1.00 15.71 ? 237  ASP A C   1 
ATOM   1096 O O   . ASP A 1 146 ? 3.031   -8.766  19.346  1.00 19.23 ? 237  ASP A O   1 
ATOM   1097 C CB  . ASP A 1 146 ? 3.169   -8.021  22.119  1.00 17.55 ? 237  ASP A CB  1 
ATOM   1098 C CG  . ASP A 1 146 ? 2.271   -9.125  22.554  0.50 19.15 ? 237  ASP A CG  1 
ATOM   1099 O OD1 . ASP A 1 146 ? 1.072   -9.139  22.160  0.50 23.16 ? 237  ASP A OD1 1 
ATOM   1100 O OD2 . ASP A 1 146 ? 2.771   -9.974  23.349  0.50 19.65 ? 237  ASP A OD2 1 
ATOM   1101 N N   . LEU A 1 147 ? 1.355   -7.306  18.926  1.00 15.23 ? 238  LEU A N   1 
ATOM   1102 C CA  . LEU A 1 147 ? 1.150   -7.871  17.563  1.00 15.54 ? 238  LEU A CA  1 
ATOM   1103 C C   . LEU A 1 147 ? 2.205   -7.355  16.581  1.00 16.11 ? 238  LEU A C   1 
ATOM   1104 O O   . LEU A 1 147 ? 2.589   -6.195  16.660  1.00 16.93 ? 238  LEU A O   1 
ATOM   1105 C CB  . LEU A 1 147 ? -0.192  -7.456  17.003  1.00 14.60 ? 238  LEU A CB  1 
ATOM   1106 C CG  . LEU A 1 147 ? -1.401  -7.940  17.832  1.00 19.76 ? 238  LEU A CG  1 
ATOM   1107 C CD1 . LEU A 1 147 ? -2.688  -7.315  17.397  1.00 19.97 ? 238  LEU A CD1 1 
ATOM   1108 C CD2 . LEU A 1 147 ? -1.508  -9.493  17.783  1.00 18.60 ? 238  LEU A CD2 1 
ATOM   1109 N N   . LEU A 1 148 ? 2.606   -8.169  15.634  1.00 15.19 ? 239  LEU A N   1 
ATOM   1110 C CA  . LEU A 1 148 ? 3.442   -7.654  14.535  1.00 14.43 ? 239  LEU A CA  1 
ATOM   1111 C C   . LEU A 1 148 ? 2.535   -7.449  13.332  1.00 13.70 ? 239  LEU A C   1 
ATOM   1112 O O   . LEU A 1 148 ? 1.420   -8.030  13.248  1.00 13.17 ? 239  LEU A O   1 
ATOM   1113 C CB  . LEU A 1 148 ? 4.552   -8.643  14.190  1.00 13.58 ? 239  LEU A CB  1 
ATOM   1114 C CG  . LEU A 1 148 ? 5.585   -8.937  15.261  1.00 12.73 ? 239  LEU A CG  1 
ATOM   1115 C CD1 . LEU A 1 148 ? 6.543   -9.979  14.643  1.00 16.64 ? 239  LEU A CD1 1 
ATOM   1116 C CD2 . LEU A 1 148 ? 6.265   -7.622  15.657  1.00 15.02 ? 239  LEU A CD2 1 
ATOM   1117 N N   . THR A 1 149 ? 3.032   -6.704  12.358  1.00 13.97 ? 240  THR A N   1 
ATOM   1118 C CA  . THR A 1 149 ? 2.224   -6.526  11.137  1.00 13.94 ? 240  THR A CA  1 
ATOM   1119 C C   . THR A 1 149 ? 3.154   -6.209  9.987   1.00 16.32 ? 240  THR A C   1 
ATOM   1120 O O   . THR A 1 149 ? 4.329   -5.983  10.173  1.00 15.43 ? 240  THR A O   1 
ATOM   1121 C CB  . THR A 1 149 ? 1.155   -5.347  11.334  1.00 13.55 ? 240  THR A CB  1 
ATOM   1122 O OG1 . THR A 1 149 ? 0.184   -5.424  10.295  1.00 16.16 ? 240  THR A OG1 1 
ATOM   1123 C CG2 . THR A 1 149 ? 1.769   -3.932  11.290  1.00 14.29 ? 240  THR A CG2 1 
ATOM   1124 N N   . THR A 1 150 ? 2.591   -6.131  8.794   1.00 15.31 ? 241  THR A N   1 
ATOM   1125 C CA  . THR A 1 150 ? 3.332   -5.592  7.723   1.00 17.65 ? 241  THR A CA  1 
ATOM   1126 C C   . THR A 1 150 ? 2.653   -4.321  7.307   1.00 18.59 ? 241  THR A C   1 
ATOM   1127 O O   . THR A 1 150 ? 1.402   -4.178  7.354   1.00 17.38 ? 241  THR A O   1 
ATOM   1128 C CB  . THR A 1 150 ? 3.466   -6.570  6.499   1.00 17.49 ? 241  THR A CB  1 
ATOM   1129 O OG1 . THR A 1 150 ? 2.190   -6.853  5.967   1.00 20.40 ? 241  THR A OG1 1 
ATOM   1130 C CG2 . THR A 1 150 ? 4.096   -7.972  6.908   1.00 19.25 ? 241  THR A CG2 1 
ATOM   1131 N N   . MET A 1 151 ? 3.492   -3.397  6.879   1.00 17.77 ? 242  MET A N   1 
ATOM   1132 C CA  . MET A 1 151 ? 2.969   -2.147  6.278   1.00 17.83 ? 242  MET A CA  1 
ATOM   1133 C C   . MET A 1 151 ? 3.986   -1.534  5.285   1.00 16.97 ? 242  MET A C   1 
ATOM   1134 O O   . MET A 1 151 ? 5.136   -1.942  5.246   1.00 15.26 ? 242  MET A O   1 
ATOM   1135 C CB  . MET A 1 151 ? 2.601   -1.169  7.374   1.00 16.79 ? 242  MET A CB  1 
ATOM   1136 C CG  . MET A 1 151 ? 3.747   -0.663  8.221   1.00 13.18 ? 242  MET A CG  1 
ATOM   1137 S SD  . MET A 1 151 ? 3.276   0.629   9.382   1.00 17.60 ? 242  MET A SD  1 
ATOM   1138 C CE  . MET A 1 151 ? 2.608   -0.343  10.774  1.00 19.90 ? 242  MET A CE  1 
ATOM   1139 N N   . PRO A 1 152 ? 3.508   -0.636  4.403   1.00 16.49 ? 243  PRO A N   1 
ATOM   1140 C CA  . PRO A 1 152 ? 4.413   0.133   3.571   1.00 16.82 ? 243  PRO A CA  1 
ATOM   1141 C C   . PRO A 1 152 ? 5.376   0.888   4.424   1.00 15.18 ? 243  PRO A C   1 
ATOM   1142 O O   . PRO A 1 152 ? 4.977   1.408   5.452   1.00 17.11 ? 243  PRO A O   1 
ATOM   1143 C CB  . PRO A 1 152 ? 3.458   1.153   2.874   1.00 15.95 ? 243  PRO A CB  1 
ATOM   1144 C CG  . PRO A 1 152 ? 2.226   0.339   2.708   1.00 16.68 ? 243  PRO A CG  1 
ATOM   1145 C CD  . PRO A 1 152 ? 2.101   -0.333  4.093   1.00 16.80 ? 243  PRO A CD  1 
ATOM   1146 N N   . ARG A 1 153 ? 6.640   0.931   4.026   1.00 16.50 ? 244  ARG A N   1 
ATOM   1147 C CA  . ARG A 1 153 ? 7.615   1.740   4.758   1.00 18.00 ? 244  ARG A CA  1 
ATOM   1148 C C   . ARG A 1 153 ? 7.155   3.172   4.935   1.00 16.72 ? 244  ARG A C   1 
ATOM   1149 O O   . ARG A 1 153 ? 7.422   3.825   5.993   1.00 17.46 ? 244  ARG A O   1 
ATOM   1150 C CB  . ARG A 1 153 ? 8.991   1.675   4.081   1.00 19.78 ? 244  ARG A CB  1 
ATOM   1151 C CG  . ARG A 1 153 ? 10.009  2.631   4.777   1.00 25.29 ? 244  ARG A CG  1 
ATOM   1152 C CD  . ARG A 1 153 ? 11.424  2.552   4.130   1.00 34.50 ? 244  ARG A CD  1 
ATOM   1153 N NE  . ARG A 1 153 ? 11.990  1.216   4.223   1.00 37.87 ? 244  ARG A NE  1 
ATOM   1154 C CZ  . ARG A 1 153 ? 12.462  0.656   5.350   1.00 42.46 ? 244  ARG A CZ  1 
ATOM   1155 N NH1 . ARG A 1 153 ? 12.430  1.307   6.514   1.00 44.02 ? 244  ARG A NH1 1 
ATOM   1156 N NH2 . ARG A 1 153 ? 12.983  -0.575  5.306   1.00 42.79 ? 244  ARG A NH2 1 
ATOM   1157 N N   . THR A 1 154 ? 6.495   3.718   3.897   1.00 16.25 ? 245  THR A N   1 
ATOM   1158 C CA  . THR A 1 154 ? 5.983   5.054   4.013   1.00 16.86 ? 245  THR A CA  1 
ATOM   1159 C C   . THR A 1 154 ? 5.008   5.219   5.187   1.00 14.74 ? 245  THR A C   1 
ATOM   1160 O O   . THR A 1 154 ? 5.050   6.193   5.882   1.00 13.56 ? 245  THR A O   1 
ATOM   1161 C CB  . THR A 1 154 ? 5.365   5.563   2.647   1.00 15.59 ? 245  THR A CB  1 
ATOM   1162 O OG1 . THR A 1 154 ? 6.383   5.507   1.604   1.00 19.56 ? 245  THR A OG1 1 
ATOM   1163 C CG2 . THR A 1 154 ? 4.881   6.942   2.785   1.00 18.78 ? 245  THR A CG2 1 
ATOM   1164 N N   . LEU A 1 155 ? 4.124   4.236   5.416   1.00 14.78 ? 246  LEU A N   1 
ATOM   1165 C CA  . LEU A 1 155 ? 3.246   4.336   6.586   1.00 12.86 ? 246  LEU A CA  1 
ATOM   1166 C C   . LEU A 1 155 ? 4.028   4.253   7.883   1.00 13.84 ? 246  LEU A C   1 
ATOM   1167 O O   . LEU A 1 155 ? 3.755   4.974   8.821   1.00 14.93 ? 246  LEU A O   1 
ATOM   1168 C CB  . LEU A 1 155 ? 2.168   3.262   6.471   1.00 12.78 ? 246  LEU A CB  1 
ATOM   1169 C CG  . LEU A 1 155 ? 1.038   3.316   7.510   1.00 14.41 ? 246  LEU A CG  1 
ATOM   1170 C CD1 . LEU A 1 155 ? 0.232   4.679   7.641   1.00 13.95 ? 246  LEU A CD1 1 
ATOM   1171 C CD2 . LEU A 1 155 ? 0.136   2.049   7.411   1.00 11.84 ? 246  LEU A CD2 1 
ATOM   1172 N N   . TYR A 1 156 ? 5.032   3.371   7.920   1.00 15.37 ? 247  TYR A N   1 
ATOM   1173 C CA  . TYR A 1 156 ? 5.873   3.237   9.143   1.00 16.88 ? 247  TYR A CA  1 
ATOM   1174 C C   . TYR A 1 156 ? 6.592   4.545   9.485   1.00 17.70 ? 247  TYR A C   1 
ATOM   1175 O O   . TYR A 1 156 ? 6.651   4.966   10.666  1.00 18.51 ? 247  TYR A O   1 
ATOM   1176 C CB  . TYR A 1 156 ? 6.869   2.057   8.936   1.00 15.94 ? 247  TYR A CB  1 
ATOM   1177 C CG  . TYR A 1 156 ? 7.918   2.064   10.024  1.00 17.73 ? 247  TYR A CG  1 
ATOM   1178 C CD1 . TYR A 1 156 ? 7.562   1.744   11.328  1.00 18.00 ? 247  TYR A CD1 1 
ATOM   1179 C CD2 . TYR A 1 156 ? 9.279   2.408   9.738   1.00 18.21 ? 247  TYR A CD2 1 
ATOM   1180 C CE1 . TYR A 1 156 ? 8.511   1.820   12.386  1.00 21.91 ? 247  TYR A CE1 1 
ATOM   1181 C CE2 . TYR A 1 156 ? 10.242  2.453   10.755  1.00 24.02 ? 247  TYR A CE2 1 
ATOM   1182 C CZ  . TYR A 1 156 ? 9.834   2.196   12.085  1.00 26.82 ? 247  TYR A CZ  1 
ATOM   1183 O OH  . TYR A 1 156 ? 10.781  2.247   13.084  1.00 27.77 ? 247  TYR A OH  1 
ATOM   1184 N N   . GLU A 1 157 ? 7.041   5.259   8.452   1.00 19.52 ? 248  GLU A N   1 
ATOM   1185 C CA  . GLU A 1 157 ? 7.722   6.546   8.630   1.00 19.63 ? 248  GLU A CA  1 
ATOM   1186 C C   . GLU A 1 157 ? 6.770   7.683   8.939   1.00 19.81 ? 248  GLU A C   1 
ATOM   1187 O O   . GLU A 1 157 ? 7.168   8.683   9.511   1.00 22.25 ? 248  GLU A O   1 
ATOM   1188 C CB  . GLU A 1 157 ? 8.530   6.884   7.380   1.00 19.88 ? 248  GLU A CB  1 
ATOM   1189 C CG  . GLU A 1 157 ? 9.640   5.929   7.182   1.00 24.87 ? 248  GLU A CG  1 
ATOM   1190 C CD  . GLU A 1 157 ? 10.439  6.136   5.922   1.00 34.89 ? 248  GLU A CD  1 
ATOM   1191 O OE1 . GLU A 1 157 ? 9.900   6.529   4.862   1.00 40.93 ? 248  GLU A OE1 1 
ATOM   1192 O OE2 . GLU A 1 157 ? 11.643  5.825   5.994   1.00 38.10 ? 248  GLU A OE2 1 
ATOM   1193 N N   . ARG A 1 158 ? 5.517   7.559   8.527   1.00 19.49 ? 249  ARG A N   1 
ATOM   1194 C CA  . ARG A 1 158 ? 4.562   8.667   8.612   1.00 19.11 ? 249  ARG A CA  1 
ATOM   1195 C C   . ARG A 1 158 ? 3.241   8.264   9.239   1.00 18.16 ? 249  ARG A C   1 
ATOM   1196 O O   . ARG A 1 158 ? 2.267   8.000   8.524   1.00 18.65 ? 249  ARG A O   1 
ATOM   1197 C CB  . ARG A 1 158 ? 4.282   9.181   7.166   1.00 19.12 ? 249  ARG A CB  1 
ATOM   1198 C CG  . ARG A 1 158 ? 5.562   9.857   6.540   1.00 17.70 ? 249  ARG A CG  1 
ATOM   1199 C CD  . ARG A 1 158 ? 5.318   10.462  5.161   0.50 14.75 ? 249  ARG A CD  1 
ATOM   1200 N NE  . ARG A 1 158 ? 6.566   11.035  4.634   0.50 14.19 ? 249  ARG A NE  1 
ATOM   1201 C CZ  . ARG A 1 158 ? 6.648   12.195  3.983   0.50 18.23 ? 249  ARG A CZ  1 
ATOM   1202 N NH1 . ARG A 1 158 ? 5.551   12.905  3.735   0.50 14.58 ? 249  ARG A NH1 1 
ATOM   1203 N NH2 . ARG A 1 158 ? 7.834   12.644  3.553   0.50 17.30 ? 249  ARG A NH2 1 
ATOM   1204 N N   . ASN A 1 159 ? 3.215   8.229   10.574  1.00 18.28 ? 250  ASN A N   1 
ATOM   1205 C CA  . ASN A 1 159 ? 2.050   7.895   11.338  1.00 17.55 ? 250  ASN A CA  1 
ATOM   1206 C C   . ASN A 1 159 ? 2.254   8.541   12.685  1.00 19.00 ? 250  ASN A C   1 
ATOM   1207 O O   . ASN A 1 159 ? 3.340   8.957   13.002  1.00 20.67 ? 250  ASN A O   1 
ATOM   1208 C CB  . ASN A 1 159 ? 1.871   6.353   11.457  1.00 17.61 ? 250  ASN A CB  1 
ATOM   1209 C CG  . ASN A 1 159 ? 2.926   5.725   12.385  1.00 18.18 ? 250  ASN A CG  1 
ATOM   1210 O OD1 . ASN A 1 159 ? 2.802   5.749   13.592  1.00 19.15 ? 250  ASN A OD1 1 
ATOM   1211 N ND2 . ASN A 1 159 ? 3.967   5.199   11.798  1.00 15.77 ? 250  ASN A ND2 1 
ATOM   1212 N N   . ALA A 1 160 ? 1.190   8.650   13.462  1.00 19.56 ? 251  ALA A N   1 
ATOM   1213 C CA  . ALA A 1 160 ? 1.211   9.454   14.627  1.00 21.05 ? 251  ALA A CA  1 
ATOM   1214 C C   . ALA A 1 160 ? 1.844   8.706   15.818  1.00 21.46 ? 251  ALA A C   1 
ATOM   1215 O O   . ALA A 1 160 ? 1.990   9.278   16.864  1.00 22.89 ? 251  ALA A O   1 
ATOM   1216 C CB  . ALA A 1 160 ? -0.174  9.816   14.938  1.00 19.86 ? 251  ALA A CB  1 
ATOM   1217 N N   . PHE A 1 161 ? 2.152   7.418   15.661  1.00 22.36 ? 252  PHE A N   1 
ATOM   1218 C CA  . PHE A 1 161 ? 2.701   6.629   16.760  1.00 22.48 ? 252  PHE A CA  1 
ATOM   1219 C C   . PHE A 1 161 ? 4.138   6.210   16.488  1.00 24.22 ? 252  PHE A C   1 
ATOM   1220 O O   . PHE A 1 161 ? 4.601   5.185   17.037  1.00 22.56 ? 252  PHE A O   1 
ATOM   1221 C CB  . PHE A 1 161 ? 1.844   5.349   16.934  1.00 22.52 ? 252  PHE A CB  1 
ATOM   1222 C CG  . PHE A 1 161 ? 0.421   5.629   17.250  1.00 20.71 ? 252  PHE A CG  1 
ATOM   1223 C CD1 . PHE A 1 161 ? -0.005  5.643   18.573  1.00 22.02 ? 252  PHE A CD1 1 
ATOM   1224 C CD2 . PHE A 1 161 ? -0.487  5.920   16.243  1.00 20.50 ? 252  PHE A CD2 1 
ATOM   1225 C CE1 . PHE A 1 161 ? -1.357  5.932   18.898  1.00 24.33 ? 252  PHE A CE1 1 
ATOM   1226 C CE2 . PHE A 1 161 ? -1.833  6.209   16.539  1.00 18.58 ? 252  PHE A CE2 1 
ATOM   1227 C CZ  . PHE A 1 161 ? -2.275  6.192   17.831  1.00 22.20 ? 252  PHE A CZ  1 
ATOM   1228 N N   . LYS A 1 162 ? 4.849   6.961   15.632  1.00 24.46 ? 253  LYS A N   1 
ATOM   1229 C CA  . LYS A 1 162 ? 6.133   6.440   15.092  1.00 25.48 ? 253  LYS A CA  1 
ATOM   1230 C C   . LYS A 1 162 ? 7.140   6.258   16.259  1.00 26.00 ? 253  LYS A C   1 
ATOM   1231 O O   . LYS A 1 162 ? 7.932   5.312   16.243  1.00 25.53 ? 253  LYS A O   1 
ATOM   1232 C CB  . LYS A 1 162 ? 6.740   7.263   13.901  1.00 26.31 ? 253  LYS A CB  1 
ATOM   1233 C CG  . LYS A 1 162 ? 7.747   6.376   13.093  1.00 32.31 ? 253  LYS A CG  1 
ATOM   1234 C CD  . LYS A 1 162 ? 8.864   6.974   12.201  1.00 39.21 ? 253  LYS A CD  1 
ATOM   1235 C CE  . LYS A 1 162 ? 9.788   5.755   11.731  1.00 38.80 ? 253  LYS A CE  1 
ATOM   1236 N NZ  . LYS A 1 162 ? 11.039  5.957   10.772  1.00 38.27 ? 253  LYS A NZ  1 
ATOM   1237 N N   . ASP A 1 163 ? 7.035   7.100   17.298  1.00 27.57 ? 254  ASP A N   1 
ATOM   1238 C CA  . ASP A 1 163 ? 7.950   7.043   18.446  1.00 30.55 ? 254  ASP A CA  1 
ATOM   1239 C C   . ASP A 1 163 ? 7.740   5.776   19.316  1.00 30.19 ? 254  ASP A C   1 
ATOM   1240 O O   . ASP A 1 163 ? 8.565   5.463   20.185  1.00 30.26 ? 254  ASP A O   1 
ATOM   1241 C CB  . ASP A 1 163 ? 7.928   8.347   19.299  1.00 32.58 ? 254  ASP A CB  1 
ATOM   1242 C CG  . ASP A 1 163 ? 6.560   8.643   19.975  1.00 38.67 ? 254  ASP A CG  1 
ATOM   1243 O OD1 . ASP A 1 163 ? 5.572   7.886   19.820  1.00 45.04 ? 254  ASP A OD1 1 
ATOM   1244 O OD2 . ASP A 1 163 ? 6.470   9.680   20.675  1.00 46.40 ? 254  ASP A OD2 1 
ATOM   1245 N N   . GLN A 1 164 ? 6.639   5.066   19.069  1.00 27.23 ? 255  GLN A N   1 
ATOM   1246 C CA  . GLN A 1 164 ? 6.274   3.879   19.839  1.00 26.69 ? 255  GLN A CA  1 
ATOM   1247 C C   . GLN A 1 164 ? 6.359   2.580   19.032  1.00 24.15 ? 255  GLN A C   1 
ATOM   1248 O O   . GLN A 1 164 ? 5.876   1.547   19.505  1.00 23.75 ? 255  GLN A O   1 
ATOM   1249 C CB  . GLN A 1 164 ? 4.831   4.010   20.302  1.00 26.04 ? 255  GLN A CB  1 
ATOM   1250 C CG  . GLN A 1 164 ? 4.605   5.043   21.356  1.00 32.94 ? 255  GLN A CG  1 
ATOM   1251 C CD  . GLN A 1 164 ? 3.133   5.178   21.682  1.00 41.90 ? 255  GLN A CD  1 
ATOM   1252 O OE1 . GLN A 1 164 ? 2.491   4.219   22.117  1.00 47.22 ? 255  GLN A OE1 1 
ATOM   1253 N NE2 . GLN A 1 164 ? 2.584   6.384   21.484  1.00 44.09 ? 255  GLN A NE2 1 
ATOM   1254 N N   . LEU A 1 165 ? 6.963   2.635   17.850  1.00 20.59 ? 256  LEU A N   1 
ATOM   1255 C CA  . LEU A 1 165 ? 7.038   1.531   16.911  1.00 21.64 ? 256  LEU A CA  1 
ATOM   1256 C C   . LEU A 1 165 ? 8.435   1.309   16.470  1.00 21.78 ? 256  LEU A C   1 
ATOM   1257 O O   . LEU A 1 165 ? 9.259   2.246   16.535  1.00 22.48 ? 256  LEU A O   1 
ATOM   1258 C CB  . LEU A 1 165 ? 6.115   1.818   15.661  1.00 18.50 ? 256  LEU A CB  1 
ATOM   1259 C CG  . LEU A 1 165 ? 4.629   1.954   15.990  1.00 19.11 ? 256  LEU A CG  1 
ATOM   1260 C CD1 . LEU A 1 165 ? 3.810   2.468   14.748  1.00 21.26 ? 256  LEU A CD1 1 
ATOM   1261 C CD2 . LEU A 1 165 ? 3.995   0.579   16.390  1.00 17.27 ? 256  LEU A CD2 1 
ATOM   1262 N N   . CYS A 1 166 ? 8.731   0.091   16.050  1.00 22.42 ? 257  CYS A N   1 
ATOM   1263 C CA  . CYS A 1 166 ? 9.982   -0.232  15.323  1.00 22.15 ? 257  CYS A CA  1 
ATOM   1264 C C   . CYS A 1 166 ? 9.719   -1.054  14.120  1.00 22.40 ? 257  CYS A C   1 
ATOM   1265 O O   . CYS A 1 166 ? 8.622   -1.642  13.927  1.00 23.72 ? 257  CYS A O   1 
ATOM   1266 C CB  . CYS A 1 166 ? 11.021  -1.039  16.164  1.00 23.56 ? 257  CYS A CB  1 
ATOM   1267 S SG  . CYS A 1 166 ? 10.362  -2.676  16.712  0.50 18.22 ? 257  CYS A SG  1 
ATOM   1268 N N   . SER A 1 167 ? 10.739  -1.097  13.285  1.00 21.74 ? 258  SER A N   1 
ATOM   1269 C CA  . SER A 1 167 ? 10.775  -1.948  12.114  1.00 25.62 ? 258  SER A CA  1 
ATOM   1270 C C   . SER A 1 167 ? 11.768  -3.118  12.256  1.00 26.35 ? 258  SER A C   1 
ATOM   1271 O O   . SER A 1 167 ? 12.926  -2.951  12.695  1.00 26.69 ? 258  SER A O   1 
ATOM   1272 C CB  . SER A 1 167 ? 11.066  -1.067  10.902  1.00 26.01 ? 258  SER A CB  1 
ATOM   1273 O OG  . SER A 1 167 ? 11.573  -1.822  9.836   1.00 32.09 ? 258  SER A OG  1 
ATOM   1274 N N   . ILE A 1 168 ? 11.327  -4.322  11.933  1.00 25.96 ? 259  ILE A N   1 
ATOM   1275 C CA  . ILE A 1 168 ? 12.150  -5.505  12.260  1.00 26.79 ? 259  ILE A CA  1 
ATOM   1276 C C   . ILE A 1 168 ? 13.282  -5.590  11.239  1.00 27.66 ? 259  ILE A C   1 
ATOM   1277 O O   . ILE A 1 168 ? 13.036  -5.539  10.028  1.00 26.52 ? 259  ILE A O   1 
ATOM   1278 C CB  . ILE A 1 168 ? 11.285  -6.827  12.348  1.00 25.62 ? 259  ILE A CB  1 
ATOM   1279 C CG1 . ILE A 1 168 ? 10.709  -7.050  13.755  1.00 26.08 ? 259  ILE A CG1 1 
ATOM   1280 C CG2 . ILE A 1 168 ? 12.136  -8.070  12.084  1.00 28.82 ? 259  ILE A CG2 1 
ATOM   1281 C CD1 . ILE A 1 168 ? 9.954   -5.994  14.361  1.00 23.85 ? 259  ILE A CD1 1 
ATOM   1282 N N   . PRO A 1 169 ? 14.545  -5.678  11.712  1.00 27.71 ? 260  PRO A N   1 
ATOM   1283 C CA  . PRO A 1 169 ? 15.589  -5.579  10.678  1.00 30.00 ? 260  PRO A CA  1 
ATOM   1284 C C   . PRO A 1 169 ? 15.782  -6.885  9.878   1.00 31.02 ? 260  PRO A C   1 
ATOM   1285 O O   . PRO A 1 169 ? 16.851  -7.486  10.001  1.00 32.33 ? 260  PRO A O   1 
ATOM   1286 C CB  . PRO A 1 169 ? 16.872  -5.268  11.514  1.00 30.37 ? 260  PRO A CB  1 
ATOM   1287 C CG  . PRO A 1 169 ? 16.645  -5.989  12.822  1.00 28.94 ? 260  PRO A CG  1 
ATOM   1288 C CD  . PRO A 1 169 ? 15.104  -5.768  13.074  1.00 29.01 ? 260  PRO A CD  1 
ATOM   1289 N N   . LEU A 1 170 ? 14.833  -7.282  9.017   1.00 32.16 ? 261  LEU A N   1 
ATOM   1290 C CA  . LEU A 1 170 ? 14.827  -8.608  8.380   1.00 33.74 ? 261  LEU A CA  1 
ATOM   1291 C C   . LEU A 1 170 ? 15.893  -8.784  7.309   1.00 35.74 ? 261  LEU A C   1 
ATOM   1292 O O   . LEU A 1 170 ? 16.152  -7.866  6.529   1.00 36.16 ? 261  LEU A O   1 
ATOM   1293 C CB  . LEU A 1 170 ? 13.459  -8.888  7.750   1.00 35.30 ? 261  LEU A CB  1 
ATOM   1294 C CG  . LEU A 1 170 ? 13.022  -10.356 7.607   1.00 36.34 ? 261  LEU A CG  1 
ATOM   1295 C CD1 . LEU A 1 170 ? 12.662  -10.956 8.935   1.00 36.05 ? 261  LEU A CD1 1 
ATOM   1296 C CD2 . LEU A 1 170 ? 11.817  -10.395 6.702   1.00 38.41 ? 261  LEU A CD2 1 
ATOM   1297 N N   . GLN A 1 171 ? 16.539  -9.953  7.289   1.00 36.74 ? 262  GLN A N   1 
ATOM   1298 C CA  . GLN A 1 171 ? 17.503  -10.273 6.241   1.00 37.65 ? 262  GLN A CA  1 
ATOM   1299 C C   . GLN A 1 171 ? 16.888  -11.265 5.288   1.00 36.61 ? 262  GLN A C   1 
ATOM   1300 O O   . GLN A 1 171 ? 17.431  -11.498 4.231   1.00 37.17 ? 262  GLN A O   1 
ATOM   1301 C CB  . GLN A 1 171 ? 18.827  -10.821 6.811   1.00 39.21 ? 262  GLN A CB  1 
ATOM   1302 C CG  . GLN A 1 171 ? 19.729  -9.744  7.408   1.00 42.41 ? 262  GLN A CG  1 
ATOM   1303 C CD  . GLN A 1 171 ? 21.106  -10.277 7.808   1.00 50.41 ? 262  GLN A CD  1 
ATOM   1304 O OE1 . GLN A 1 171 ? 21.308  -10.744 8.949   1.00 53.57 ? 262  GLN A OE1 1 
ATOM   1305 N NE2 . GLN A 1 171 ? 22.071  -10.199 6.874   1.00 52.11 ? 262  GLN A NE2 1 
ATOM   1306 N N   . ASP A 1 172 ? 15.755  -11.834 5.670   1.00 34.84 ? 263  ASP A N   1 
ATOM   1307 C CA  . ASP A 1 172 ? 14.957  -12.658 4.797   1.00 35.91 ? 263  ASP A CA  1 
ATOM   1308 C C   . ASP A 1 172 ? 14.204  -11.692 3.844   1.00 37.22 ? 263  ASP A C   1 
ATOM   1309 O O   . ASP A 1 172 ? 14.130  -10.506 4.127   1.00 36.38 ? 263  ASP A O   1 
ATOM   1310 C CB  . ASP A 1 172 ? 13.950  -13.496 5.613   1.00 36.08 ? 263  ASP A CB  1 
ATOM   1311 C CG  . ASP A 1 172 ? 14.543  -14.789 6.208   1.00 36.87 ? 263  ASP A CG  1 
ATOM   1312 O OD1 . ASP A 1 172 ? 15.604  -15.276 5.761   1.00 36.09 ? 263  ASP A OD1 1 
ATOM   1313 O OD2 . ASP A 1 172 ? 13.871  -15.380 7.090   1.00 36.75 ? 263  ASP A OD2 1 
ATOM   1314 N N   . ALA A 1 173 ? 13.654  -12.222 2.747   1.00 39.30 ? 264  ALA A N   1 
ATOM   1315 C CA  . ALA A 1 173 ? 13.013  -11.424 1.685   1.00 40.47 ? 264  ALA A CA  1 
ATOM   1316 C C   . ALA A 1 173 ? 11.506  -11.396 1.764   1.00 41.43 ? 264  ALA A C   1 
ATOM   1317 O O   . ALA A 1 173 ? 10.862  -12.446 1.787   1.00 43.13 ? 264  ALA A O   1 
ATOM   1318 C CB  . ALA A 1 173 ? 13.436  -11.942 0.301   1.00 41.28 ? 264  ALA A CB  1 
ATOM   1319 N N   . LEU A 1 174 ? 10.924  -10.198 1.743   1.00 41.14 ? 265  LEU A N   1 
ATOM   1320 C CA  . LEU A 1 174 ? 9.462   -10.078 1.800   1.00 41.02 ? 265  LEU A CA  1 
ATOM   1321 C C   . LEU A 1 174 ? 8.890   -9.916  0.401   1.00 40.85 ? 265  LEU A C   1 
ATOM   1322 O O   . LEU A 1 174 ? 9.469   -9.171  -0.390  1.00 40.99 ? 265  LEU A O   1 
ATOM   1323 C CB  . LEU A 1 174 ? 9.066   -8.906  2.694   1.00 40.62 ? 265  LEU A CB  1 
ATOM   1324 C CG  . LEU A 1 174 ? 9.551   -9.120  4.118   1.00 39.75 ? 265  LEU A CG  1 
ATOM   1325 C CD1 . LEU A 1 174 ? 9.317   -7.902  5.011   1.00 38.79 ? 265  LEU A CD1 1 
ATOM   1326 C CD2 . LEU A 1 174 ? 8.870   -10.374 4.668   1.00 38.73 ? 265  LEU A CD2 1 
ATOM   1327 N N   . PRO A 1 175 ? 7.789   -10.637 0.080   1.00 40.33 ? 266  PRO A N   1 
ATOM   1328 C CA  . PRO A 1 175 ? 7.220   -10.411 -1.248  1.00 40.28 ? 266  PRO A CA  1 
ATOM   1329 C C   . PRO A 1 175 ? 6.689   -8.975  -1.315  1.00 39.48 ? 266  PRO A C   1 
ATOM   1330 O O   . PRO A 1 175 ? 5.607   -8.682  -0.815  1.00 41.32 ? 266  PRO A O   1 
ATOM   1331 C CB  . PRO A 1 175 ? 6.108   -11.461 -1.361  1.00 40.34 ? 266  PRO A CB  1 
ATOM   1332 C CG  . PRO A 1 175 ? 5.678   -11.763 0.158   1.00 39.89 ? 266  PRO A CG  1 
ATOM   1333 C CD  . PRO A 1 175 ? 7.008   -11.604 0.888   1.00 40.56 ? 266  PRO A CD  1 
ATOM   1334 N N   . ASN A 1 176 ? 7.497   -8.077  -1.862  1.00 37.51 ? 267  ASN A N   1 
ATOM   1335 C CA  . ASN A 1 176 ? 7.074   -6.704  -2.150  1.00 36.10 ? 267  ASN A CA  1 
ATOM   1336 C C   . ASN A 1 176 ? 6.027   -6.585  -3.278  1.00 34.50 ? 267  ASN A C   1 
ATOM   1337 O O   . ASN A 1 176 ? 6.236   -7.100  -4.402  1.00 33.82 ? 267  ASN A O   1 
ATOM   1338 C CB  . ASN A 1 176 ? 8.292   -5.862  -2.507  1.00 35.02 ? 267  ASN A CB  1 
ATOM   1339 C CG  . ASN A 1 176 ? 9.268   -5.742  -1.383  1.00 37.79 ? 267  ASN A CG  1 
ATOM   1340 O OD1 . ASN A 1 176 ? 8.913   -5.438  -0.218  1.00 35.18 ? 267  ASN A OD1 1 
ATOM   1341 N ND2 . ASN A 1 176 ? 10.534  -5.929  -1.723  1.00 41.73 ? 267  ASN A ND2 1 
ATOM   1342 N N   . PRO A 1 177 ? 4.882   -5.900  -3.012  1.00 33.86 ? 268  PRO A N   1 
ATOM   1343 C CA  . PRO A 1 177 ? 3.936   -5.759  -4.149  1.00 32.93 ? 268  PRO A CA  1 
ATOM   1344 C C   . PRO A 1 177 ? 4.315   -4.637  -5.132  1.00 30.65 ? 268  PRO A C   1 
ATOM   1345 O O   . PRO A 1 177 ? 5.041   -3.696  -4.807  1.00 29.66 ? 268  PRO A O   1 
ATOM   1346 C CB  . PRO A 1 177 ? 2.587   -5.454  -3.462  1.00 34.24 ? 268  PRO A CB  1 
ATOM   1347 C CG  . PRO A 1 177 ? 3.012   -4.635  -2.279  1.00 34.36 ? 268  PRO A CG  1 
ATOM   1348 C CD  . PRO A 1 177 ? 4.314   -5.333  -1.770  1.00 34.73 ? 268  PRO A CD  1 
ATOM   1349 N N   . THR A 1 178 ? 3.859   -4.777  -6.370  1.00 30.42 ? 269  THR A N   1 
ATOM   1350 C CA  . THR A 1 178 ? 4.147   -3.724  -7.337  1.00 29.13 ? 269  THR A CA  1 
ATOM   1351 C C   . THR A 1 178 ? 2.935   -2.794  -7.280  1.00 25.72 ? 269  THR A C   1 
ATOM   1352 O O   . THR A 1 178 ? 1.839   -3.277  -7.243  1.00 25.07 ? 269  THR A O   1 
ATOM   1353 C CB  . THR A 1 178 ? 4.252   -4.306  -8.765  1.00 30.70 ? 269  THR A CB  1 
ATOM   1354 O OG1 . THR A 1 178 ? 5.149   -5.448  -8.761  1.00 32.86 ? 269  THR A OG1 1 
ATOM   1355 C CG2 . THR A 1 178 ? 4.805   -3.201  -9.733  1.00 29.64 ? 269  THR A CG2 1 
ATOM   1356 N N   . ILE A 1 179 ? 3.180   -1.499  -7.195  1.00 26.98 ? 270  ILE A N   1 
ATOM   1357 C CA  . ILE A 1 179 ? 2.098   -0.476  -7.229  1.00 24.21 ? 270  ILE A CA  1 
ATOM   1358 C C   . ILE A 1 179 ? 1.825   -0.133  -8.707  1.00 24.97 ? 270  ILE A C   1 
ATOM   1359 O O   . ILE A 1 179 ? 2.794   0.115   -9.480  1.00 24.12 ? 270  ILE A O   1 
ATOM   1360 C CB  . ILE A 1 179 ? 2.530   0.808   -6.525  1.00 26.25 ? 270  ILE A CB  1 
ATOM   1361 C CG1 . ILE A 1 179 ? 3.023   0.527   -5.075  1.00 25.93 ? 270  ILE A CG1 1 
ATOM   1362 C CG2 . ILE A 1 179 ? 1.345   1.745   -6.444  1.00 24.60 ? 270  ILE A CG2 1 
ATOM   1363 C CD1 . ILE A 1 179 ? 2.058   -0.359  -4.269  1.00 18.73 ? 270  ILE A CD1 1 
ATOM   1364 N N   . TYR A 1 180 ? 0.569   -0.174  -9.121  1.00 22.80 ? 271  TYR A N   1 
ATOM   1365 C CA  . TYR A 1 180 ? 0.244   0.143   -10.487 1.00 22.40 ? 271  TYR A CA  1 
ATOM   1366 C C   . TYR A 1 180 ? -0.663  1.349   -10.612 1.00 23.90 ? 271  TYR A C   1 
ATOM   1367 O O   . TYR A 1 180 ? -1.395  1.699   -9.670  1.00 20.19 ? 271  TYR A O   1 
ATOM   1368 C CB  . TYR A 1 180 ? -0.466  -1.023  -11.074 1.00 23.20 ? 271  TYR A CB  1 
ATOM   1369 C CG  . TYR A 1 180 ? 0.500   -2.182  -11.323 1.00 28.95 ? 271  TYR A CG  1 
ATOM   1370 C CD1 . TYR A 1 180 ? 1.221   -2.266  -12.518 1.00 32.44 ? 271  TYR A CD1 1 
ATOM   1371 C CD2 . TYR A 1 180 ? 0.724   -3.158  -10.339 1.00 30.90 ? 271  TYR A CD2 1 
ATOM   1372 C CE1 . TYR A 1 180 ? 2.104   -3.321  -12.749 1.00 34.70 ? 271  TYR A CE1 1 
ATOM   1373 C CE2 . TYR A 1 180 ? 1.590   -4.196  -10.566 1.00 34.17 ? 271  TYR A CE2 1 
ATOM   1374 C CZ  . TYR A 1 180 ? 2.287   -4.275  -11.776 1.00 38.15 ? 271  TYR A CZ  1 
ATOM   1375 O OH  . TYR A 1 180 ? 3.178   -5.314  -12.018 1.00 39.49 ? 271  TYR A OH  1 
ATOM   1376 N N   . VAL A 1 181 ? -0.582  1.996   -11.782 1.00 23.20 ? 272  VAL A N   1 
ATOM   1377 C CA  . VAL A 1 181 ? -1.688  2.809   -12.264 1.00 23.86 ? 272  VAL A CA  1 
ATOM   1378 C C   . VAL A 1 181 ? -2.663  1.858   -12.943 1.00 22.56 ? 272  VAL A C   1 
ATOM   1379 O O   . VAL A 1 181 ? -2.384  1.282   -14.025 1.00 25.16 ? 272  VAL A O   1 
ATOM   1380 C CB  . VAL A 1 181 ? -1.271  3.828   -13.339 1.00 22.97 ? 272  VAL A CB  1 
ATOM   1381 C CG1 . VAL A 1 181 ? -2.442  4.718   -13.694 1.00 27.68 ? 272  VAL A CG1 1 
ATOM   1382 C CG2 . VAL A 1 181 ? -0.107  4.656   -12.882 1.00 25.64 ? 272  VAL A CG2 1 
ATOM   1383 N N   . LEU A 1 182 ? -3.855  1.770   -12.393 1.00 21.11 ? 273  LEU A N   1 
ATOM   1384 C CA  . LEU A 1 182 ? -4.890  0.934   -12.933 1.00 23.37 ? 273  LEU A CA  1 
ATOM   1385 C C   . LEU A 1 182 ? -5.962  1.828   -13.534 1.00 24.56 ? 273  LEU A C   1 
ATOM   1386 O O   . LEU A 1 182 ? -6.336  2.821   -12.929 1.00 21.81 ? 273  LEU A O   1 
ATOM   1387 C CB  . LEU A 1 182 ? -5.557  0.119   -11.851 1.00 24.46 ? 273  LEU A CB  1 
ATOM   1388 C CG  . LEU A 1 182 ? -4.668  -0.871  -11.115 1.00 25.45 ? 273  LEU A CG  1 
ATOM   1389 C CD1 . LEU A 1 182 ? -5.685  -1.690  -10.439 1.00 24.23 ? 273  LEU A CD1 1 
ATOM   1390 C CD2 . LEU A 1 182 ? -3.846  -1.796  -12.082 1.00 24.67 ? 273  LEU A CD2 1 
ATOM   1391 N N   . ARG A 1 183 ? -6.456  1.448   -14.723 1.00 25.54 ? 274  ARG A N   1 
ATOM   1392 C CA  . ARG A 1 183 ? -7.412  2.262   -15.486 1.00 26.97 ? 274  ARG A CA  1 
ATOM   1393 C C   . ARG A 1 183 ? -7.953  1.399   -16.641 1.00 28.38 ? 274  ARG A C   1 
ATOM   1394 O O   . ARG A 1 183 ? -7.363  0.353   -16.998 1.00 27.41 ? 274  ARG A O   1 
ATOM   1395 C CB  . ARG A 1 183 ? -6.761  3.575   -15.980 1.00 27.57 ? 274  ARG A CB  1 
ATOM   1396 C CG  . ARG A 1 183 ? -5.610  3.380   -17.028 1.00 30.78 ? 274  ARG A CG  1 
ATOM   1397 C CD  . ARG A 1 183 ? -4.821  4.648   -17.378 1.00 35.30 ? 274  ARG A CD  1 
ATOM   1398 N NE  . ARG A 1 183 ? -3.445  4.191   -17.571 1.00 44.59 ? 274  ARG A NE  1 
ATOM   1399 C CZ  . ARG A 1 183 ? -2.331  4.930   -17.662 1.00 46.90 ? 274  ARG A CZ  1 
ATOM   1400 N NH1 . ARG A 1 183 ? -2.353  6.270   -17.647 1.00 43.81 ? 274  ARG A NH1 1 
ATOM   1401 N NH2 . ARG A 1 183 ? -1.168  4.279   -17.819 1.00 48.49 ? 274  ARG A NH2 1 
ATOM   1402 N N   . ARG A 1 184 ? -9.139  1.734   -17.129 1.00 28.89 ? 275  ARG A N   1 
ATOM   1403 C CA  . ARG A 1 184 ? -9.697  1.024   -18.303 1.00 28.33 ? 275  ARG A CA  1 
ATOM   1404 C C   . ARG A 1 184 ? -8.707  1.255   -19.446 1.00 28.57 ? 275  ARG A C   1 
ATOM   1405 O O   . ARG A 1 184 ? -8.291  2.406   -19.695 1.00 27.30 ? 275  ARG A O   1 
ATOM   1406 C CB  . ARG A 1 184 ? -11.056 1.609   -18.604 1.00 28.78 ? 275  ARG A CB  1 
ATOM   1407 C CG  . ARG A 1 184 ? -12.205 1.075   -17.737 1.00 28.34 ? 275  ARG A CG  1 
ATOM   1408 C CD  . ARG A 1 184 ? -13.510 1.511   -18.287 1.00 33.85 ? 275  ARG A CD  1 
ATOM   1409 N NE  . ARG A 1 184 ? -13.679 0.805   -19.560 1.00 36.01 ? 275  ARG A NE  1 
ATOM   1410 C CZ  . ARG A 1 184 ? -14.293 -0.371  -19.724 1.00 39.89 ? 275  ARG A CZ  1 
ATOM   1411 N NH1 . ARG A 1 184 ? -14.337 -0.913  -20.945 1.00 39.02 ? 275  ARG A NH1 1 
ATOM   1412 N NH2 . ARG A 1 184 ? -14.894 -0.997  -18.699 1.00 36.80 ? 275  ARG A NH2 1 
ATOM   1413 N N   . HIS A 1 185 ? -8.225  0.193   -20.111 1.00 29.91 ? 276  HIS A N   1 
ATOM   1414 C CA  . HIS A 1 185 ? -7.330  0.433   -21.287 1.00 29.66 ? 276  HIS A CA  1 
ATOM   1415 C C   . HIS A 1 185 ? -8.049  1.132   -22.451 1.00 29.12 ? 276  HIS A C   1 
ATOM   1416 O O   . HIS A 1 185 ? -7.382  1.789   -23.274 1.00 30.05 ? 276  HIS A O   1 
ATOM   1417 C CB  . HIS A 1 185 ? -6.628  -0.851  -21.818 1.00 30.60 ? 276  HIS A CB  1 
ATOM   1418 C CG  . HIS A 1 185 ? -7.591  -1.917  -22.248 1.00 31.29 ? 276  HIS A CG  1 
ATOM   1419 N ND1 . HIS A 1 185 ? -8.143  -1.965  -23.518 1.00 37.66 ? 276  HIS A ND1 1 
ATOM   1420 C CD2 . HIS A 1 185 ? -8.132  -2.958  -21.566 1.00 32.89 ? 276  HIS A CD2 1 
ATOM   1421 C CE1 . HIS A 1 185 ? -8.968  -3.000  -23.598 1.00 37.39 ? 276  HIS A CE1 1 
ATOM   1422 N NE2 . HIS A 1 185 ? -8.990  -3.608  -22.426 1.00 36.24 ? 276  HIS A NE2 1 
ATOM   1423 N N   . ASP A 1 186 ? -9.385  1.031   -22.521 1.00 27.45 ? 277  ASP A N   1 
ATOM   1424 C CA  . ASP A 1 186 ? -10.088 1.756   -23.596 1.00 28.02 ? 277  ASP A CA  1 
ATOM   1425 C C   . ASP A 1 186 ? -10.335 3.238   -23.334 1.00 27.08 ? 277  ASP A C   1 
ATOM   1426 O O   . ASP A 1 186 ? -10.880 3.943   -24.180 1.00 26.81 ? 277  ASP A O   1 
ATOM   1427 C CB  . ASP A 1 186 ? -11.356 1.030   -24.026 1.00 26.61 ? 277  ASP A CB  1 
ATOM   1428 C CG  . ASP A 1 186 ? -12.403 1.002   -22.944 1.00 29.60 ? 277  ASP A CG  1 
ATOM   1429 O OD1 . ASP A 1 186 ? -12.356 1.769   -21.930 1.00 31.00 ? 277  ASP A OD1 1 
ATOM   1430 O OD2 . ASP A 1 186 ? -13.327 0.222   -23.143 1.00 29.75 ? 277  ASP A OD2 1 
ATOM   1431 N N   . LEU A 1 187 ? -9.896  3.730   -22.169 1.00 27.92 ? 278  LEU A N   1 
ATOM   1432 C CA  . LEU A 1 187 ? -10.045 5.141   -21.790 1.00 26.72 ? 278  LEU A CA  1 
ATOM   1433 C C   . LEU A 1 187 ? -8.861  6.007   -22.258 1.00 27.49 ? 278  LEU A C   1 
ATOM   1434 O O   . LEU A 1 187 ? -7.767  5.875   -21.749 1.00 26.25 ? 278  LEU A O   1 
ATOM   1435 C CB  . LEU A 1 187 ? -10.209 5.258   -20.257 1.00 26.50 ? 278  LEU A CB  1 
ATOM   1436 C CG  . LEU A 1 187 ? -10.397 6.687   -19.684 1.00 27.66 ? 278  LEU A CG  1 
ATOM   1437 C CD1 . LEU A 1 187 ? -11.712 7.301   -20.268 1.00 29.95 ? 278  LEU A CD1 1 
ATOM   1438 C CD2 . LEU A 1 187 ? -10.440 6.695   -18.116 1.00 26.54 ? 278  LEU A CD2 1 
ATOM   1439 N N   . PRO A 1 188 ? -9.071  6.913   -23.246 1.00 28.65 ? 279  PRO A N   1 
ATOM   1440 C CA  . PRO A 1 188 ? -7.902  7.727   -23.624 1.00 30.53 ? 279  PRO A CA  1 
ATOM   1441 C C   . PRO A 1 188 ? -7.438  8.609   -22.449 1.00 31.77 ? 279  PRO A C   1 
ATOM   1442 O O   . PRO A 1 188 ? -8.237  8.972   -21.568 1.00 31.44 ? 279  PRO A O   1 
ATOM   1443 C CB  . PRO A 1 188 ? -8.370  8.572   -24.833 1.00 29.01 ? 279  PRO A CB  1 
ATOM   1444 C CG  . PRO A 1 188 ? -9.824  8.267   -25.049 1.00 30.34 ? 279  PRO A CG  1 
ATOM   1445 C CD  . PRO A 1 188 ? -10.244 7.108   -24.137 1.00 29.32 ? 279  PRO A CD  1 
ATOM   1446 N N   . VAL A 1 189 ? -6.148  8.897   -22.389 1.00 35.15 ? 280  VAL A N   1 
ATOM   1447 C CA  . VAL A 1 189 ? -5.690  9.729   -21.269 1.00 36.75 ? 280  VAL A CA  1 
ATOM   1448 C C   . VAL A 1 189 ? -5.693  11.187  -21.648 1.00 38.01 ? 280  VAL A C   1 
ATOM   1449 O O   . VAL A 1 189 ? -5.266  11.580  -22.731 1.00 38.09 ? 280  VAL A O   1 
ATOM   1450 C CB  . VAL A 1 189 ? -4.342  9.330   -20.628 1.00 37.78 ? 280  VAL A CB  1 
ATOM   1451 C CG1 . VAL A 1 189 ? -4.289  9.882   -19.183 1.00 38.67 ? 280  VAL A CG1 1 
ATOM   1452 C CG2 . VAL A 1 189 ? -4.139  7.816   -20.602 1.00 34.93 ? 280  VAL A CG2 1 
ATOM   1453 N N   . THR A 1 190 ? -6.242  11.971  -20.735 1.00 39.23 ? 281  THR A N   1 
ATOM   1454 C CA  . THR A 1 190 ? -6.250  13.412  -20.806 1.00 39.47 ? 281  THR A CA  1 
ATOM   1455 C C   . THR A 1 190 ? -4.859  13.893  -20.393 1.00 38.90 ? 281  THR A C   1 
ATOM   1456 O O   . THR A 1 190 ? -4.175  13.235  -19.596 1.00 38.76 ? 281  THR A O   1 
ATOM   1457 C CB  . THR A 1 190 ? -7.325  13.914  -19.852 1.00 39.86 ? 281  THR A CB  1 
ATOM   1458 O OG1 . THR A 1 190 ? -6.874  13.735  -18.520 1.00 42.00 ? 281  THR A OG1 1 
ATOM   1459 C CG2 . THR A 1 190 ? -8.591  13.083  -19.993 1.00 39.08 ? 281  THR A CG2 1 
ATOM   1460 N N   . PRO A 1 191 ? -4.399  15.018  -20.959 1.00 38.52 ? 282  PRO A N   1 
ATOM   1461 C CA  . PRO A 1 191 ? -3.085  15.463  -20.500 1.00 37.62 ? 282  PRO A CA  1 
ATOM   1462 C C   . PRO A 1 191 ? -3.098  15.825  -18.992 1.00 35.54 ? 282  PRO A C   1 
ATOM   1463 O O   . PRO A 1 191 ? -2.068  15.751  -18.342 1.00 35.98 ? 282  PRO A O   1 
ATOM   1464 C CB  . PRO A 1 191 ? -2.797  16.672  -21.403 1.00 38.39 ? 282  PRO A CB  1 
ATOM   1465 C CG  . PRO A 1 191 ? -3.626  16.338  -22.700 1.00 39.31 ? 282  PRO A CG  1 
ATOM   1466 C CD  . PRO A 1 191 ? -4.888  15.787  -22.120 1.00 38.95 ? 282  PRO A CD  1 
ATOM   1467 N N   . ALA A 1 192 ? -4.252  16.189  -18.459 1.00 34.49 ? 283  ALA A N   1 
ATOM   1468 C CA  . ALA A 1 192 ? -4.393  16.519  -17.020 1.00 34.05 ? 283  ALA A CA  1 
ATOM   1469 C C   . ALA A 1 192 ? -4.157  15.309  -16.130 1.00 33.03 ? 283  ALA A C   1 
ATOM   1470 O O   . ALA A 1 192 ? -3.367  15.370  -15.221 1.00 33.85 ? 283  ALA A O   1 
ATOM   1471 C CB  . ALA A 1 192 ? -5.754  17.099  -16.730 1.00 33.54 ? 283  ALA A CB  1 
ATOM   1472 N N   . ALA A 1 193 ? -4.845  14.203  -16.396 1.00 33.10 ? 284  ALA A N   1 
ATOM   1473 C CA  . ALA A 1 193 ? -4.620  12.969  -15.640 1.00 32.90 ? 284  ALA A CA  1 
ATOM   1474 C C   . ALA A 1 193 ? -3.202  12.457  -15.835 1.00 32.09 ? 284  ALA A C   1 
ATOM   1475 O O   . ALA A 1 193 ? -2.524  12.111  -14.875 1.00 31.05 ? 284  ALA A O   1 
ATOM   1476 C CB  . ALA A 1 193 ? -5.629  11.918  -16.033 1.00 32.41 ? 284  ALA A CB  1 
ATOM   1477 N N   . ALA A 1 194 ? -2.736  12.433  -17.091 1.00 31.39 ? 285  ALA A N   1 
ATOM   1478 C CA  . ALA A 1 194 ? -1.392  11.953  -17.379 1.00 30.94 ? 285  ALA A CA  1 
ATOM   1479 C C   . ALA A 1 194 ? -0.364  12.752  -16.602 1.00 29.73 ? 285  ALA A C   1 
ATOM   1480 O O   . ALA A 1 194 ? 0.591   12.174  -16.126 1.00 30.94 ? 285  ALA A O   1 
ATOM   1481 C CB  . ALA A 1 194 ? -1.063  12.019  -18.900 1.00 32.85 ? 285  ALA A CB  1 
ATOM   1482 N N   . GLY A 1 195 ? -0.556  14.070  -16.520 1.00 28.81 ? 286  GLY A N   1 
ATOM   1483 C CA  . GLY A 1 195 ? 0.401   14.982  -15.828 1.00 28.55 ? 286  GLY A CA  1 
ATOM   1484 C C   . GLY A 1 195 ? 0.352   14.745  -14.327 1.00 27.85 ? 286  GLY A C   1 
ATOM   1485 O O   . GLY A 1 195 ? 1.356   14.749  -13.638 1.00 29.05 ? 286  GLY A O   1 
ATOM   1486 N N   . LEU A 1 196 ? -0.843  14.541  -13.800 1.00 28.42 ? 287  LEU A N   1 
ATOM   1487 C CA  . LEU A 1 196 ? -0.948  14.246  -12.357 1.00 26.93 ? 287  LEU A CA  1 
ATOM   1488 C C   . LEU A 1 196 ? -0.209  12.922  -12.037 1.00 27.21 ? 287  LEU A C   1 
ATOM   1489 O O   . LEU A 1 196 ? 0.565   12.839  -11.104 1.00 26.79 ? 287  LEU A O   1 
ATOM   1490 C CB  . LEU A 1 196 ? -2.454  14.276  -11.945 1.00 26.71 ? 287  LEU A CB  1 
ATOM   1491 C CG  . LEU A 1 196 ? -2.835  13.749  -10.560 1.00 23.76 ? 287  LEU A CG  1 
ATOM   1492 C CD1 . LEU A 1 196 ? -2.013  14.455  -9.538  1.00 22.10 ? 287  LEU A CD1 1 
ATOM   1493 C CD2 . LEU A 1 196 ? -4.287  13.890  -10.255 1.00 21.96 ? 287  LEU A CD2 1 
ATOM   1494 N N   . ILE A 1 197 ? -0.427  11.880  -12.832 1.00 29.01 ? 288  ILE A N   1 
ATOM   1495 C CA  . ILE A 1 197 ? 0.338   10.638  -12.678 1.00 30.13 ? 288  ILE A CA  1 
ATOM   1496 C C   . ILE A 1 197 ? 1.871   10.894  -12.783 1.00 31.81 ? 288  ILE A C   1 
ATOM   1497 O O   . ILE A 1 197 ? 2.640   10.429  -11.919 1.00 31.62 ? 288  ILE A O   1 
ATOM   1498 C CB  . ILE A 1 197 ? -0.211  9.532   -13.635 1.00 31.65 ? 288  ILE A CB  1 
ATOM   1499 C CG1 . ILE A 1 197 ? -1.639  9.138   -13.228 1.00 29.19 ? 288  ILE A CG1 1 
ATOM   1500 C CG2 . ILE A 1 197 ? 0.718   8.299   -13.721 1.00 28.33 ? 288  ILE A CG2 1 
ATOM   1501 C CD1 . ILE A 1 197 ? -2.448  8.540   -14.428 1.00 29.26 ? 288  ILE A CD1 1 
ATOM   1502 N N   . ARG A 1 198 ? 2.333   11.669  -13.772 1.00 32.78 ? 289  ARG A N   1 
ATOM   1503 C CA  . ARG A 1 198 ? 3.779   11.967  -13.835 1.00 35.08 ? 289  ARG A CA  1 
ATOM   1504 C C   . ARG A 1 198 ? 4.264   12.607  -12.548 1.00 34.27 ? 289  ARG A C   1 
ATOM   1505 O O   . ARG A 1 198 ? 5.273   12.209  -12.008 1.00 35.41 ? 289  ARG A O   1 
ATOM   1506 C CB  . ARG A 1 198 ? 4.146   12.920  -14.979 1.00 34.76 ? 289  ARG A CB  1 
ATOM   1507 C CG  . ARG A 1 198 ? 4.185   12.314  -16.351 1.00 40.16 ? 289  ARG A CG  1 
ATOM   1508 C CD  . ARG A 1 198 ? 4.495   13.427  -17.389 1.00 41.52 ? 289  ARG A CD  1 
ATOM   1509 N NE  . ARG A 1 198 ? 3.354   13.715  -18.284 1.00 46.36 ? 289  ARG A NE  1 
ATOM   1510 C CZ  . ARG A 1 198 ? 2.772   14.905  -18.396 1.00 46.56 ? 289  ARG A CZ  1 
ATOM   1511 N NH1 . ARG A 1 198 ? 3.195   15.917  -17.644 1.00 48.65 ? 289  ARG A NH1 1 
ATOM   1512 N NH2 . ARG A 1 198 ? 1.754   15.074  -19.251 1.00 48.66 ? 289  ARG A NH2 1 
ATOM   1513 N N   . TRP A 1 199 ? 3.554   13.628  -12.062 1.00 35.12 ? 290  TRP A N   1 
ATOM   1514 C CA  . TRP A 1 199 ? 3.912   14.259  -10.790 1.00 34.66 ? 290  TRP A CA  1 
ATOM   1515 C C   . TRP A 1 199 ? 3.967   13.268  -9.606  1.00 34.60 ? 290  TRP A C   1 
ATOM   1516 O O   . TRP A 1 199 ? 4.870   13.339  -8.785  1.00 34.44 ? 290  TRP A O   1 
ATOM   1517 C CB  . TRP A 1 199 ? 2.937   15.397  -10.464 1.00 34.66 ? 290  TRP A CB  1 
ATOM   1518 C CG  . TRP A 1 199 ? 3.148   16.573  -11.311 1.00 36.03 ? 290  TRP A CG  1 
ATOM   1519 C CD1 . TRP A 1 199 ? 2.298   17.077  -12.255 1.00 36.76 ? 290  TRP A CD1 1 
ATOM   1520 C CD2 . TRP A 1 199 ? 4.327   17.398  -11.345 1.00 40.19 ? 290  TRP A CD2 1 
ATOM   1521 N NE1 . TRP A 1 199 ? 2.869   18.169  -12.869 1.00 41.82 ? 290  TRP A NE1 1 
ATOM   1522 C CE2 . TRP A 1 199 ? 4.107   18.398  -12.319 1.00 39.77 ? 290  TRP A CE2 1 
ATOM   1523 C CE3 . TRP A 1 199 ? 5.536   17.395  -10.635 1.00 40.33 ? 290  TRP A CE3 1 
ATOM   1524 C CZ2 . TRP A 1 199 ? 5.048   19.406  -12.591 1.00 44.35 ? 290  TRP A CZ2 1 
ATOM   1525 C CZ3 . TRP A 1 199 ? 6.482   18.391  -10.920 1.00 44.42 ? 290  TRP A CZ3 1 
ATOM   1526 C CH2 . TRP A 1 199 ? 6.229   19.379  -11.894 1.00 42.81 ? 290  TRP A CH2 1 
ATOM   1527 N N   . ILE A 1 200 ? 2.991   12.365  -9.518  1.00 34.86 ? 291  ILE A N   1 
ATOM   1528 C CA  . ILE A 1 200 ? 2.961   11.368  -8.433  1.00 35.93 ? 291  ILE A CA  1 
ATOM   1529 C C   . ILE A 1 200 ? 4.179   10.434  -8.565  1.00 37.77 ? 291  ILE A C   1 
ATOM   1530 O O   . ILE A 1 200 ? 4.880   10.149  -7.588  1.00 37.22 ? 291  ILE A O   1 
ATOM   1531 C CB  . ILE A 1 200 ? 1.579   10.611  -8.378  1.00 35.03 ? 291  ILE A CB  1 
ATOM   1532 C CG1 . ILE A 1 200 ? 0.493   11.563  -7.857  1.00 32.83 ? 291  ILE A CG1 1 
ATOM   1533 C CG2 . ILE A 1 200 ? 1.654   9.370   -7.498  1.00 38.26 ? 291  ILE A CG2 1 
ATOM   1534 C CD1 . ILE A 1 200 ? -0.949  11.134  -8.034  1.00 27.61 ? 291  ILE A CD1 1 
ATOM   1535 N N   . GLN A 1 201 ? 4.430   9.996   -9.794  1.00 40.46 ? 292  GLN A N   1 
ATOM   1536 C CA  . GLN A 1 201 ? 5.622   9.234   -10.129 1.00 42.55 ? 292  GLN A CA  1 
ATOM   1537 C C   . GLN A 1 201 ? 6.913   9.976   -9.734  1.00 43.57 ? 292  GLN A C   1 
ATOM   1538 O O   . GLN A 1 201 ? 7.795   9.397   -9.117  1.00 44.04 ? 292  GLN A O   1 
ATOM   1539 C CB  . GLN A 1 201 ? 5.594   8.892   -11.619 1.00 43.13 ? 292  GLN A CB  1 
ATOM   1540 C CG  . GLN A 1 201 ? 6.548   7.765   -11.993 1.00 46.99 ? 292  GLN A CG  1 
ATOM   1541 C CD  . GLN A 1 201 ? 6.098   6.976   -13.217 1.00 50.99 ? 292  GLN A CD  1 
ATOM   1542 O OE1 . GLN A 1 201 ? 6.451   5.798   -13.359 1.00 51.57 ? 292  GLN A OE1 1 
ATOM   1543 N NE2 . GLN A 1 201 ? 5.294   7.608   -14.095 1.00 50.40 ? 292  GLN A NE2 1 
ATOM   1544 N N   . HIS A 1 202 ? 7.001   11.265  -10.055 1.00 44.85 ? 293  HIS A N   1 
ATOM   1545 C CA  . HIS A 1 202 ? 8.168   12.075  -9.731  1.00 46.60 ? 293  HIS A CA  1 
ATOM   1546 C C   . HIS A 1 202 ? 8.447   12.150  -8.237  1.00 47.07 ? 293  HIS A C   1 
ATOM   1547 O O   . HIS A 1 202 ? 9.612   12.158  -7.827  1.00 47.32 ? 293  HIS A O   1 
ATOM   1548 C CB  . HIS A 1 202 ? 7.999   13.491  -10.312 1.00 47.70 ? 293  HIS A CB  1 
ATOM   1549 C CG  . HIS A 1 202 ? 9.003   14.490  -9.817  1.00 50.89 ? 293  HIS A CG  1 
ATOM   1550 N ND1 . HIS A 1 202 ? 9.997   15.013  -10.622 1.00 54.74 ? 293  HIS A ND1 1 
ATOM   1551 C CD2 . HIS A 1 202 ? 9.158   15.080  -8.607  1.00 54.50 ? 293  HIS A CD2 1 
ATOM   1552 C CE1 . HIS A 1 202 ? 10.726  15.867  -9.927  1.00 55.61 ? 293  HIS A CE1 1 
ATOM   1553 N NE2 . HIS A 1 202 ? 10.240  15.925  -8.699  1.00 56.12 ? 293  HIS A NE2 1 
ATOM   1554 N N   . HIS A 1 203 ? 7.395   12.217  -7.416  1.00 46.99 ? 294  HIS A N   1 
ATOM   1555 C CA  . HIS A 1 203 ? 7.572   12.550  -6.023  1.00 46.90 ? 294  HIS A CA  1 
ATOM   1556 C C   . HIS A 1 203 ? 7.607   11.303  -5.190  1.00 48.88 ? 294  HIS A C   1 
ATOM   1557 O O   . HIS A 1 203 ? 7.882   11.354  -3.982  1.00 49.44 ? 294  HIS A O   1 
ATOM   1558 C CB  . HIS A 1 203 ? 6.457   13.466  -5.549  1.00 45.94 ? 294  HIS A CB  1 
ATOM   1559 C CG  . HIS A 1 203 ? 6.594   14.879  -6.015  1.00 41.65 ? 294  HIS A CG  1 
ATOM   1560 N ND1 . HIS A 1 203 ? 7.575   15.720  -5.539  1.00 36.61 ? 294  HIS A ND1 1 
ATOM   1561 C CD2 . HIS A 1 203 ? 5.852   15.613  -6.878  1.00 38.25 ? 294  HIS A CD2 1 
ATOM   1562 C CE1 . HIS A 1 203 ? 7.448   16.910  -6.104  1.00 38.69 ? 294  HIS A CE1 1 
ATOM   1563 N NE2 . HIS A 1 203 ? 6.406   16.875  -6.919  1.00 40.71 ? 294  HIS A NE2 1 
ATOM   1564 N N   . ALA A 1 204 ? 7.306   10.177  -5.834  1.00 50.61 ? 295  ALA A N   1 
ATOM   1565 C CA  . ALA A 1 204 ? 7.463   8.883   -5.191  1.00 52.25 ? 295  ALA A CA  1 
ATOM   1566 C C   . ALA A 1 204 ? 8.817   8.260   -5.595  1.00 53.63 ? 295  ALA A C   1 
ATOM   1567 O O   . ALA A 1 204 ? 8.873   7.106   -6.001  1.00 54.15 ? 295  ALA A O   1 
ATOM   1568 C CB  . ALA A 1 204 ? 6.301   7.956   -5.558  1.00 52.23 ? 295  ALA A CB  1 
ATOM   1569 N N   . LEU A 1 205 ? 9.906   9.017   -5.496  1.00 54.98 ? 296  LEU A N   1 
ATOM   1570 C CA  . LEU A 1 205 ? 11.198  8.519   -5.984  1.00 55.78 ? 296  LEU A CA  1 
ATOM   1571 C C   . LEU A 1 205 ? 12.321  8.713   -4.973  1.00 56.25 ? 296  LEU A C   1 
ATOM   1572 O O   . LEU A 1 205 ? 12.643  9.845   -4.593  1.00 56.95 ? 296  LEU A O   1 
ATOM   1573 C CB  . LEU A 1 205 ? 11.559  9.147   -7.335  1.00 55.66 ? 296  LEU A CB  1 
ATOM   1574 C CG  . LEU A 1 205 ? 10.635  8.824   -8.532  1.00 57.49 ? 296  LEU A CG  1 
ATOM   1575 C CD1 . LEU A 1 205 ? 11.098  9.527   -9.828  1.00 56.97 ? 296  LEU A CD1 1 
ATOM   1576 C CD2 . LEU A 1 205 ? 10.390  7.283   -8.768  1.00 55.59 ? 296  LEU A CD2 1 
HETATM 1577 S S   . SO4 B 2 .   ? 6.318   2.376   0.045   1.00 39.60 ? 1001 SO4 A S   1 
HETATM 1578 O O1  . SO4 B 2 .   ? 7.724   2.029   -0.229  1.00 42.49 ? 1001 SO4 A O1  1 
HETATM 1579 O O2  . SO4 B 2 .   ? 5.976   3.640   -0.630  1.00 46.91 ? 1001 SO4 A O2  1 
HETATM 1580 O O3  . SO4 B 2 .   ? 5.411   1.440   -0.620  1.00 35.33 ? 1001 SO4 A O3  1 
HETATM 1581 O O4  . SO4 B 2 .   ? 6.153   2.660   1.453   1.00 39.69 ? 1001 SO4 A O4  1 
HETATM 1582 S S   . SO4 C 2 .   ? 7.143   16.188  3.150   1.00 49.95 ? 1002 SO4 A S   1 
HETATM 1583 O O1  . SO4 C 2 .   ? 7.640   17.056  2.071   1.00 48.06 ? 1002 SO4 A O1  1 
HETATM 1584 O O2  . SO4 C 2 .   ? 6.218   16.851  4.109   1.00 46.96 ? 1002 SO4 A O2  1 
HETATM 1585 O O3  . SO4 C 2 .   ? 6.496   15.050  2.501   1.00 48.26 ? 1002 SO4 A O3  1 
HETATM 1586 O O4  . SO4 C 2 .   ? 8.293   15.803  3.939   1.00 52.33 ? 1002 SO4 A O4  1 
HETATM 1587 C C1  . GOL D 3 .   ? -3.195  9.130   11.994  1.00 35.76 ? 1003 GOL A C1  1 
HETATM 1588 O O1  . GOL D 3 .   ? -3.644  10.013  11.016  1.00 32.84 ? 1003 GOL A O1  1 
HETATM 1589 C C2  . GOL D 3 .   ? -2.081  8.341   11.392  1.00 32.74 ? 1003 GOL A C2  1 
HETATM 1590 O O2  . GOL D 3 .   ? -0.908  8.880   11.946  1.00 36.45 ? 1003 GOL A O2  1 
HETATM 1591 C C3  . GOL D 3 .   ? -2.122  6.848   11.667  1.00 30.25 ? 1003 GOL A C3  1 
HETATM 1592 O O3  . GOL D 3 .   ? -1.376  6.621   12.865  1.00 19.87 ? 1003 GOL A O3  1 
HETATM 1593 C C   . ACT E 4 .   ? -7.025  2.939   5.144   1.00 30.40 ? 1004 ACT A C   1 
HETATM 1594 O O   . ACT E 4 .   ? -7.299  3.432   6.358   1.00 25.91 ? 1004 ACT A O   1 
HETATM 1595 O OXT . ACT E 4 .   ? -6.843  1.683   4.971   1.00 31.19 ? 1004 ACT A OXT 1 
HETATM 1596 C CH3 . ACT E 4 .   ? -6.855  3.676   3.843   1.00 30.35 ? 1004 ACT A CH3 1 
HETATM 1597 O O   . HOH F 5 .   ? 4.616   7.990   -2.002  1.00 33.19 ? 1    HOH A O   1 
HETATM 1598 O O   . HOH F 5 .   ? -10.842 -1.027  -21.445 1.00 34.84 ? 2    HOH A O   1 
HETATM 1599 O O   . HOH F 5 .   ? -1.406  -9.630  -2.042  1.00 16.62 ? 3    HOH A O   1 
HETATM 1600 O O   . HOH F 5 .   ? 3.306   -16.249 13.689  1.00 14.93 ? 4    HOH A O   1 
HETATM 1601 O O   . HOH F 5 .   ? -2.955  4.642   14.020  1.00 17.94 ? 6    HOH A O   1 
HETATM 1602 O O   . HOH F 5 .   ? -8.440  20.410  -7.007  1.00 27.55 ? 7    HOH A O   1 
HETATM 1603 O O   . HOH F 5 .   ? 3.798   -4.897  18.890  1.00 16.91 ? 8    HOH A O   1 
HETATM 1604 O O   . HOH F 5 .   ? 0.805   -9.111  5.856   1.00 24.61 ? 9    HOH A O   1 
HETATM 1605 O O   . HOH F 5 .   ? -7.270  -7.090  2.291   1.00 22.44 ? 10   HOH A O   1 
HETATM 1606 O O   . HOH F 5 .   ? 1.512   -19.218 5.396   1.00 20.19 ? 11   HOH A O   1 
HETATM 1607 O O   . HOH F 5 .   ? 9.021   -17.392 17.155  1.00 28.23 ? 12   HOH A O   1 
HETATM 1608 O O   . HOH F 5 .   ? -4.639  3.710   15.914  1.00 26.69 ? 13   HOH A O   1 
HETATM 1609 O O   . HOH F 5 .   ? -10.611 -0.288  -1.054  1.00 28.29 ? 14   HOH A O   1 
HETATM 1610 O O   . HOH F 5 .   ? -5.575  4.301   -20.131 1.00 45.12 ? 15   HOH A O   1 
HETATM 1611 O O   . HOH F 5 .   ? -1.007  -8.318  3.956   1.00 21.34 ? 16   HOH A O   1 
HETATM 1612 O O   . HOH F 5 .   ? 2.828   0.838   -0.903  1.00 24.80 ? 17   HOH A O   1 
HETATM 1613 O O   . HOH F 5 .   ? -4.589  -2.611  6.742   1.00 19.21 ? 19   HOH A O   1 
HETATM 1614 O O   . HOH F 5 .   ? 2.644   -6.770  -6.985  1.00 47.71 ? 20   HOH A O   1 
HETATM 1615 O O   . HOH F 5 .   ? -4.768  -13.908 3.666   1.00 33.15 ? 21   HOH A O   1 
HETATM 1616 O O   . HOH F 5 .   ? 3.166   -11.496 19.244  1.00 20.54 ? 22   HOH A O   1 
HETATM 1617 O O   . HOH F 5 .   ? -4.349  -2.557  20.310  1.00 27.22 ? 23   HOH A O   1 
HETATM 1618 O O   . HOH F 5 .   ? -5.249  5.146   0.992   1.00 24.70 ? 25   HOH A O   1 
HETATM 1619 O O   . HOH F 5 .   ? -10.339 3.972   -15.877 1.00 32.03 ? 27   HOH A O   1 
HETATM 1620 O O   . HOH F 5 .   ? -16.807 3.222   -17.896 1.00 41.14 ? 31   HOH A O   1 
HETATM 1621 O O   . HOH F 5 .   ? -9.425  -1.127  -25.845 1.00 51.78 ? 32   HOH A O   1 
HETATM 1622 O O   . HOH F 5 .   ? 0.455   1.672   0.165   1.00 25.35 ? 34   HOH A O   1 
HETATM 1623 O O   . HOH F 5 .   ? 6.315   -7.346  -7.263  1.00 38.36 ? 35   HOH A O   1 
HETATM 1624 O O   . HOH F 5 .   ? 2.694   -21.499 5.560   1.00 26.40 ? 37   HOH A O   1 
HETATM 1625 O O   . HOH F 5 .   ? -12.798 4.542   -15.599 1.00 24.04 ? 39   HOH A O   1 
HETATM 1626 O O   . HOH F 5 .   ? 1.663   2.595   -2.778  1.00 30.93 ? 40   HOH A O   1 
HETATM 1627 O O   . HOH F 5 .   ? 10.808  -5.126  8.180   1.00 33.71 ? 42   HOH A O   1 
HETATM 1628 O O   . HOH F 5 .   ? 9.779   3.256   0.775   1.00 28.53 ? 45   HOH A O   1 
HETATM 1629 O O   . HOH F 5 .   ? -8.773  -5.285  3.328   1.00 48.09 ? 46   HOH A O   1 
HETATM 1630 O O   . HOH F 5 .   ? 13.206  0.483   14.094  1.00 37.80 ? 50   HOH A O   1 
HETATM 1631 O O   . HOH F 5 .   ? 13.623  -17.780 8.125   1.00 24.27 ? 52   HOH A O   1 
HETATM 1632 O O   . HOH F 5 .   ? -0.533  -5.851  4.134   1.00 27.68 ? 55   HOH A O   1 
HETATM 1633 O O   . HOH F 5 .   ? 13.413  2.889   12.147  1.00 37.80 ? 56   HOH A O   1 
HETATM 1634 O O   . HOH F 5 .   ? -11.288 -7.761  3.066   1.00 41.35 ? 57   HOH A O   1 
HETATM 1635 O O   . HOH F 5 .   ? -3.272  -15.440 2.193   1.00 41.72 ? 59   HOH A O   1 
HETATM 1636 O O   . HOH F 5 .   ? -11.817 7.374   0.677   1.00 23.58 ? 60   HOH A O   1 
HETATM 1637 O O   . HOH F 5 .   ? -8.540  -7.716  -0.572  1.00 34.84 ? 62   HOH A O   1 
HETATM 1638 O O   . HOH F 5 .   ? 18.707  -15.047 13.136  1.00 43.61 ? 64   HOH A O   1 
HETATM 1639 O O   . HOH F 5 .   ? 5.281   20.229  -4.723  1.00 32.67 ? 66   HOH A O   1 
HETATM 1640 O O   . HOH F 5 .   ? -13.545 -1.192  -25.167 1.00 34.82 ? 69   HOH A O   1 
HETATM 1641 O O   . HOH F 5 .   ? 9.474   -6.777  25.125  1.00 40.70 ? 71   HOH A O   1 
HETATM 1642 O O   . HOH F 5 .   ? 16.416  -17.672 5.738   1.00 43.46 ? 75   HOH A O   1 
HETATM 1643 O O   . HOH F 5 .   ? -13.649 12.258  -13.097 1.00 41.11 ? 76   HOH A O   1 
HETATM 1644 O O   . HOH F 5 .   ? 3.244   -2.308  23.234  1.00 34.61 ? 78   HOH A O   1 
HETATM 1645 O O   . HOH F 5 .   ? -6.811  7.627   -16.885 1.00 33.30 ? 84   HOH A O   1 
HETATM 1646 O O   . HOH F 5 .   ? -6.636  -9.867  -5.812  1.00 43.26 ? 86   HOH A O   1 
HETATM 1647 O O   . HOH F 5 .   ? 10.733  -5.297  1.833   1.00 35.94 ? 88   HOH A O   1 
HETATM 1648 O O   . HOH F 5 .   ? -0.127  2.023   -19.495 1.00 69.34 ? 89   HOH A O   1 
HETATM 1649 O O   . HOH F 5 .   ? -1.141  -7.708  22.605  1.00 36.24 ? 297  HOH A O   1 
HETATM 1650 O O   . HOH F 5 .   ? -4.350  -10.067 -6.737  1.00 36.23 ? 298  HOH A O   1 
HETATM 1651 O O   . HOH F 5 .   ? -5.925  20.172  -7.772  1.00 35.90 ? 299  HOH A O   1 
HETATM 1652 O O   . HOH F 5 .   ? -13.368 5.737   -22.895 1.00 36.05 ? 300  HOH A O   1 
HETATM 1653 O O   . HOH F 5 .   ? 13.823  -2.972  15.402  1.00 31.17 ? 301  HOH A O   1 
HETATM 1654 O O   . HOH F 5 .   ? 3.516   -20.009 12.753  1.00 32.60 ? 302  HOH A O   1 
HETATM 1655 O O   . HOH F 5 .   ? 15.082  -5.182  6.233   1.00 45.91 ? 303  HOH A O   1 
HETATM 1656 O O   . HOH F 5 .   ? 9.863   4.738   15.017  1.00 34.62 ? 304  HOH A O   1 
HETATM 1657 O O   . HOH F 5 .   ? 1.674   -4.403  3.953   1.00 23.84 ? 305  HOH A O   1 
HETATM 1658 O O   . HOH F 5 .   ? -5.865  21.808  -10.088 1.00 35.66 ? 306  HOH A O   1 
HETATM 1659 O O   . HOH F 5 .   ? -13.702 4.115   -21.208 1.00 32.36 ? 307  HOH A O   1 
# 
loop_
_pdbx_poly_seq_scheme.asym_id 
_pdbx_poly_seq_scheme.entity_id 
_pdbx_poly_seq_scheme.seq_id 
_pdbx_poly_seq_scheme.mon_id 
_pdbx_poly_seq_scheme.ndb_seq_num 
_pdbx_poly_seq_scheme.pdb_seq_num 
_pdbx_poly_seq_scheme.auth_seq_num 
_pdbx_poly_seq_scheme.pdb_mon_id 
_pdbx_poly_seq_scheme.auth_mon_id 
_pdbx_poly_seq_scheme.pdb_strand_id 
_pdbx_poly_seq_scheme.pdb_ins_code 
_pdbx_poly_seq_scheme.hetero 
A 1 1   GLY 1   92  92  GLY GLY A . n 
A 1 2   HIS 2   93  93  HIS HIS A . n 
A 1 3   ILE 3   94  94  ILE ILE A . n 
A 1 4   THR 4   95  95  THR THR A . n 
A 1 5   PHE 5   96  96  PHE PHE A . n 
A 1 6   ALA 6   97  97  ALA ALA A . n 
A 1 7   ALA 7   98  98  ALA ALA A . n 
A 1 8   SER 8   99  99  SER SER A . n 
A 1 9   PRO 9   100 100 PRO PRO A . n 
A 1 10  ALA 10  101 101 ALA ALA A . n 
A 1 11  ILE 11  102 102 ILE ILE A . n 
A 1 12  ALA 12  103 103 ALA ALA A . n 
A 1 13  LEU 13  104 104 LEU LEU A . n 
A 1 14  ALA 14  105 105 ALA ALA A . n 
A 1 15  ALA 15  106 106 ALA ALA A . n 
A 1 16  LEU 16  107 107 LEU LEU A . n 
A 1 17  PRO 17  108 108 PRO PRO A . n 
A 1 18  LEU 18  109 109 LEU LEU A . n 
A 1 19  ALA 19  110 110 ALA ALA A . n 
A 1 20  LEU 20  111 111 LEU LEU A . n 
A 1 21  ALA 21  112 112 ALA ALA A . n 
A 1 22  SER 22  113 113 SER SER A . n 
A 1 23  PHE 23  114 114 PHE PHE A . n 
A 1 24  ALA 24  115 115 ALA ALA A . n 
A 1 25  ARG 25  116 116 ARG ARG A . n 
A 1 26  GLU 26  117 117 GLU GLU A . n 
A 1 27  PHE 27  118 118 PHE PHE A . n 
A 1 28  PRO 28  119 119 PRO PRO A . n 
A 1 29  ASP 29  120 120 ASP ASP A . n 
A 1 30  VAL 30  121 121 VAL VAL A . n 
A 1 31  THR 31  122 122 THR THR A . n 
A 1 32  VAL 32  123 123 VAL VAL A . n 
A 1 33  ASN 33  124 124 ASN ASN A . n 
A 1 34  VAL 34  125 125 VAL VAL A . n 
A 1 35  ARG 35  126 126 ARG ARG A . n 
A 1 36  ASP 36  127 127 ASP ASP A . n 
A 1 37  GLY 37  128 128 GLY GLY A . n 
A 1 38  MET 38  129 129 MET MET A . n 
A 1 39  TYR 39  130 130 TYR TYR A . n 
A 1 40  PRO 40  131 131 PRO PRO A . n 
A 1 41  ALA 41  132 132 ALA ALA A . n 
A 1 42  VAL 42  133 133 VAL VAL A . n 
A 1 43  SER 43  134 134 SER SER A . n 
A 1 44  PRO 44  135 135 PRO PRO A . n 
A 1 45  GLN 45  136 136 GLN GLN A . n 
A 1 46  LEU 46  137 137 LEU LEU A . n 
A 1 47  ARG 47  138 138 ARG ARG A . n 
A 1 48  ASP 48  139 139 ASP ASP A . n 
A 1 49  GLY 49  140 140 GLY GLY A . n 
A 1 50  THR 50  141 141 THR THR A . n 
A 1 51  LEU 51  142 142 LEU LEU A . n 
A 1 52  ASP 52  143 143 ASP ASP A . n 
A 1 53  PHE 53  144 144 PHE PHE A . n 
A 1 54  ALA 54  145 145 ALA ALA A . n 
A 1 55  LEU 55  146 146 LEU LEU A . n 
A 1 56  THR 56  147 147 THR THR A . n 
A 1 57  ALA 57  148 148 ALA ALA A . n 
A 1 58  ALA 58  149 149 ALA ALA A . n 
A 1 59  HIS 59  150 150 HIS HIS A . n 
A 1 60  LYS 60  151 151 LYS LYS A . n 
A 1 61  HIS 61  152 152 HIS HIS A . n 
A 1 62  ASP 62  153 153 ASP ASP A . n 
A 1 63  ILE 63  154 154 ILE ILE A . n 
A 1 64  ASP 64  155 155 ASP ASP A . n 
A 1 65  THR 65  156 156 THR THR A . n 
A 1 66  ASP 66  157 157 ASP ASP A . n 
A 1 67  LEU 67  158 158 LEU LEU A . n 
A 1 68  GLU 68  159 159 GLU GLU A . n 
A 1 69  ALA 69  160 160 ALA ALA A . n 
A 1 70  GLN 70  161 161 GLN GLN A . n 
A 1 71  PRO 71  162 162 PRO PRO A . n 
A 1 72  LEU 72  163 163 LEU LEU A . n 
A 1 73  TYR 73  164 164 TYR TYR A . n 
A 1 74  VAL 74  165 165 VAL VAL A . n 
A 1 75  SER 75  166 166 SER SER A . n 
A 1 76  ASP 76  167 167 ASP ASP A . n 
A 1 77  VAL 77  168 168 VAL VAL A . n 
A 1 78  VAL 78  169 169 VAL VAL A . n 
A 1 79  ILE 79  170 170 ILE ILE A . n 
A 1 80  VAL 80  171 171 VAL VAL A . n 
A 1 81  GLY 81  172 172 GLY GLY A . n 
A 1 82  GLN 82  173 173 GLN GLN A . n 
A 1 83  ARG 83  174 174 ARG ARG A . n 
A 1 84  GLN 84  175 175 GLN GLN A . n 
A 1 85  HIS 85  176 176 HIS HIS A . n 
A 1 86  PRO 86  177 177 PRO PRO A . n 
A 1 87  MET 87  178 178 MET MET A . n 
A 1 88  ALA 88  179 179 ALA ALA A . n 
A 1 89  ASN 89  180 180 ASN ASN A . n 
A 1 90  ALA 90  181 181 ALA ALA A . n 
A 1 91  THR 91  182 182 THR THR A . n 
A 1 92  ARG 92  183 183 ARG ARG A . n 
A 1 93  LEU 93  184 184 LEU LEU A . n 
A 1 94  ALA 94  185 185 ALA ALA A . n 
A 1 95  GLU 95  186 186 GLU GLU A . n 
A 1 96  LEU 96  187 187 LEU LEU A . n 
A 1 97  GLN 97  188 188 GLN GLN A . n 
A 1 98  GLU 98  189 189 GLU GLU A . n 
A 1 99  CYS 99  190 190 CYS CYS A . n 
A 1 100 ARG 100 191 191 ARG ARG A . n 
A 1 101 TRP 101 192 192 TRP TRP A . n 
A 1 102 ALA 102 193 193 ALA ALA A . n 
A 1 103 PHE 103 194 194 PHE PHE A . n 
A 1 104 SER 104 195 195 SER SER A . n 
A 1 105 SER 105 196 196 SER SER A . n 
A 1 106 ALA 106 197 197 ALA ALA A . n 
A 1 107 PRO 107 198 198 PRO PRO A . n 
A 1 108 ARG 108 199 199 ARG ARG A . n 
A 1 109 GLY 109 200 200 GLY GLY A . n 
A 1 110 PRO 110 201 201 PRO PRO A . n 
A 1 111 GLY 111 202 202 GLY GLY A . n 
A 1 112 ALA 112 203 203 ALA ALA A . n 
A 1 113 ILE 113 204 204 ILE ILE A . n 
A 1 114 ILE 114 205 205 ILE ILE A . n 
A 1 115 ARG 115 206 206 ARG ARG A . n 
A 1 116 ASN 116 207 207 ASN ASN A . n 
A 1 117 ALA 117 208 208 ALA ALA A . n 
A 1 118 PHE 118 209 209 PHE PHE A . n 
A 1 119 ALA 119 210 210 ALA ALA A . n 
A 1 120 ARG 120 211 211 ARG ARG A . n 
A 1 121 TYR 121 212 212 TYR TYR A . n 
A 1 122 GLY 122 213 213 GLY GLY A . n 
A 1 123 LEU 123 214 214 LEU LEU A . n 
A 1 124 PRO 124 215 215 PRO PRO A . n 
A 1 125 GLU 125 216 216 GLU GLU A . n 
A 1 126 PRO 126 217 217 PRO PRO A . n 
A 1 127 LYS 127 218 218 LYS LYS A . n 
A 1 128 LEU 128 219 219 LEU LEU A . n 
A 1 129 GLY 129 220 220 GLY GLY A . n 
A 1 130 LEU 130 221 221 LEU LEU A . n 
A 1 131 VAL 131 222 222 VAL VAL A . n 
A 1 132 CYS 132 223 223 CYS CYS A . n 
A 1 133 GLU 133 224 224 GLU GLU A . n 
A 1 134 SER 134 225 225 SER SER A . n 
A 1 135 PHE 135 226 226 PHE PHE A . n 
A 1 136 LEU 136 227 227 LEU LEU A . n 
A 1 137 ALA 137 228 228 ALA ALA A . n 
A 1 138 LEU 138 229 229 LEU LEU A . n 
A 1 139 PRO 139 230 230 PRO PRO A . n 
A 1 140 GLY 140 231 231 GLY GLY A . n 
A 1 141 VAL 141 232 232 VAL VAL A . n 
A 1 142 VAL 142 233 233 VAL VAL A . n 
A 1 143 ALA 143 234 234 ALA ALA A . n 
A 1 144 HIS 144 235 235 HIS HIS A . n 
A 1 145 SER 145 236 236 SER SER A . n 
A 1 146 ASP 146 237 237 ASP ASP A . n 
A 1 147 LEU 147 238 238 LEU LEU A . n 
A 1 148 LEU 148 239 239 LEU LEU A . n 
A 1 149 THR 149 240 240 THR THR A . n 
A 1 150 THR 150 241 241 THR THR A . n 
A 1 151 MET 151 242 242 MET MET A . n 
A 1 152 PRO 152 243 243 PRO PRO A . n 
A 1 153 ARG 153 244 244 ARG ARG A . n 
A 1 154 THR 154 245 245 THR THR A . n 
A 1 155 LEU 155 246 246 LEU LEU A . n 
A 1 156 TYR 156 247 247 TYR TYR A . n 
A 1 157 GLU 157 248 248 GLU GLU A . n 
A 1 158 ARG 158 249 249 ARG ARG A . n 
A 1 159 ASN 159 250 250 ASN ASN A . n 
A 1 160 ALA 160 251 251 ALA ALA A . n 
A 1 161 PHE 161 252 252 PHE PHE A . n 
A 1 162 LYS 162 253 253 LYS LYS A . n 
A 1 163 ASP 163 254 254 ASP ASP A . n 
A 1 164 GLN 164 255 255 GLN GLN A . n 
A 1 165 LEU 165 256 256 LEU LEU A . n 
A 1 166 CYS 166 257 257 CYS CYS A . n 
A 1 167 SER 167 258 258 SER SER A . n 
A 1 168 ILE 168 259 259 ILE ILE A . n 
A 1 169 PRO 169 260 260 PRO PRO A . n 
A 1 170 LEU 170 261 261 LEU LEU A . n 
A 1 171 GLN 171 262 262 GLN GLN A . n 
A 1 172 ASP 172 263 263 ASP ASP A . n 
A 1 173 ALA 173 264 264 ALA ALA A . n 
A 1 174 LEU 174 265 265 LEU LEU A . n 
A 1 175 PRO 175 266 266 PRO PRO A . n 
A 1 176 ASN 176 267 267 ASN ASN A . n 
A 1 177 PRO 177 268 268 PRO PRO A . n 
A 1 178 THR 178 269 269 THR THR A . n 
A 1 179 ILE 179 270 270 ILE ILE A . n 
A 1 180 TYR 180 271 271 TYR TYR A . n 
A 1 181 VAL 181 272 272 VAL VAL A . n 
A 1 182 LEU 182 273 273 LEU LEU A . n 
A 1 183 ARG 183 274 274 ARG ARG A . n 
A 1 184 ARG 184 275 275 ARG ARG A . n 
A 1 185 HIS 185 276 276 HIS HIS A . n 
A 1 186 ASP 186 277 277 ASP ASP A . n 
A 1 187 LEU 187 278 278 LEU LEU A . n 
A 1 188 PRO 188 279 279 PRO PRO A . n 
A 1 189 VAL 189 280 280 VAL VAL A . n 
A 1 190 THR 190 281 281 THR THR A . n 
A 1 191 PRO 191 282 282 PRO PRO A . n 
A 1 192 ALA 192 283 283 ALA ALA A . n 
A 1 193 ALA 193 284 284 ALA ALA A . n 
A 1 194 ALA 194 285 285 ALA ALA A . n 
A 1 195 GLY 195 286 286 GLY GLY A . n 
A 1 196 LEU 196 287 287 LEU LEU A . n 
A 1 197 ILE 197 288 288 ILE ILE A . n 
A 1 198 ARG 198 289 289 ARG ARG A . n 
A 1 199 TRP 199 290 290 TRP TRP A . n 
A 1 200 ILE 200 291 291 ILE ILE A . n 
A 1 201 GLN 201 292 292 GLN GLN A . n 
A 1 202 HIS 202 293 293 HIS HIS A . n 
A 1 203 HIS 203 294 294 HIS HIS A . n 
A 1 204 ALA 204 295 295 ALA ALA A . n 
A 1 205 LEU 205 296 296 LEU LEU A . n 
# 
loop_
_pdbx_nonpoly_scheme.asym_id 
_pdbx_nonpoly_scheme.entity_id 
_pdbx_nonpoly_scheme.mon_id 
_pdbx_nonpoly_scheme.ndb_seq_num 
_pdbx_nonpoly_scheme.pdb_seq_num 
_pdbx_nonpoly_scheme.auth_seq_num 
_pdbx_nonpoly_scheme.pdb_mon_id 
_pdbx_nonpoly_scheme.auth_mon_id 
_pdbx_nonpoly_scheme.pdb_strand_id 
_pdbx_nonpoly_scheme.pdb_ins_code 
B 2 SO4 1  1001 1001 SO4 SO4 A . 
C 2 SO4 1  1002 1002 SO4 SO4 A . 
D 3 GOL 1  1003 1003 GOL GOL A . 
E 4 ACT 1  1004 1004 ACT ACT A . 
F 5 HOH 1  1    1    HOH HOH A . 
F 5 HOH 2  2    2    HOH HOH A . 
F 5 HOH 3  3    3    HOH HOH A . 
F 5 HOH 4  4    4    HOH HOH A . 
F 5 HOH 5  6    6    HOH HOH A . 
F 5 HOH 6  7    7    HOH HOH A . 
F 5 HOH 7  8    8    HOH HOH A . 
F 5 HOH 8  9    9    HOH HOH A . 
F 5 HOH 9  10   10   HOH HOH A . 
F 5 HOH 10 11   11   HOH HOH A . 
F 5 HOH 11 12   12   HOH HOH A . 
F 5 HOH 12 13   13   HOH HOH A . 
F 5 HOH 13 14   14   HOH HOH A . 
F 5 HOH 14 15   15   HOH HOH A . 
F 5 HOH 15 16   16   HOH HOH A . 
F 5 HOH 16 17   17   HOH HOH A . 
F 5 HOH 17 19   19   HOH HOH A . 
F 5 HOH 18 20   20   HOH HOH A . 
F 5 HOH 19 21   21   HOH HOH A . 
F 5 HOH 20 22   22   HOH HOH A . 
F 5 HOH 21 23   23   HOH HOH A . 
F 5 HOH 22 25   25   HOH HOH A . 
F 5 HOH 23 27   27   HOH HOH A . 
F 5 HOH 24 31   31   HOH HOH A . 
F 5 HOH 25 32   32   HOH HOH A . 
F 5 HOH 26 34   34   HOH HOH A . 
F 5 HOH 27 35   35   HOH HOH A . 
F 5 HOH 28 37   37   HOH HOH A . 
F 5 HOH 29 39   39   HOH HOH A . 
F 5 HOH 30 40   40   HOH HOH A . 
F 5 HOH 31 42   42   HOH HOH A . 
F 5 HOH 32 45   45   HOH HOH A . 
F 5 HOH 33 46   46   HOH HOH A . 
F 5 HOH 34 50   50   HOH HOH A . 
F 5 HOH 35 52   52   HOH HOH A . 
F 5 HOH 36 55   55   HOH HOH A . 
F 5 HOH 37 56   56   HOH HOH A . 
F 5 HOH 38 57   57   HOH HOH A . 
F 5 HOH 39 59   59   HOH HOH A . 
F 5 HOH 40 60   60   HOH HOH A . 
F 5 HOH 41 62   62   HOH HOH A . 
F 5 HOH 42 64   64   HOH HOH A . 
F 5 HOH 43 66   66   HOH HOH A . 
F 5 HOH 44 69   69   HOH HOH A . 
F 5 HOH 45 71   71   HOH HOH A . 
F 5 HOH 46 75   75   HOH HOH A . 
F 5 HOH 47 76   76   HOH HOH A . 
F 5 HOH 48 78   78   HOH HOH A . 
F 5 HOH 49 84   84   HOH HOH A . 
F 5 HOH 50 86   86   HOH HOH A . 
F 5 HOH 51 88   88   HOH HOH A . 
F 5 HOH 52 89   89   HOH HOH A . 
F 5 HOH 53 297  93   HOH HOH A . 
F 5 HOH 54 298  99   HOH HOH A . 
F 5 HOH 55 299  102  HOH HOH A . 
F 5 HOH 56 300  113  HOH HOH A . 
F 5 HOH 57 301  123  HOH HOH A . 
F 5 HOH 58 302  126  HOH HOH A . 
F 5 HOH 59 303  136  HOH HOH A . 
F 5 HOH 60 304  138  HOH HOH A . 
F 5 HOH 61 305  148  HOH HOH A . 
F 5 HOH 62 306  158  HOH HOH A . 
F 5 HOH 63 307  164  HOH HOH A . 
# 
loop_
_pdbx_struct_assembly.id 
_pdbx_struct_assembly.details 
_pdbx_struct_assembly.method_details 
_pdbx_struct_assembly.oligomeric_details 
_pdbx_struct_assembly.oligomeric_count 
1 author_defined_assembly   ?    monomeric 1 
2 software_defined_assembly PISA dimeric   2 
# 
loop_
_pdbx_struct_assembly_gen.assembly_id 
_pdbx_struct_assembly_gen.oper_expression 
_pdbx_struct_assembly_gen.asym_id_list 
1 1   A,B,C,D,E,F 
2 1,2 A,B,C,D,E,F 
# 
loop_
_pdbx_struct_assembly_prop.biol_id 
_pdbx_struct_assembly_prop.type 
_pdbx_struct_assembly_prop.value 
_pdbx_struct_assembly_prop.details 
2 'ABSA (A^2)' 2670  ? 
2 MORE         -23   ? 
2 'SSA (A^2)'  17690 ? 
# 
loop_
_pdbx_struct_oper_list.id 
_pdbx_struct_oper_list.type 
_pdbx_struct_oper_list.name 
_pdbx_struct_oper_list.symmetry_operation 
_pdbx_struct_oper_list.matrix[1][1] 
_pdbx_struct_oper_list.matrix[1][2] 
_pdbx_struct_oper_list.matrix[1][3] 
_pdbx_struct_oper_list.vector[1] 
_pdbx_struct_oper_list.matrix[2][1] 
_pdbx_struct_oper_list.matrix[2][2] 
_pdbx_struct_oper_list.matrix[2][3] 
_pdbx_struct_oper_list.vector[2] 
_pdbx_struct_oper_list.matrix[3][1] 
_pdbx_struct_oper_list.matrix[3][2] 
_pdbx_struct_oper_list.matrix[3][3] 
_pdbx_struct_oper_list.vector[3] 
1 'identity operation'         1_555 x,y,z         1.0000000000 0.0000000000 0.0000000000 0.0000000000   0.0000000000 1.0000000000  0.0000000000 0.0000000000  0.0000000000 0.0000000000 1.0000000000  0.0000000000  
2 'crystal symmetry operation' 3_455 -x-1,y,-z+1/2 0.0800859666 0.6312938970 0.7713975976 -15.2005232891 0.6312938970 -0.6310182738 0.4508702183 11.2181485397 0.7713975976 0.4508702183 -0.4490676927 12.1026085759 
# 
loop_
_pdbx_audit_revision_history.ordinal 
_pdbx_audit_revision_history.data_content_type 
_pdbx_audit_revision_history.major_revision 
_pdbx_audit_revision_history.minor_revision 
_pdbx_audit_revision_history.revision_date 
1 'Structure model' 1 0 2011-06-01 
2 'Structure model' 1 1 2011-07-13 
3 'Structure model' 1 2 2023-11-01 
# 
_pdbx_audit_revision_details.ordinal             1 
_pdbx_audit_revision_details.revision_ordinal    1 
_pdbx_audit_revision_details.data_content_type   'Structure model' 
_pdbx_audit_revision_details.provider            repository 
_pdbx_audit_revision_details.type                'Initial release' 
_pdbx_audit_revision_details.description         ? 
_pdbx_audit_revision_details.details             ? 
# 
loop_
_pdbx_audit_revision_group.ordinal 
_pdbx_audit_revision_group.revision_ordinal 
_pdbx_audit_revision_group.data_content_type 
_pdbx_audit_revision_group.group 
1 2 'Structure model' 'Version format compliance' 
2 3 'Structure model' 'Data collection'           
3 3 'Structure model' 'Database references'       
4 3 'Structure model' 'Derived calculations'      
5 3 'Structure model' 'Refinement description'    
# 
loop_
_pdbx_audit_revision_category.ordinal 
_pdbx_audit_revision_category.revision_ordinal 
_pdbx_audit_revision_category.data_content_type 
_pdbx_audit_revision_category.category 
1 3 'Structure model' chem_comp_atom                
2 3 'Structure model' chem_comp_bond                
3 3 'Structure model' database_2                    
4 3 'Structure model' pdbx_initial_refinement_model 
5 3 'Structure model' struct_site                   
# 
loop_
_pdbx_audit_revision_item.ordinal 
_pdbx_audit_revision_item.revision_ordinal 
_pdbx_audit_revision_item.data_content_type 
_pdbx_audit_revision_item.item 
1 3 'Structure model' '_database_2.pdbx_DOI'                
2 3 'Structure model' '_database_2.pdbx_database_accession' 
3 3 'Structure model' '_struct_site.pdbx_auth_asym_id'      
4 3 'Structure model' '_struct_site.pdbx_auth_comp_id'      
5 3 'Structure model' '_struct_site.pdbx_auth_seq_id'       
# 
_software.name             REFMAC 
_software.classification   refinement 
_software.version          5.5.0102 
_software.citation_id      ? 
_software.pdbx_ordinal     1 
# 
loop_
_pdbx_validate_rmsd_bond.id 
_pdbx_validate_rmsd_bond.PDB_model_num 
_pdbx_validate_rmsd_bond.auth_atom_id_1 
_pdbx_validate_rmsd_bond.auth_asym_id_1 
_pdbx_validate_rmsd_bond.auth_comp_id_1 
_pdbx_validate_rmsd_bond.auth_seq_id_1 
_pdbx_validate_rmsd_bond.PDB_ins_code_1 
_pdbx_validate_rmsd_bond.label_alt_id_1 
_pdbx_validate_rmsd_bond.auth_atom_id_2 
_pdbx_validate_rmsd_bond.auth_asym_id_2 
_pdbx_validate_rmsd_bond.auth_comp_id_2 
_pdbx_validate_rmsd_bond.auth_seq_id_2 
_pdbx_validate_rmsd_bond.PDB_ins_code_2 
_pdbx_validate_rmsd_bond.label_alt_id_2 
_pdbx_validate_rmsd_bond.bond_value 
_pdbx_validate_rmsd_bond.bond_target_value 
_pdbx_validate_rmsd_bond.bond_deviation 
_pdbx_validate_rmsd_bond.bond_standard_deviation 
_pdbx_validate_rmsd_bond.linker_flag 
1 1 CB A SER 195 ? ? OG  A SER 195 ? ? 1.501 1.418 0.083 0.013 N 
2 1 CB A VAL 233 ? ? CG2 A VAL 233 ? ? 1.662 1.524 0.138 0.021 N 
# 
_pdbx_validate_rmsd_angle.id                         1 
_pdbx_validate_rmsd_angle.PDB_model_num              1 
_pdbx_validate_rmsd_angle.auth_atom_id_1             CB 
_pdbx_validate_rmsd_angle.auth_asym_id_1             A 
_pdbx_validate_rmsd_angle.auth_comp_id_1             LEU 
_pdbx_validate_rmsd_angle.auth_seq_id_1              273 
_pdbx_validate_rmsd_angle.PDB_ins_code_1             ? 
_pdbx_validate_rmsd_angle.label_alt_id_1             ? 
_pdbx_validate_rmsd_angle.auth_atom_id_2             CG 
_pdbx_validate_rmsd_angle.auth_asym_id_2             A 
_pdbx_validate_rmsd_angle.auth_comp_id_2             LEU 
_pdbx_validate_rmsd_angle.auth_seq_id_2              273 
_pdbx_validate_rmsd_angle.PDB_ins_code_2             ? 
_pdbx_validate_rmsd_angle.label_alt_id_2             ? 
_pdbx_validate_rmsd_angle.auth_atom_id_3             CD1 
_pdbx_validate_rmsd_angle.auth_asym_id_3             A 
_pdbx_validate_rmsd_angle.auth_comp_id_3             LEU 
_pdbx_validate_rmsd_angle.auth_seq_id_3              273 
_pdbx_validate_rmsd_angle.PDB_ins_code_3             ? 
_pdbx_validate_rmsd_angle.label_alt_id_3             ? 
_pdbx_validate_rmsd_angle.angle_value                100.43 
_pdbx_validate_rmsd_angle.angle_target_value         111.00 
_pdbx_validate_rmsd_angle.angle_deviation            -10.57 
_pdbx_validate_rmsd_angle.angle_standard_deviation   1.70 
_pdbx_validate_rmsd_angle.linker_flag                N 
# 
loop_
_pdbx_validate_torsion.id 
_pdbx_validate_torsion.PDB_model_num 
_pdbx_validate_torsion.auth_comp_id 
_pdbx_validate_torsion.auth_asym_id 
_pdbx_validate_torsion.auth_seq_id 
_pdbx_validate_torsion.PDB_ins_code 
_pdbx_validate_torsion.label_alt_id 
_pdbx_validate_torsion.phi 
_pdbx_validate_torsion.psi 
1 1 ALA A 105 ? ? -129.67 -59.40 
2 1 LYS A 151 ? ? -26.38  -62.36 
3 1 HIS A 235 ? ? -96.62  33.05  
4 1 PRO A 266 ? ? -65.59  96.85  
5 1 ALA A 295 ? ? -96.83  49.11  
# 
loop_
_chem_comp_atom.comp_id 
_chem_comp_atom.atom_id 
_chem_comp_atom.type_symbol 
_chem_comp_atom.pdbx_aromatic_flag 
_chem_comp_atom.pdbx_stereo_config 
_chem_comp_atom.pdbx_ordinal 
ACT C    C N N 1   
ACT O    O N N 2   
ACT OXT  O N N 3   
ACT CH3  C N N 4   
ACT H1   H N N 5   
ACT H2   H N N 6   
ACT H3   H N N 7   
ALA N    N N N 8   
ALA CA   C N S 9   
ALA C    C N N 10  
ALA O    O N N 11  
ALA CB   C N N 12  
ALA OXT  O N N 13  
ALA H    H N N 14  
ALA H2   H N N 15  
ALA HA   H N N 16  
ALA HB1  H N N 17  
ALA HB2  H N N 18  
ALA HB3  H N N 19  
ALA HXT  H N N 20  
ARG N    N N N 21  
ARG CA   C N S 22  
ARG C    C N N 23  
ARG O    O N N 24  
ARG CB   C N N 25  
ARG CG   C N N 26  
ARG CD   C N N 27  
ARG NE   N N N 28  
ARG CZ   C N N 29  
ARG NH1  N N N 30  
ARG NH2  N N N 31  
ARG OXT  O N N 32  
ARG H    H N N 33  
ARG H2   H N N 34  
ARG HA   H N N 35  
ARG HB2  H N N 36  
ARG HB3  H N N 37  
ARG HG2  H N N 38  
ARG HG3  H N N 39  
ARG HD2  H N N 40  
ARG HD3  H N N 41  
ARG HE   H N N 42  
ARG HH11 H N N 43  
ARG HH12 H N N 44  
ARG HH21 H N N 45  
ARG HH22 H N N 46  
ARG HXT  H N N 47  
ASN N    N N N 48  
ASN CA   C N S 49  
ASN C    C N N 50  
ASN O    O N N 51  
ASN CB   C N N 52  
ASN CG   C N N 53  
ASN OD1  O N N 54  
ASN ND2  N N N 55  
ASN OXT  O N N 56  
ASN H    H N N 57  
ASN H2   H N N 58  
ASN HA   H N N 59  
ASN HB2  H N N 60  
ASN HB3  H N N 61  
ASN HD21 H N N 62  
ASN HD22 H N N 63  
ASN HXT  H N N 64  
ASP N    N N N 65  
ASP CA   C N S 66  
ASP C    C N N 67  
ASP O    O N N 68  
ASP CB   C N N 69  
ASP CG   C N N 70  
ASP OD1  O N N 71  
ASP OD2  O N N 72  
ASP OXT  O N N 73  
ASP H    H N N 74  
ASP H2   H N N 75  
ASP HA   H N N 76  
ASP HB2  H N N 77  
ASP HB3  H N N 78  
ASP HD2  H N N 79  
ASP HXT  H N N 80  
CYS N    N N N 81  
CYS CA   C N R 82  
CYS C    C N N 83  
CYS O    O N N 84  
CYS CB   C N N 85  
CYS SG   S N N 86  
CYS OXT  O N N 87  
CYS H    H N N 88  
CYS H2   H N N 89  
CYS HA   H N N 90  
CYS HB2  H N N 91  
CYS HB3  H N N 92  
CYS HG   H N N 93  
CYS HXT  H N N 94  
GLN N    N N N 95  
GLN CA   C N S 96  
GLN C    C N N 97  
GLN O    O N N 98  
GLN CB   C N N 99  
GLN CG   C N N 100 
GLN CD   C N N 101 
GLN OE1  O N N 102 
GLN NE2  N N N 103 
GLN OXT  O N N 104 
GLN H    H N N 105 
GLN H2   H N N 106 
GLN HA   H N N 107 
GLN HB2  H N N 108 
GLN HB3  H N N 109 
GLN HG2  H N N 110 
GLN HG3  H N N 111 
GLN HE21 H N N 112 
GLN HE22 H N N 113 
GLN HXT  H N N 114 
GLU N    N N N 115 
GLU CA   C N S 116 
GLU C    C N N 117 
GLU O    O N N 118 
GLU CB   C N N 119 
GLU CG   C N N 120 
GLU CD   C N N 121 
GLU OE1  O N N 122 
GLU OE2  O N N 123 
GLU OXT  O N N 124 
GLU H    H N N 125 
GLU H2   H N N 126 
GLU HA   H N N 127 
GLU HB2  H N N 128 
GLU HB3  H N N 129 
GLU HG2  H N N 130 
GLU HG3  H N N 131 
GLU HE2  H N N 132 
GLU HXT  H N N 133 
GLY N    N N N 134 
GLY CA   C N N 135 
GLY C    C N N 136 
GLY O    O N N 137 
GLY OXT  O N N 138 
GLY H    H N N 139 
GLY H2   H N N 140 
GLY HA2  H N N 141 
GLY HA3  H N N 142 
GLY HXT  H N N 143 
GOL C1   C N N 144 
GOL O1   O N N 145 
GOL C2   C N N 146 
GOL O2   O N N 147 
GOL C3   C N N 148 
GOL O3   O N N 149 
GOL H11  H N N 150 
GOL H12  H N N 151 
GOL HO1  H N N 152 
GOL H2   H N N 153 
GOL HO2  H N N 154 
GOL H31  H N N 155 
GOL H32  H N N 156 
GOL HO3  H N N 157 
HIS N    N N N 158 
HIS CA   C N S 159 
HIS C    C N N 160 
HIS O    O N N 161 
HIS CB   C N N 162 
HIS CG   C Y N 163 
HIS ND1  N Y N 164 
HIS CD2  C Y N 165 
HIS CE1  C Y N 166 
HIS NE2  N Y N 167 
HIS OXT  O N N 168 
HIS H    H N N 169 
HIS H2   H N N 170 
HIS HA   H N N 171 
HIS HB2  H N N 172 
HIS HB3  H N N 173 
HIS HD1  H N N 174 
HIS HD2  H N N 175 
HIS HE1  H N N 176 
HIS HE2  H N N 177 
HIS HXT  H N N 178 
HOH O    O N N 179 
HOH H1   H N N 180 
HOH H2   H N N 181 
ILE N    N N N 182 
ILE CA   C N S 183 
ILE C    C N N 184 
ILE O    O N N 185 
ILE CB   C N S 186 
ILE CG1  C N N 187 
ILE CG2  C N N 188 
ILE CD1  C N N 189 
ILE OXT  O N N 190 
ILE H    H N N 191 
ILE H2   H N N 192 
ILE HA   H N N 193 
ILE HB   H N N 194 
ILE HG12 H N N 195 
ILE HG13 H N N 196 
ILE HG21 H N N 197 
ILE HG22 H N N 198 
ILE HG23 H N N 199 
ILE HD11 H N N 200 
ILE HD12 H N N 201 
ILE HD13 H N N 202 
ILE HXT  H N N 203 
LEU N    N N N 204 
LEU CA   C N S 205 
LEU C    C N N 206 
LEU O    O N N 207 
LEU CB   C N N 208 
LEU CG   C N N 209 
LEU CD1  C N N 210 
LEU CD2  C N N 211 
LEU OXT  O N N 212 
LEU H    H N N 213 
LEU H2   H N N 214 
LEU HA   H N N 215 
LEU HB2  H N N 216 
LEU HB3  H N N 217 
LEU HG   H N N 218 
LEU HD11 H N N 219 
LEU HD12 H N N 220 
LEU HD13 H N N 221 
LEU HD21 H N N 222 
LEU HD22 H N N 223 
LEU HD23 H N N 224 
LEU HXT  H N N 225 
LYS N    N N N 226 
LYS CA   C N S 227 
LYS C    C N N 228 
LYS O    O N N 229 
LYS CB   C N N 230 
LYS CG   C N N 231 
LYS CD   C N N 232 
LYS CE   C N N 233 
LYS NZ   N N N 234 
LYS OXT  O N N 235 
LYS H    H N N 236 
LYS H2   H N N 237 
LYS HA   H N N 238 
LYS HB2  H N N 239 
LYS HB3  H N N 240 
LYS HG2  H N N 241 
LYS HG3  H N N 242 
LYS HD2  H N N 243 
LYS HD3  H N N 244 
LYS HE2  H N N 245 
LYS HE3  H N N 246 
LYS HZ1  H N N 247 
LYS HZ2  H N N 248 
LYS HZ3  H N N 249 
LYS HXT  H N N 250 
MET N    N N N 251 
MET CA   C N S 252 
MET C    C N N 253 
MET O    O N N 254 
MET CB   C N N 255 
MET CG   C N N 256 
MET SD   S N N 257 
MET CE   C N N 258 
MET OXT  O N N 259 
MET H    H N N 260 
MET H2   H N N 261 
MET HA   H N N 262 
MET HB2  H N N 263 
MET HB3  H N N 264 
MET HG2  H N N 265 
MET HG3  H N N 266 
MET HE1  H N N 267 
MET HE2  H N N 268 
MET HE3  H N N 269 
MET HXT  H N N 270 
PHE N    N N N 271 
PHE CA   C N S 272 
PHE C    C N N 273 
PHE O    O N N 274 
PHE CB   C N N 275 
PHE CG   C Y N 276 
PHE CD1  C Y N 277 
PHE CD2  C Y N 278 
PHE CE1  C Y N 279 
PHE CE2  C Y N 280 
PHE CZ   C Y N 281 
PHE OXT  O N N 282 
PHE H    H N N 283 
PHE H2   H N N 284 
PHE HA   H N N 285 
PHE HB2  H N N 286 
PHE HB3  H N N 287 
PHE HD1  H N N 288 
PHE HD2  H N N 289 
PHE HE1  H N N 290 
PHE HE2  H N N 291 
PHE HZ   H N N 292 
PHE HXT  H N N 293 
PRO N    N N N 294 
PRO CA   C N S 295 
PRO C    C N N 296 
PRO O    O N N 297 
PRO CB   C N N 298 
PRO CG   C N N 299 
PRO CD   C N N 300 
PRO OXT  O N N 301 
PRO H    H N N 302 
PRO HA   H N N 303 
PRO HB2  H N N 304 
PRO HB3  H N N 305 
PRO HG2  H N N 306 
PRO HG3  H N N 307 
PRO HD2  H N N 308 
PRO HD3  H N N 309 
PRO HXT  H N N 310 
SER N    N N N 311 
SER CA   C N S 312 
SER C    C N N 313 
SER O    O N N 314 
SER CB   C N N 315 
SER OG   O N N 316 
SER OXT  O N N 317 
SER H    H N N 318 
SER H2   H N N 319 
SER HA   H N N 320 
SER HB2  H N N 321 
SER HB3  H N N 322 
SER HG   H N N 323 
SER HXT  H N N 324 
SO4 S    S N N 325 
SO4 O1   O N N 326 
SO4 O2   O N N 327 
SO4 O3   O N N 328 
SO4 O4   O N N 329 
THR N    N N N 330 
THR CA   C N S 331 
THR C    C N N 332 
THR O    O N N 333 
THR CB   C N R 334 
THR OG1  O N N 335 
THR CG2  C N N 336 
THR OXT  O N N 337 
THR H    H N N 338 
THR H2   H N N 339 
THR HA   H N N 340 
THR HB   H N N 341 
THR HG1  H N N 342 
THR HG21 H N N 343 
THR HG22 H N N 344 
THR HG23 H N N 345 
THR HXT  H N N 346 
TRP N    N N N 347 
TRP CA   C N S 348 
TRP C    C N N 349 
TRP O    O N N 350 
TRP CB   C N N 351 
TRP CG   C Y N 352 
TRP CD1  C Y N 353 
TRP CD2  C Y N 354 
TRP NE1  N Y N 355 
TRP CE2  C Y N 356 
TRP CE3  C Y N 357 
TRP CZ2  C Y N 358 
TRP CZ3  C Y N 359 
TRP CH2  C Y N 360 
TRP OXT  O N N 361 
TRP H    H N N 362 
TRP H2   H N N 363 
TRP HA   H N N 364 
TRP HB2  H N N 365 
TRP HB3  H N N 366 
TRP HD1  H N N 367 
TRP HE1  H N N 368 
TRP HE3  H N N 369 
TRP HZ2  H N N 370 
TRP HZ3  H N N 371 
TRP HH2  H N N 372 
TRP HXT  H N N 373 
TYR N    N N N 374 
TYR CA   C N S 375 
TYR C    C N N 376 
TYR O    O N N 377 
TYR CB   C N N 378 
TYR CG   C Y N 379 
TYR CD1  C Y N 380 
TYR CD2  C Y N 381 
TYR CE1  C Y N 382 
TYR CE2  C Y N 383 
TYR CZ   C Y N 384 
TYR OH   O N N 385 
TYR OXT  O N N 386 
TYR H    H N N 387 
TYR H2   H N N 388 
TYR HA   H N N 389 
TYR HB2  H N N 390 
TYR HB3  H N N 391 
TYR HD1  H N N 392 
TYR HD2  H N N 393 
TYR HE1  H N N 394 
TYR HE2  H N N 395 
TYR HH   H N N 396 
TYR HXT  H N N 397 
VAL N    N N N 398 
VAL CA   C N S 399 
VAL C    C N N 400 
VAL O    O N N 401 
VAL CB   C N N 402 
VAL CG1  C N N 403 
VAL CG2  C N N 404 
VAL OXT  O N N 405 
VAL H    H N N 406 
VAL H2   H N N 407 
VAL HA   H N N 408 
VAL HB   H N N 409 
VAL HG11 H N N 410 
VAL HG12 H N N 411 
VAL HG13 H N N 412 
VAL HG21 H N N 413 
VAL HG22 H N N 414 
VAL HG23 H N N 415 
VAL HXT  H N N 416 
# 
loop_
_chem_comp_bond.comp_id 
_chem_comp_bond.atom_id_1 
_chem_comp_bond.atom_id_2 
_chem_comp_bond.value_order 
_chem_comp_bond.pdbx_aromatic_flag 
_chem_comp_bond.pdbx_stereo_config 
_chem_comp_bond.pdbx_ordinal 
ACT C   O    doub N N 1   
ACT C   OXT  sing N N 2   
ACT C   CH3  sing N N 3   
ACT CH3 H1   sing N N 4   
ACT CH3 H2   sing N N 5   
ACT CH3 H3   sing N N 6   
ALA N   CA   sing N N 7   
ALA N   H    sing N N 8   
ALA N   H2   sing N N 9   
ALA CA  C    sing N N 10  
ALA CA  CB   sing N N 11  
ALA CA  HA   sing N N 12  
ALA C   O    doub N N 13  
ALA C   OXT  sing N N 14  
ALA CB  HB1  sing N N 15  
ALA CB  HB2  sing N N 16  
ALA CB  HB3  sing N N 17  
ALA OXT HXT  sing N N 18  
ARG N   CA   sing N N 19  
ARG N   H    sing N N 20  
ARG N   H2   sing N N 21  
ARG CA  C    sing N N 22  
ARG CA  CB   sing N N 23  
ARG CA  HA   sing N N 24  
ARG C   O    doub N N 25  
ARG C   OXT  sing N N 26  
ARG CB  CG   sing N N 27  
ARG CB  HB2  sing N N 28  
ARG CB  HB3  sing N N 29  
ARG CG  CD   sing N N 30  
ARG CG  HG2  sing N N 31  
ARG CG  HG3  sing N N 32  
ARG CD  NE   sing N N 33  
ARG CD  HD2  sing N N 34  
ARG CD  HD3  sing N N 35  
ARG NE  CZ   sing N N 36  
ARG NE  HE   sing N N 37  
ARG CZ  NH1  sing N N 38  
ARG CZ  NH2  doub N N 39  
ARG NH1 HH11 sing N N 40  
ARG NH1 HH12 sing N N 41  
ARG NH2 HH21 sing N N 42  
ARG NH2 HH22 sing N N 43  
ARG OXT HXT  sing N N 44  
ASN N   CA   sing N N 45  
ASN N   H    sing N N 46  
ASN N   H2   sing N N 47  
ASN CA  C    sing N N 48  
ASN CA  CB   sing N N 49  
ASN CA  HA   sing N N 50  
ASN C   O    doub N N 51  
ASN C   OXT  sing N N 52  
ASN CB  CG   sing N N 53  
ASN CB  HB2  sing N N 54  
ASN CB  HB3  sing N N 55  
ASN CG  OD1  doub N N 56  
ASN CG  ND2  sing N N 57  
ASN ND2 HD21 sing N N 58  
ASN ND2 HD22 sing N N 59  
ASN OXT HXT  sing N N 60  
ASP N   CA   sing N N 61  
ASP N   H    sing N N 62  
ASP N   H2   sing N N 63  
ASP CA  C    sing N N 64  
ASP CA  CB   sing N N 65  
ASP CA  HA   sing N N 66  
ASP C   O    doub N N 67  
ASP C   OXT  sing N N 68  
ASP CB  CG   sing N N 69  
ASP CB  HB2  sing N N 70  
ASP CB  HB3  sing N N 71  
ASP CG  OD1  doub N N 72  
ASP CG  OD2  sing N N 73  
ASP OD2 HD2  sing N N 74  
ASP OXT HXT  sing N N 75  
CYS N   CA   sing N N 76  
CYS N   H    sing N N 77  
CYS N   H2   sing N N 78  
CYS CA  C    sing N N 79  
CYS CA  CB   sing N N 80  
CYS CA  HA   sing N N 81  
CYS C   O    doub N N 82  
CYS C   OXT  sing N N 83  
CYS CB  SG   sing N N 84  
CYS CB  HB2  sing N N 85  
CYS CB  HB3  sing N N 86  
CYS SG  HG   sing N N 87  
CYS OXT HXT  sing N N 88  
GLN N   CA   sing N N 89  
GLN N   H    sing N N 90  
GLN N   H2   sing N N 91  
GLN CA  C    sing N N 92  
GLN CA  CB   sing N N 93  
GLN CA  HA   sing N N 94  
GLN C   O    doub N N 95  
GLN C   OXT  sing N N 96  
GLN CB  CG   sing N N 97  
GLN CB  HB2  sing N N 98  
GLN CB  HB3  sing N N 99  
GLN CG  CD   sing N N 100 
GLN CG  HG2  sing N N 101 
GLN CG  HG3  sing N N 102 
GLN CD  OE1  doub N N 103 
GLN CD  NE2  sing N N 104 
GLN NE2 HE21 sing N N 105 
GLN NE2 HE22 sing N N 106 
GLN OXT HXT  sing N N 107 
GLU N   CA   sing N N 108 
GLU N   H    sing N N 109 
GLU N   H2   sing N N 110 
GLU CA  C    sing N N 111 
GLU CA  CB   sing N N 112 
GLU CA  HA   sing N N 113 
GLU C   O    doub N N 114 
GLU C   OXT  sing N N 115 
GLU CB  CG   sing N N 116 
GLU CB  HB2  sing N N 117 
GLU CB  HB3  sing N N 118 
GLU CG  CD   sing N N 119 
GLU CG  HG2  sing N N 120 
GLU CG  HG3  sing N N 121 
GLU CD  OE1  doub N N 122 
GLU CD  OE2  sing N N 123 
GLU OE2 HE2  sing N N 124 
GLU OXT HXT  sing N N 125 
GLY N   CA   sing N N 126 
GLY N   H    sing N N 127 
GLY N   H2   sing N N 128 
GLY CA  C    sing N N 129 
GLY CA  HA2  sing N N 130 
GLY CA  HA3  sing N N 131 
GLY C   O    doub N N 132 
GLY C   OXT  sing N N 133 
GLY OXT HXT  sing N N 134 
GOL C1  O1   sing N N 135 
GOL C1  C2   sing N N 136 
GOL C1  H11  sing N N 137 
GOL C1  H12  sing N N 138 
GOL O1  HO1  sing N N 139 
GOL C2  O2   sing N N 140 
GOL C2  C3   sing N N 141 
GOL C2  H2   sing N N 142 
GOL O2  HO2  sing N N 143 
GOL C3  O3   sing N N 144 
GOL C3  H31  sing N N 145 
GOL C3  H32  sing N N 146 
GOL O3  HO3  sing N N 147 
HIS N   CA   sing N N 148 
HIS N   H    sing N N 149 
HIS N   H2   sing N N 150 
HIS CA  C    sing N N 151 
HIS CA  CB   sing N N 152 
HIS CA  HA   sing N N 153 
HIS C   O    doub N N 154 
HIS C   OXT  sing N N 155 
HIS CB  CG   sing N N 156 
HIS CB  HB2  sing N N 157 
HIS CB  HB3  sing N N 158 
HIS CG  ND1  sing Y N 159 
HIS CG  CD2  doub Y N 160 
HIS ND1 CE1  doub Y N 161 
HIS ND1 HD1  sing N N 162 
HIS CD2 NE2  sing Y N 163 
HIS CD2 HD2  sing N N 164 
HIS CE1 NE2  sing Y N 165 
HIS CE1 HE1  sing N N 166 
HIS NE2 HE2  sing N N 167 
HIS OXT HXT  sing N N 168 
HOH O   H1   sing N N 169 
HOH O   H2   sing N N 170 
ILE N   CA   sing N N 171 
ILE N   H    sing N N 172 
ILE N   H2   sing N N 173 
ILE CA  C    sing N N 174 
ILE CA  CB   sing N N 175 
ILE CA  HA   sing N N 176 
ILE C   O    doub N N 177 
ILE C   OXT  sing N N 178 
ILE CB  CG1  sing N N 179 
ILE CB  CG2  sing N N 180 
ILE CB  HB   sing N N 181 
ILE CG1 CD1  sing N N 182 
ILE CG1 HG12 sing N N 183 
ILE CG1 HG13 sing N N 184 
ILE CG2 HG21 sing N N 185 
ILE CG2 HG22 sing N N 186 
ILE CG2 HG23 sing N N 187 
ILE CD1 HD11 sing N N 188 
ILE CD1 HD12 sing N N 189 
ILE CD1 HD13 sing N N 190 
ILE OXT HXT  sing N N 191 
LEU N   CA   sing N N 192 
LEU N   H    sing N N 193 
LEU N   H2   sing N N 194 
LEU CA  C    sing N N 195 
LEU CA  CB   sing N N 196 
LEU CA  HA   sing N N 197 
LEU C   O    doub N N 198 
LEU C   OXT  sing N N 199 
LEU CB  CG   sing N N 200 
LEU CB  HB2  sing N N 201 
LEU CB  HB3  sing N N 202 
LEU CG  CD1  sing N N 203 
LEU CG  CD2  sing N N 204 
LEU CG  HG   sing N N 205 
LEU CD1 HD11 sing N N 206 
LEU CD1 HD12 sing N N 207 
LEU CD1 HD13 sing N N 208 
LEU CD2 HD21 sing N N 209 
LEU CD2 HD22 sing N N 210 
LEU CD2 HD23 sing N N 211 
LEU OXT HXT  sing N N 212 
LYS N   CA   sing N N 213 
LYS N   H    sing N N 214 
LYS N   H2   sing N N 215 
LYS CA  C    sing N N 216 
LYS CA  CB   sing N N 217 
LYS CA  HA   sing N N 218 
LYS C   O    doub N N 219 
LYS C   OXT  sing N N 220 
LYS CB  CG   sing N N 221 
LYS CB  HB2  sing N N 222 
LYS CB  HB3  sing N N 223 
LYS CG  CD   sing N N 224 
LYS CG  HG2  sing N N 225 
LYS CG  HG3  sing N N 226 
LYS CD  CE   sing N N 227 
LYS CD  HD2  sing N N 228 
LYS CD  HD3  sing N N 229 
LYS CE  NZ   sing N N 230 
LYS CE  HE2  sing N N 231 
LYS CE  HE3  sing N N 232 
LYS NZ  HZ1  sing N N 233 
LYS NZ  HZ2  sing N N 234 
LYS NZ  HZ3  sing N N 235 
LYS OXT HXT  sing N N 236 
MET N   CA   sing N N 237 
MET N   H    sing N N 238 
MET N   H2   sing N N 239 
MET CA  C    sing N N 240 
MET CA  CB   sing N N 241 
MET CA  HA   sing N N 242 
MET C   O    doub N N 243 
MET C   OXT  sing N N 244 
MET CB  CG   sing N N 245 
MET CB  HB2  sing N N 246 
MET CB  HB3  sing N N 247 
MET CG  SD   sing N N 248 
MET CG  HG2  sing N N 249 
MET CG  HG3  sing N N 250 
MET SD  CE   sing N N 251 
MET CE  HE1  sing N N 252 
MET CE  HE2  sing N N 253 
MET CE  HE3  sing N N 254 
MET OXT HXT  sing N N 255 
PHE N   CA   sing N N 256 
PHE N   H    sing N N 257 
PHE N   H2   sing N N 258 
PHE CA  C    sing N N 259 
PHE CA  CB   sing N N 260 
PHE CA  HA   sing N N 261 
PHE C   O    doub N N 262 
PHE C   OXT  sing N N 263 
PHE CB  CG   sing N N 264 
PHE CB  HB2  sing N N 265 
PHE CB  HB3  sing N N 266 
PHE CG  CD1  doub Y N 267 
PHE CG  CD2  sing Y N 268 
PHE CD1 CE1  sing Y N 269 
PHE CD1 HD1  sing N N 270 
PHE CD2 CE2  doub Y N 271 
PHE CD2 HD2  sing N N 272 
PHE CE1 CZ   doub Y N 273 
PHE CE1 HE1  sing N N 274 
PHE CE2 CZ   sing Y N 275 
PHE CE2 HE2  sing N N 276 
PHE CZ  HZ   sing N N 277 
PHE OXT HXT  sing N N 278 
PRO N   CA   sing N N 279 
PRO N   CD   sing N N 280 
PRO N   H    sing N N 281 
PRO CA  C    sing N N 282 
PRO CA  CB   sing N N 283 
PRO CA  HA   sing N N 284 
PRO C   O    doub N N 285 
PRO C   OXT  sing N N 286 
PRO CB  CG   sing N N 287 
PRO CB  HB2  sing N N 288 
PRO CB  HB3  sing N N 289 
PRO CG  CD   sing N N 290 
PRO CG  HG2  sing N N 291 
PRO CG  HG3  sing N N 292 
PRO CD  HD2  sing N N 293 
PRO CD  HD3  sing N N 294 
PRO OXT HXT  sing N N 295 
SER N   CA   sing N N 296 
SER N   H    sing N N 297 
SER N   H2   sing N N 298 
SER CA  C    sing N N 299 
SER CA  CB   sing N N 300 
SER CA  HA   sing N N 301 
SER C   O    doub N N 302 
SER C   OXT  sing N N 303 
SER CB  OG   sing N N 304 
SER CB  HB2  sing N N 305 
SER CB  HB3  sing N N 306 
SER OG  HG   sing N N 307 
SER OXT HXT  sing N N 308 
SO4 S   O1   doub N N 309 
SO4 S   O2   doub N N 310 
SO4 S   O3   sing N N 311 
SO4 S   O4   sing N N 312 
THR N   CA   sing N N 313 
THR N   H    sing N N 314 
THR N   H2   sing N N 315 
THR CA  C    sing N N 316 
THR CA  CB   sing N N 317 
THR CA  HA   sing N N 318 
THR C   O    doub N N 319 
THR C   OXT  sing N N 320 
THR CB  OG1  sing N N 321 
THR CB  CG2  sing N N 322 
THR CB  HB   sing N N 323 
THR OG1 HG1  sing N N 324 
THR CG2 HG21 sing N N 325 
THR CG2 HG22 sing N N 326 
THR CG2 HG23 sing N N 327 
THR OXT HXT  sing N N 328 
TRP N   CA   sing N N 329 
TRP N   H    sing N N 330 
TRP N   H2   sing N N 331 
TRP CA  C    sing N N 332 
TRP CA  CB   sing N N 333 
TRP CA  HA   sing N N 334 
TRP C   O    doub N N 335 
TRP C   OXT  sing N N 336 
TRP CB  CG   sing N N 337 
TRP CB  HB2  sing N N 338 
TRP CB  HB3  sing N N 339 
TRP CG  CD1  doub Y N 340 
TRP CG  CD2  sing Y N 341 
TRP CD1 NE1  sing Y N 342 
TRP CD1 HD1  sing N N 343 
TRP CD2 CE2  doub Y N 344 
TRP CD2 CE3  sing Y N 345 
TRP NE1 CE2  sing Y N 346 
TRP NE1 HE1  sing N N 347 
TRP CE2 CZ2  sing Y N 348 
TRP CE3 CZ3  doub Y N 349 
TRP CE3 HE3  sing N N 350 
TRP CZ2 CH2  doub Y N 351 
TRP CZ2 HZ2  sing N N 352 
TRP CZ3 CH2  sing Y N 353 
TRP CZ3 HZ3  sing N N 354 
TRP CH2 HH2  sing N N 355 
TRP OXT HXT  sing N N 356 
TYR N   CA   sing N N 357 
TYR N   H    sing N N 358 
TYR N   H2   sing N N 359 
TYR CA  C    sing N N 360 
TYR CA  CB   sing N N 361 
TYR CA  HA   sing N N 362 
TYR C   O    doub N N 363 
TYR C   OXT  sing N N 364 
TYR CB  CG   sing N N 365 
TYR CB  HB2  sing N N 366 
TYR CB  HB3  sing N N 367 
TYR CG  CD1  doub Y N 368 
TYR CG  CD2  sing Y N 369 
TYR CD1 CE1  sing Y N 370 
TYR CD1 HD1  sing N N 371 
TYR CD2 CE2  doub Y N 372 
TYR CD2 HD2  sing N N 373 
TYR CE1 CZ   doub Y N 374 
TYR CE1 HE1  sing N N 375 
TYR CE2 CZ   sing Y N 376 
TYR CE2 HE2  sing N N 377 
TYR CZ  OH   sing N N 378 
TYR OH  HH   sing N N 379 
TYR OXT HXT  sing N N 380 
VAL N   CA   sing N N 381 
VAL N   H    sing N N 382 
VAL N   H2   sing N N 383 
VAL CA  C    sing N N 384 
VAL CA  CB   sing N N 385 
VAL CA  HA   sing N N 386 
VAL C   O    doub N N 387 
VAL C   OXT  sing N N 388 
VAL CB  CG1  sing N N 389 
VAL CB  CG2  sing N N 390 
VAL CB  HB   sing N N 391 
VAL CG1 HG11 sing N N 392 
VAL CG1 HG12 sing N N 393 
VAL CG1 HG13 sing N N 394 
VAL CG2 HG21 sing N N 395 
VAL CG2 HG22 sing N N 396 
VAL CG2 HG23 sing N N 397 
VAL OXT HXT  sing N N 398 
# 
loop_
_pdbx_entity_nonpoly.entity_id 
_pdbx_entity_nonpoly.name 
_pdbx_entity_nonpoly.comp_id 
2 'SULFATE ION' SO4 
3 GLYCEROL      GOL 
4 'ACETATE ION' ACT 
5 water         HOH 
# 
_pdbx_initial_refinement_model.id               1 
_pdbx_initial_refinement_model.entity_id_list   ? 
_pdbx_initial_refinement_model.type             'experimental model' 
_pdbx_initial_refinement_model.source_name      PDB 
_pdbx_initial_refinement_model.accession_code   3FXQ 
_pdbx_initial_refinement_model.details          'PDB entry 3FXQ' 
# 
